data_1WYQ
#
_entry.id   1WYQ
#
_entity_poly.entity_id   1
_entity_poly.type   'polypeptide(L)'
_entity_poly.pdbx_seq_one_letter_code
;GSSGSSGAKDALLLWCQMKTAGYPNVNVHNFTTSWRDGLAFNAIVHKHRPDLLDFESLKKCNAHYNLQNAFNLAEKELGL
TKLLDPEDVNVDQPDEKSIITYVATYYHYFSKMKALAVEGKSGPSSG
;
_entity_poly.pdbx_strand_id   A
#
# COMPACT_ATOMS: atom_id res chain seq x y z
N GLY A 1 27.03 5.77 7.84
CA GLY A 1 26.92 5.64 9.28
C GLY A 1 25.57 5.09 9.71
N SER A 2 25.47 3.78 9.82
CA SER A 2 24.22 3.13 10.22
C SER A 2 24.42 1.63 10.43
N SER A 3 23.96 1.13 11.56
CA SER A 3 24.10 -0.28 11.89
C SER A 3 22.78 -0.85 12.40
N GLY A 4 22.64 -2.17 12.30
CA GLY A 4 21.42 -2.82 12.75
C GLY A 4 20.19 -2.32 12.01
N SER A 5 19.03 -2.43 12.66
CA SER A 5 17.78 -1.99 12.05
C SER A 5 16.96 -1.16 13.03
N SER A 6 16.94 0.15 12.81
CA SER A 6 16.20 1.06 13.68
C SER A 6 15.13 1.82 12.89
N GLY A 7 14.12 2.30 13.59
CA GLY A 7 13.04 3.04 12.94
C GLY A 7 11.67 2.66 13.48
N ALA A 8 10.71 3.55 13.28
CA ALA A 8 9.34 3.31 13.74
C ALA A 8 8.48 2.74 12.62
N LYS A 9 8.62 3.30 11.43
CA LYS A 9 7.86 2.86 10.27
C LYS A 9 8.54 1.68 9.58
N ASP A 10 8.99 0.72 10.38
CA ASP A 10 9.66 -0.47 9.85
C ASP A 10 8.67 -1.62 9.65
N ALA A 11 7.93 -1.94 10.71
CA ALA A 11 6.95 -3.02 10.66
C ALA A 11 6.15 -2.96 9.37
N LEU A 12 5.69 -1.76 9.02
CA LEU A 12 4.90 -1.57 7.80
C LEU A 12 5.79 -1.66 6.56
N LEU A 13 6.85 -0.86 6.54
CA LEU A 13 7.77 -0.85 5.41
C LEU A 13 8.12 -2.28 4.98
N LEU A 14 8.39 -3.13 5.96
CA LEU A 14 8.74 -4.52 5.69
C LEU A 14 7.56 -5.27 5.08
N TRP A 15 6.36 -4.97 5.59
CA TRP A 15 5.15 -5.62 5.09
C TRP A 15 5.00 -5.43 3.59
N CYS A 16 5.04 -4.18 3.15
CA CYS A 16 4.90 -3.85 1.73
C CYS A 16 6.06 -4.44 0.94
N GLN A 17 7.24 -4.46 1.54
CA GLN A 17 8.43 -5.00 0.89
C GLN A 17 8.27 -6.49 0.61
N MET A 18 7.76 -7.22 1.59
CA MET A 18 7.57 -8.66 1.45
C MET A 18 6.58 -8.97 0.33
N LYS A 19 5.44 -8.28 0.35
CA LYS A 19 4.41 -8.48 -0.66
C LYS A 19 4.91 -8.03 -2.04
N THR A 20 5.32 -6.77 -2.13
CA THR A 20 5.82 -6.23 -3.39
C THR A 20 6.96 -7.07 -3.94
N ALA A 21 7.72 -7.69 -3.05
CA ALA A 21 8.84 -8.53 -3.45
C ALA A 21 8.47 -9.42 -4.64
N GLY A 22 7.25 -9.97 -4.59
CA GLY A 22 6.79 -10.83 -5.68
C GLY A 22 7.18 -10.29 -7.04
N TYR A 23 7.00 -8.99 -7.23
CA TYR A 23 7.32 -8.35 -8.51
C TYR A 23 8.69 -7.67 -8.45
N PRO A 24 9.46 -7.80 -9.53
CA PRO A 24 10.80 -7.21 -9.63
C PRO A 24 10.75 -5.69 -9.74
N ASN A 25 9.90 -5.19 -10.63
CA ASN A 25 9.76 -3.75 -10.83
C ASN A 25 9.32 -3.07 -9.53
N VAL A 26 8.35 -3.66 -8.86
CA VAL A 26 7.84 -3.11 -7.61
C VAL A 26 8.87 -3.24 -6.49
N ASN A 27 9.23 -2.12 -5.89
CA ASN A 27 10.21 -2.11 -4.81
C ASN A 27 9.88 -1.02 -3.78
N VAL A 28 9.67 -1.43 -2.54
CA VAL A 28 9.35 -0.49 -1.47
C VAL A 28 10.56 -0.26 -0.57
N HIS A 29 11.39 0.71 -0.93
CA HIS A 29 12.58 1.03 -0.15
C HIS A 29 12.30 2.17 0.83
N ASN A 30 11.51 3.14 0.38
CA ASN A 30 11.17 4.30 1.20
C ASN A 30 9.67 4.58 1.15
N PHE A 31 9.26 5.66 1.80
CA PHE A 31 7.85 6.04 1.83
C PHE A 31 7.63 7.35 1.09
N THR A 32 8.50 7.64 0.13
CA THR A 32 8.40 8.87 -0.64
C THR A 32 8.55 8.60 -2.14
N THR A 33 9.76 8.21 -2.54
CA THR A 33 10.04 7.91 -3.94
C THR A 33 9.74 6.45 -4.26
N SER A 34 8.73 5.90 -3.60
CA SER A 34 8.35 4.51 -3.81
C SER A 34 6.89 4.41 -4.23
N TRP A 35 6.09 5.40 -3.84
CA TRP A 35 4.68 5.42 -4.18
C TRP A 35 4.36 6.58 -5.13
N ARG A 36 5.39 7.31 -5.53
CA ARG A 36 5.22 8.43 -6.43
C ARG A 36 4.68 7.98 -7.78
N ASP A 37 5.20 6.86 -8.27
CA ASP A 37 4.75 6.31 -9.55
C ASP A 37 3.33 5.79 -9.46
N GLY A 38 3.12 4.79 -8.60
CA GLY A 38 1.81 4.21 -8.43
C GLY A 38 1.84 2.71 -8.34
N LEU A 39 2.61 2.08 -9.23
CA LEU A 39 2.73 0.62 -9.25
C LEU A 39 2.66 0.05 -7.84
N ALA A 40 3.52 0.56 -6.96
CA ALA A 40 3.56 0.10 -5.58
C ALA A 40 2.18 -0.25 -5.07
N PHE A 41 1.26 0.72 -5.14
CA PHE A 41 -0.11 0.50 -4.68
C PHE A 41 -0.81 -0.53 -5.55
N ASN A 42 -0.54 -0.51 -6.85
CA ASN A 42 -1.15 -1.45 -7.77
C ASN A 42 -0.51 -2.83 -7.65
N ALA A 43 0.46 -2.94 -6.75
CA ALA A 43 1.15 -4.20 -6.52
C ALA A 43 0.60 -4.92 -5.29
N ILE A 44 0.21 -4.15 -4.28
CA ILE A 44 -0.33 -4.71 -3.06
C ILE A 44 -1.68 -5.37 -3.31
N VAL A 45 -2.56 -4.66 -4.00
CA VAL A 45 -3.89 -5.17 -4.32
C VAL A 45 -3.80 -6.41 -5.21
N HIS A 46 -3.31 -6.21 -6.44
CA HIS A 46 -3.17 -7.30 -7.39
C HIS A 46 -2.79 -8.59 -6.68
N LYS A 47 -1.95 -8.47 -5.66
CA LYS A 47 -1.50 -9.64 -4.89
C LYS A 47 -2.68 -10.34 -4.23
N HIS A 48 -3.55 -9.54 -3.60
CA HIS A 48 -4.72 -10.10 -2.91
C HIS A 48 -5.82 -10.42 -3.92
N ARG A 49 -6.06 -9.50 -4.85
CA ARG A 49 -7.09 -9.69 -5.86
C ARG A 49 -6.55 -9.37 -7.26
N PRO A 50 -5.98 -10.39 -7.91
CA PRO A 50 -5.42 -10.24 -9.26
C PRO A 50 -6.50 -10.02 -10.32
N ASP A 51 -7.74 -9.94 -9.88
CA ASP A 51 -8.86 -9.74 -10.78
C ASP A 51 -9.14 -8.26 -10.97
N LEU A 52 -9.18 -7.52 -9.87
CA LEU A 52 -9.44 -6.09 -9.91
C LEU A 52 -8.70 -5.43 -11.07
N LEU A 53 -7.36 -5.47 -11.01
CA LEU A 53 -6.54 -4.88 -12.05
C LEU A 53 -5.60 -5.92 -12.66
N ASP A 54 -5.03 -5.60 -13.81
CA ASP A 54 -4.11 -6.51 -14.49
C ASP A 54 -2.70 -5.91 -14.55
N PHE A 55 -1.93 -6.11 -13.50
CA PHE A 55 -0.57 -5.59 -13.43
C PHE A 55 0.15 -5.78 -14.77
N GLU A 56 -0.05 -6.94 -15.38
CA GLU A 56 0.58 -7.25 -16.66
C GLU A 56 0.23 -6.20 -17.70
N SER A 57 -1.02 -5.74 -17.68
CA SER A 57 -1.49 -4.73 -18.62
C SER A 57 -0.94 -3.36 -18.26
N LEU A 58 -0.85 -3.08 -16.97
CA LEU A 58 -0.34 -1.80 -16.50
C LEU A 58 1.07 -1.54 -17.03
N LYS A 59 1.45 -0.27 -17.08
CA LYS A 59 2.76 0.12 -17.57
C LYS A 59 3.53 0.91 -16.51
N LYS A 60 4.86 0.82 -16.56
CA LYS A 60 5.70 1.52 -15.60
C LYS A 60 6.08 2.91 -16.12
N CYS A 61 5.12 3.56 -16.78
CA CYS A 61 5.35 4.89 -17.33
C CYS A 61 4.33 5.89 -16.77
N ASN A 62 3.05 5.61 -17.00
CA ASN A 62 1.98 6.49 -16.53
C ASN A 62 1.78 6.32 -15.03
N ALA A 63 1.74 7.44 -14.31
CA ALA A 63 1.55 7.42 -12.87
C ALA A 63 0.18 8.00 -12.49
N HIS A 64 -0.07 9.23 -12.92
CA HIS A 64 -1.34 9.89 -12.64
C HIS A 64 -2.50 8.90 -12.66
N TYR A 65 -2.48 8.00 -13.65
CA TYR A 65 -3.53 7.00 -13.78
C TYR A 65 -3.31 5.85 -12.80
N ASN A 66 -2.15 5.21 -12.90
CA ASN A 66 -1.82 4.09 -12.03
C ASN A 66 -2.15 4.42 -10.58
N LEU A 67 -2.11 5.70 -10.24
CA LEU A 67 -2.40 6.14 -8.89
C LEU A 67 -3.90 6.19 -8.64
N GLN A 68 -4.60 7.00 -9.42
CA GLN A 68 -6.05 7.14 -9.29
C GLN A 68 -6.72 5.77 -9.33
N ASN A 69 -6.27 4.92 -10.25
CA ASN A 69 -6.83 3.59 -10.41
C ASN A 69 -6.72 2.80 -9.10
N ALA A 70 -5.52 2.78 -8.52
CA ALA A 70 -5.29 2.07 -7.28
C ALA A 70 -6.14 2.65 -6.15
N PHE A 71 -6.09 3.97 -5.99
CA PHE A 71 -6.84 4.64 -4.95
C PHE A 71 -8.34 4.39 -5.11
N ASN A 72 -8.80 4.40 -6.36
CA ASN A 72 -10.22 4.17 -6.65
C ASN A 72 -10.59 2.72 -6.40
N LEU A 73 -9.97 1.81 -7.15
CA LEU A 73 -10.24 0.39 -7.01
C LEU A 73 -10.41 0.01 -5.54
N ALA A 74 -9.49 0.47 -4.71
CA ALA A 74 -9.54 0.18 -3.28
C ALA A 74 -10.65 0.98 -2.59
N GLU A 75 -10.76 2.26 -2.96
CA GLU A 75 -11.79 3.12 -2.37
C GLU A 75 -13.18 2.62 -2.73
N LYS A 76 -13.25 1.67 -3.66
CA LYS A 76 -14.53 1.11 -4.09
C LYS A 76 -14.67 -0.33 -3.63
N GLU A 77 -13.78 -1.19 -4.09
CA GLU A 77 -13.81 -2.60 -3.73
C GLU A 77 -13.62 -2.78 -2.23
N LEU A 78 -12.41 -2.52 -1.76
CA LEU A 78 -12.09 -2.65 -0.33
C LEU A 78 -13.01 -1.76 0.51
N GLY A 79 -13.17 -0.51 0.08
CA GLY A 79 -14.02 0.41 0.79
C GLY A 79 -13.23 1.33 1.72
N LEU A 80 -12.06 1.76 1.26
CA LEU A 80 -11.20 2.63 2.05
C LEU A 80 -11.41 4.10 1.65
N THR A 81 -11.25 4.99 2.62
CA THR A 81 -11.42 6.42 2.37
C THR A 81 -10.16 7.02 1.75
N LYS A 82 -10.31 7.59 0.56
CA LYS A 82 -9.19 8.21 -0.15
C LYS A 82 -8.64 9.38 0.65
N LEU A 83 -7.51 9.16 1.32
CA LEU A 83 -6.87 10.19 2.11
C LEU A 83 -5.91 11.03 1.25
N LEU A 84 -5.37 10.42 0.21
CA LEU A 84 -4.45 11.09 -0.69
C LEU A 84 -4.99 11.13 -2.11
N ASP A 85 -4.26 11.79 -3.00
CA ASP A 85 -4.67 11.89 -4.39
C ASP A 85 -3.54 11.47 -5.33
N PRO A 86 -3.90 11.07 -6.55
CA PRO A 86 -2.94 10.63 -7.56
C PRO A 86 -2.09 11.78 -8.09
N GLU A 87 -2.39 12.99 -7.64
CA GLU A 87 -1.66 14.17 -8.06
C GLU A 87 -0.84 14.75 -6.91
N ASP A 88 -1.40 14.67 -5.70
CA ASP A 88 -0.73 15.19 -4.52
C ASP A 88 0.51 14.36 -4.19
N VAL A 89 0.35 13.04 -4.18
CA VAL A 89 1.46 12.14 -3.90
C VAL A 89 2.52 12.20 -4.99
N ASN A 90 2.07 12.10 -6.24
CA ASN A 90 2.99 12.14 -7.38
C ASN A 90 3.85 13.39 -7.34
N VAL A 91 5.06 13.25 -6.78
CA VAL A 91 5.98 14.37 -6.68
C VAL A 91 7.41 13.88 -6.44
N ASP A 92 8.38 14.77 -6.67
CA ASP A 92 9.78 14.43 -6.47
C ASP A 92 10.03 13.93 -5.06
N GLN A 93 9.58 14.70 -4.07
CA GLN A 93 9.76 14.33 -2.67
C GLN A 93 8.47 14.54 -1.88
N PRO A 94 7.54 13.59 -1.99
CA PRO A 94 6.25 13.65 -1.29
C PRO A 94 6.39 13.48 0.22
N ASP A 95 5.31 13.75 0.94
CA ASP A 95 5.33 13.62 2.39
C ASP A 95 5.12 12.17 2.82
N GLU A 96 6.20 11.53 3.23
CA GLU A 96 6.15 10.13 3.66
C GLU A 96 5.12 9.95 4.77
N LYS A 97 4.97 10.98 5.60
CA LYS A 97 4.03 10.94 6.71
C LYS A 97 2.59 10.97 6.21
N SER A 98 2.39 11.55 5.03
CA SER A 98 1.06 11.65 4.43
C SER A 98 0.72 10.37 3.66
N ILE A 99 1.73 9.55 3.41
CA ILE A 99 1.54 8.30 2.69
C ILE A 99 1.45 7.11 3.64
N ILE A 100 2.48 6.97 4.48
CA ILE A 100 2.52 5.87 5.44
C ILE A 100 1.16 5.67 6.11
N THR A 101 0.43 6.77 6.27
CA THR A 101 -0.89 6.70 6.88
C THR A 101 -1.89 5.96 6.00
N TYR A 102 -1.84 6.24 4.71
CA TYR A 102 -2.74 5.59 3.76
C TYR A 102 -2.42 4.11 3.63
N VAL A 103 -1.20 3.80 3.19
CA VAL A 103 -0.77 2.42 3.03
C VAL A 103 -1.01 1.61 4.29
N ALA A 104 -1.01 2.30 5.43
CA ALA A 104 -1.23 1.65 6.72
C ALA A 104 -2.60 0.97 6.76
N THR A 105 -3.56 1.52 6.01
CA THR A 105 -4.90 0.97 5.97
C THR A 105 -4.91 -0.40 5.30
N TYR A 106 -4.13 -0.54 4.22
CA TYR A 106 -4.07 -1.80 3.49
C TYR A 106 -3.66 -2.95 4.41
N TYR A 107 -2.75 -2.67 5.33
CA TYR A 107 -2.28 -3.67 6.28
C TYR A 107 -3.34 -3.99 7.32
N HIS A 108 -3.80 -2.96 8.01
CA HIS A 108 -4.83 -3.13 9.04
C HIS A 108 -6.06 -3.82 8.46
N TYR A 109 -6.61 -3.25 7.39
CA TYR A 109 -7.79 -3.80 6.75
C TYR A 109 -7.61 -5.29 6.47
N PHE A 110 -6.79 -5.61 5.48
CA PHE A 110 -6.52 -7.00 5.11
C PHE A 110 -6.25 -7.84 6.36
N SER A 111 -5.50 -7.28 7.30
CA SER A 111 -5.16 -7.99 8.53
C SER A 111 -6.42 -8.42 9.26
N LYS A 112 -7.36 -7.49 9.42
CA LYS A 112 -8.61 -7.78 10.10
C LYS A 112 -9.14 -9.16 9.73
N MET A 113 -9.13 -9.46 8.44
CA MET A 113 -9.60 -10.75 7.96
C MET A 113 -8.93 -11.90 8.71
N LYS A 114 -9.29 -13.13 8.36
CA LYS A 114 -8.73 -14.31 9.01
C LYS A 114 -7.21 -14.27 8.96
N ALA A 115 -6.59 -13.88 10.07
CA ALA A 115 -5.13 -13.80 10.14
C ALA A 115 -4.68 -13.63 11.59
N LEU A 116 -3.40 -13.94 11.84
CA LEU A 116 -2.84 -13.81 13.19
C LEU A 116 -3.23 -12.48 13.82
N ALA A 117 -3.55 -12.52 15.11
CA ALA A 117 -3.94 -11.32 15.84
C ALA A 117 -3.93 -11.57 17.34
N VAL A 118 -3.59 -10.54 18.11
CA VAL A 118 -3.54 -10.63 19.56
C VAL A 118 -4.07 -9.37 20.22
N GLU A 119 -5.16 -9.50 20.96
CA GLU A 119 -5.75 -8.36 21.64
C GLU A 119 -6.12 -7.26 20.65
N GLY A 120 -6.81 -7.64 19.58
CA GLY A 120 -7.19 -6.67 18.57
C GLY A 120 -8.67 -6.32 18.65
N LYS A 121 -9.27 -6.08 17.49
CA LYS A 121 -10.69 -5.74 17.42
C LYS A 121 -11.54 -6.98 17.16
N SER A 122 -12.80 -6.93 17.59
CA SER A 122 -13.72 -8.05 17.41
C SER A 122 -14.42 -7.96 16.06
N GLY A 123 -13.92 -7.08 15.19
CA GLY A 123 -14.52 -6.92 13.88
C GLY A 123 -16.03 -6.81 13.93
N PRO A 124 -16.54 -5.58 14.08
CA PRO A 124 -17.98 -5.33 14.14
C PRO A 124 -18.67 -5.57 12.80
N SER A 125 -20.00 -5.61 12.84
CA SER A 125 -20.79 -5.83 11.62
C SER A 125 -22.08 -5.01 11.66
N SER A 126 -22.71 -4.88 10.49
CA SER A 126 -23.94 -4.11 10.37
C SER A 126 -24.53 -4.25 8.97
N GLY A 127 -25.80 -4.67 8.92
CA GLY A 127 -26.47 -4.84 7.64
C GLY A 127 -27.52 -5.92 7.67
N GLY A 1 -6.90 4.02 14.47
CA GLY A 1 -5.51 3.77 14.11
C GLY A 1 -4.92 2.61 14.89
N SER A 2 -3.83 2.88 15.61
CA SER A 2 -3.17 1.85 16.40
C SER A 2 -3.84 1.67 17.75
N SER A 3 -4.00 0.42 18.18
CA SER A 3 -4.64 0.12 19.45
C SER A 3 -3.59 -0.22 20.51
N GLY A 4 -2.64 -1.06 20.15
CA GLY A 4 -1.59 -1.45 21.09
C GLY A 4 -0.71 -0.28 21.48
N SER A 5 0.17 0.13 20.57
CA SER A 5 1.09 1.24 20.84
C SER A 5 1.47 1.94 19.54
N SER A 6 2.08 3.11 19.66
CA SER A 6 2.49 3.89 18.50
C SER A 6 3.28 3.03 17.52
N GLY A 7 2.61 2.59 16.45
CA GLY A 7 3.25 1.76 15.46
C GLY A 7 4.23 2.54 14.60
N ALA A 8 5.47 2.07 14.55
CA ALA A 8 6.51 2.73 13.76
C ALA A 8 6.28 2.51 12.26
N LYS A 9 7.06 3.21 11.44
CA LYS A 9 6.95 3.09 10.00
C LYS A 9 7.80 1.94 9.48
N ASP A 10 8.87 1.63 10.20
CA ASP A 10 9.78 0.55 9.82
C ASP A 10 9.00 -0.75 9.61
N ALA A 11 8.35 -1.23 10.68
CA ALA A 11 7.58 -2.45 10.62
C ALA A 11 6.76 -2.52 9.33
N LEU A 12 6.04 -1.45 9.04
CA LEU A 12 5.21 -1.38 7.84
C LEU A 12 6.06 -1.50 6.58
N LEU A 13 7.19 -0.81 6.57
CA LEU A 13 8.10 -0.85 5.42
C LEU A 13 8.44 -2.29 5.04
N LEU A 14 8.73 -3.10 6.06
CA LEU A 14 9.08 -4.50 5.83
C LEU A 14 7.94 -5.24 5.13
N TRP A 15 6.73 -5.08 5.67
CA TRP A 15 5.55 -5.74 5.11
C TRP A 15 5.42 -5.42 3.62
N CYS A 16 5.20 -4.16 3.31
CA CYS A 16 5.06 -3.73 1.92
C CYS A 16 6.16 -4.33 1.04
N GLN A 17 7.36 -4.44 1.60
CA GLN A 17 8.49 -5.00 0.87
C GLN A 17 8.30 -6.49 0.63
N MET A 18 7.76 -7.18 1.63
CA MET A 18 7.52 -8.62 1.53
C MET A 18 6.58 -8.93 0.38
N LYS A 19 5.48 -8.18 0.29
CA LYS A 19 4.50 -8.39 -0.76
C LYS A 19 5.04 -7.90 -2.10
N THR A 20 5.47 -6.64 -2.14
CA THR A 20 6.01 -6.05 -3.35
C THR A 20 7.17 -6.87 -3.90
N ALA A 21 7.83 -7.61 -3.01
CA ALA A 21 8.97 -8.44 -3.40
C ALA A 21 8.66 -9.23 -4.66
N GLY A 22 7.52 -9.92 -4.66
CA GLY A 22 7.13 -10.70 -5.82
C GLY A 22 7.41 -10.00 -7.13
N TYR A 23 7.24 -8.68 -7.13
CA TYR A 23 7.48 -7.89 -8.32
C TYR A 23 8.87 -7.25 -8.30
N PRO A 24 9.67 -7.54 -9.33
CA PRO A 24 11.03 -7.01 -9.45
C PRO A 24 11.05 -5.51 -9.74
N ASN A 25 10.00 -5.03 -10.41
CA ASN A 25 9.90 -3.62 -10.75
C ASN A 25 9.24 -2.83 -9.62
N VAL A 26 9.13 -3.47 -8.45
CA VAL A 26 8.54 -2.83 -7.28
C VAL A 26 9.36 -3.08 -6.03
N ASN A 27 9.85 -2.01 -5.43
CA ASN A 27 10.66 -2.11 -4.21
C ASN A 27 10.37 -0.95 -3.26
N VAL A 28 9.73 -1.27 -2.14
CA VAL A 28 9.40 -0.25 -1.14
C VAL A 28 10.59 0.07 -0.26
N HIS A 29 11.67 0.55 -0.87
CA HIS A 29 12.88 0.89 -0.14
C HIS A 29 12.67 2.15 0.70
N ASN A 30 11.51 2.77 0.53
CA ASN A 30 11.19 3.99 1.27
C ASN A 30 9.69 4.26 1.23
N PHE A 31 9.28 5.36 1.85
CA PHE A 31 7.87 5.74 1.89
C PHE A 31 7.64 7.05 1.14
N THR A 32 8.50 7.34 0.17
CA THR A 32 8.38 8.55 -0.62
C THR A 32 8.50 8.26 -2.12
N THR A 33 9.69 7.85 -2.54
CA THR A 33 9.94 7.54 -3.94
C THR A 33 9.60 6.09 -4.25
N SER A 34 8.72 5.50 -3.42
CA SER A 34 8.31 4.11 -3.61
C SER A 34 6.86 4.03 -4.07
N TRP A 35 6.10 5.07 -3.75
CA TRP A 35 4.68 5.12 -4.13
C TRP A 35 4.39 6.33 -4.99
N ARG A 36 5.44 7.02 -5.42
CA ARG A 36 5.29 8.21 -6.25
C ARG A 36 4.53 7.89 -7.53
N ASP A 37 5.07 6.97 -8.32
CA ASP A 37 4.43 6.57 -9.58
C ASP A 37 3.05 5.99 -9.32
N GLY A 38 2.98 5.03 -8.40
CA GLY A 38 1.71 4.40 -8.07
C GLY A 38 1.77 2.89 -8.14
N LEU A 39 2.62 2.37 -9.01
CA LEU A 39 2.78 0.93 -9.17
C LEU A 39 2.72 0.23 -7.82
N ALA A 40 3.63 0.59 -6.92
CA ALA A 40 3.67 -0.01 -5.59
C ALA A 40 2.27 -0.33 -5.09
N PHE A 41 1.41 0.69 -5.05
CA PHE A 41 0.04 0.52 -4.59
C PHE A 41 -0.68 -0.55 -5.41
N ASN A 42 -0.50 -0.48 -6.73
CA ASN A 42 -1.14 -1.43 -7.63
C ASN A 42 -0.49 -2.80 -7.52
N ALA A 43 0.50 -2.91 -6.64
CA ALA A 43 1.21 -4.17 -6.45
C ALA A 43 0.67 -4.91 -5.23
N ILE A 44 0.25 -4.16 -4.22
CA ILE A 44 -0.29 -4.75 -3.00
C ILE A 44 -1.62 -5.43 -3.26
N VAL A 45 -2.53 -4.71 -3.93
CA VAL A 45 -3.84 -5.24 -4.25
C VAL A 45 -3.74 -6.42 -5.22
N HIS A 46 -3.25 -6.14 -6.42
CA HIS A 46 -3.11 -7.18 -7.44
C HIS A 46 -2.71 -8.51 -6.80
N LYS A 47 -1.93 -8.44 -5.73
CA LYS A 47 -1.47 -9.63 -5.03
C LYS A 47 -2.65 -10.36 -4.38
N HIS A 48 -3.50 -9.60 -3.69
CA HIS A 48 -4.66 -10.19 -3.03
C HIS A 48 -5.78 -10.44 -4.03
N ARG A 49 -6.06 -9.46 -4.87
CA ARG A 49 -7.11 -9.59 -5.87
C ARG A 49 -6.59 -9.21 -7.26
N PRO A 50 -5.96 -10.19 -7.93
CA PRO A 50 -5.40 -10.00 -9.28
C PRO A 50 -6.49 -9.83 -10.33
N ASP A 51 -7.74 -9.83 -9.89
CA ASP A 51 -8.87 -9.69 -10.81
C ASP A 51 -9.27 -8.22 -10.95
N LEU A 52 -9.23 -7.50 -9.82
CA LEU A 52 -9.59 -6.08 -9.82
C LEU A 52 -8.86 -5.33 -10.92
N LEU A 53 -7.53 -5.30 -10.84
CA LEU A 53 -6.72 -4.62 -11.83
C LEU A 53 -5.75 -5.58 -12.50
N ASP A 54 -4.97 -5.07 -13.44
CA ASP A 54 -4.00 -5.90 -14.16
C ASP A 54 -2.64 -5.21 -14.20
N PHE A 55 -1.75 -5.59 -13.29
CA PHE A 55 -0.41 -5.02 -13.22
C PHE A 55 0.23 -4.99 -14.61
N GLU A 56 0.24 -6.13 -15.28
CA GLU A 56 0.83 -6.25 -16.61
C GLU A 56 0.14 -5.30 -17.59
N SER A 57 -1.12 -5.00 -17.33
CA SER A 57 -1.89 -4.12 -18.18
C SER A 57 -1.49 -2.66 -17.96
N LEU A 58 -1.35 -2.28 -16.69
CA LEU A 58 -0.96 -0.92 -16.34
C LEU A 58 0.27 -0.47 -17.12
N LYS A 59 0.39 0.83 -17.34
CA LYS A 59 1.53 1.38 -18.06
C LYS A 59 2.49 2.09 -17.11
N LYS A 60 3.79 1.88 -17.33
CA LYS A 60 4.81 2.49 -16.50
C LYS A 60 4.92 3.99 -16.78
N CYS A 61 5.01 4.34 -18.05
CA CYS A 61 5.11 5.74 -18.45
C CYS A 61 4.07 6.59 -17.73
N ASN A 62 2.81 6.17 -17.82
CA ASN A 62 1.72 6.90 -17.18
C ASN A 62 1.58 6.48 -15.71
N ALA A 63 1.81 7.43 -14.81
CA ALA A 63 1.71 7.16 -13.38
C ALA A 63 0.39 7.69 -12.82
N HIS A 64 0.04 8.92 -13.18
CA HIS A 64 -1.20 9.53 -12.72
C HIS A 64 -2.36 8.55 -12.83
N TYR A 65 -2.52 7.96 -14.01
CA TYR A 65 -3.60 7.02 -14.26
C TYR A 65 -3.46 5.79 -13.35
N ASN A 66 -2.23 5.38 -13.11
CA ASN A 66 -1.95 4.23 -12.26
C ASN A 66 -2.40 4.48 -10.82
N LEU A 67 -2.20 5.72 -10.37
CA LEU A 67 -2.58 6.09 -9.01
C LEU A 67 -4.10 6.13 -8.86
N GLN A 68 -4.74 7.12 -9.48
CA GLN A 68 -6.18 7.26 -9.41
C GLN A 68 -6.86 5.89 -9.46
N ASN A 69 -6.33 4.99 -10.28
CA ASN A 69 -6.88 3.65 -10.41
C ASN A 69 -6.89 2.93 -9.07
N ALA A 70 -5.73 2.87 -8.42
CA ALA A 70 -5.61 2.20 -7.14
C ALA A 70 -6.41 2.93 -6.07
N PHE A 71 -6.27 4.26 -6.02
CA PHE A 71 -6.98 5.06 -5.04
C PHE A 71 -8.48 4.80 -5.11
N ASN A 72 -9.01 4.69 -6.33
CA ASN A 72 -10.42 4.44 -6.53
C ASN A 72 -10.77 2.98 -6.23
N LEU A 73 -10.02 2.06 -6.82
CA LEU A 73 -10.24 0.64 -6.62
C LEU A 73 -10.34 0.31 -5.12
N ALA A 74 -9.28 0.62 -4.39
CA ALA A 74 -9.25 0.37 -2.95
C ALA A 74 -10.35 1.14 -2.23
N GLU A 75 -10.99 2.05 -2.96
CA GLU A 75 -12.06 2.86 -2.38
C GLU A 75 -13.43 2.26 -2.70
N LYS A 76 -13.50 1.50 -3.79
CA LYS A 76 -14.75 0.87 -4.21
C LYS A 76 -14.82 -0.56 -3.70
N GLU A 77 -13.85 -1.38 -4.09
CA GLU A 77 -13.81 -2.77 -3.67
C GLU A 77 -13.61 -2.88 -2.15
N LEU A 78 -12.41 -2.53 -1.70
CA LEU A 78 -12.09 -2.58 -0.28
C LEU A 78 -13.00 -1.66 0.53
N GLY A 79 -13.20 -0.45 0.01
CA GLY A 79 -14.06 0.51 0.70
C GLY A 79 -13.28 1.46 1.57
N LEU A 80 -12.05 1.76 1.16
CA LEU A 80 -11.18 2.67 1.91
C LEU A 80 -11.44 4.11 1.51
N THR A 81 -11.40 5.01 2.49
CA THR A 81 -11.61 6.43 2.24
C THR A 81 -10.35 7.10 1.71
N LYS A 82 -10.38 7.45 0.44
CA LYS A 82 -9.23 8.11 -0.20
C LYS A 82 -8.71 9.26 0.66
N LEU A 83 -7.52 9.08 1.21
CA LEU A 83 -6.90 10.11 2.06
C LEU A 83 -5.98 11.00 1.24
N LEU A 84 -5.34 10.41 0.23
CA LEU A 84 -4.43 11.17 -0.63
C LEU A 84 -4.99 11.30 -2.04
N ASP A 85 -4.21 11.90 -2.93
CA ASP A 85 -4.63 12.08 -4.32
C ASP A 85 -3.53 11.67 -5.28
N PRO A 86 -3.92 11.27 -6.49
CA PRO A 86 -2.98 10.83 -7.53
C PRO A 86 -2.14 11.98 -8.08
N GLU A 87 -2.38 13.18 -7.55
CA GLU A 87 -1.64 14.36 -7.98
C GLU A 87 -0.67 14.83 -6.89
N ASP A 88 -1.09 14.66 -5.64
CA ASP A 88 -0.26 15.08 -4.50
C ASP A 88 0.88 14.08 -4.28
N VAL A 89 0.55 12.80 -4.32
CA VAL A 89 1.56 11.75 -4.12
C VAL A 89 2.62 11.79 -5.21
N ASN A 90 2.17 11.77 -6.46
CA ASN A 90 3.09 11.81 -7.61
C ASN A 90 3.96 13.06 -7.57
N VAL A 91 5.03 13.00 -6.78
CA VAL A 91 5.95 14.12 -6.65
C VAL A 91 7.37 13.65 -6.37
N ASP A 92 8.35 14.51 -6.64
CA ASP A 92 9.75 14.18 -6.41
C ASP A 92 9.96 13.68 -4.99
N GLN A 93 9.51 14.47 -4.02
CA GLN A 93 9.65 14.11 -2.61
C GLN A 93 8.35 14.33 -1.85
N PRO A 94 7.45 13.35 -1.92
CA PRO A 94 6.14 13.42 -1.25
C PRO A 94 6.26 13.34 0.26
N ASP A 95 5.14 13.45 0.96
CA ASP A 95 5.12 13.38 2.42
C ASP A 95 5.03 11.93 2.89
N GLU A 96 6.19 11.36 3.21
CA GLU A 96 6.24 9.98 3.68
C GLU A 96 5.23 9.74 4.80
N LYS A 97 5.08 10.73 5.66
CA LYS A 97 4.15 10.64 6.78
C LYS A 97 2.71 10.65 6.30
N SER A 98 2.49 11.30 5.15
CA SER A 98 1.14 11.39 4.57
C SER A 98 0.80 10.11 3.82
N ILE A 99 1.81 9.31 3.53
CA ILE A 99 1.61 8.05 2.82
C ILE A 99 1.55 6.87 3.79
N ILE A 100 2.52 6.80 4.69
CA ILE A 100 2.58 5.73 5.67
C ILE A 100 1.22 5.51 6.32
N THR A 101 0.47 6.59 6.51
CA THR A 101 -0.85 6.51 7.12
C THR A 101 -1.85 5.87 6.17
N TYR A 102 -1.80 6.25 4.90
CA TYR A 102 -2.71 5.71 3.90
C TYR A 102 -2.43 4.23 3.66
N VAL A 103 -1.20 3.92 3.26
CA VAL A 103 -0.81 2.54 3.00
C VAL A 103 -1.12 1.65 4.19
N ALA A 104 -1.09 2.22 5.38
CA ALA A 104 -1.37 1.48 6.60
C ALA A 104 -2.77 0.88 6.56
N THR A 105 -3.69 1.55 5.87
CA THR A 105 -5.06 1.08 5.76
C THR A 105 -5.14 -0.23 4.99
N TYR A 106 -4.17 -0.45 4.12
CA TYR A 106 -4.12 -1.67 3.31
C TYR A 106 -3.81 -2.88 4.18
N TYR A 107 -2.87 -2.71 5.10
CA TYR A 107 -2.46 -3.78 5.99
C TYR A 107 -3.53 -4.04 7.06
N HIS A 108 -3.85 -3.00 7.82
CA HIS A 108 -4.85 -3.10 8.87
C HIS A 108 -6.14 -3.74 8.34
N TYR A 109 -6.57 -3.30 7.16
CA TYR A 109 -7.78 -3.82 6.55
C TYR A 109 -7.67 -5.32 6.31
N PHE A 110 -6.83 -5.70 5.35
CA PHE A 110 -6.63 -7.10 5.03
C PHE A 110 -6.44 -7.93 6.29
N SER A 111 -5.76 -7.36 7.28
CA SER A 111 -5.51 -8.05 8.54
C SER A 111 -6.82 -8.40 9.23
N LYS A 112 -7.72 -7.42 9.32
CA LYS A 112 -9.01 -7.62 9.96
C LYS A 112 -9.65 -8.93 9.49
N MET A 113 -9.57 -9.19 8.19
CA MET A 113 -10.13 -10.40 7.61
C MET A 113 -9.43 -11.64 8.16
N LYS A 114 -10.00 -12.81 7.86
CA LYS A 114 -9.43 -14.07 8.31
C LYS A 114 -9.15 -14.03 9.81
N ALA A 115 -10.12 -13.54 10.58
CA ALA A 115 -9.97 -13.45 12.03
C ALA A 115 -11.31 -13.67 12.73
N LEU A 116 -11.30 -13.62 14.05
CA LEU A 116 -12.51 -13.82 14.84
C LEU A 116 -13.28 -12.51 14.98
N ALA A 117 -14.60 -12.58 14.81
CA ALA A 117 -15.45 -11.41 14.91
C ALA A 117 -16.46 -11.56 16.04
N VAL A 118 -17.14 -10.46 16.38
CA VAL A 118 -18.14 -10.47 17.44
C VAL A 118 -19.19 -9.41 17.21
N GLU A 119 -20.44 -9.73 17.57
CA GLU A 119 -21.54 -8.79 17.40
C GLU A 119 -21.69 -7.89 18.62
N GLY A 120 -22.36 -6.76 18.45
CA GLY A 120 -22.56 -5.83 19.54
C GLY A 120 -23.18 -4.53 19.09
N LYS A 121 -23.95 -3.91 19.98
CA LYS A 121 -24.60 -2.64 19.67
C LYS A 121 -24.78 -1.80 20.93
N SER A 122 -24.00 -0.74 21.06
CA SER A 122 -24.07 0.14 22.22
C SER A 122 -25.53 0.37 22.63
N GLY A 123 -26.33 0.85 21.69
CA GLY A 123 -27.74 1.09 21.98
C GLY A 123 -28.37 2.03 20.97
N PRO A 124 -29.62 2.46 21.25
CA PRO A 124 -30.35 3.37 20.38
C PRO A 124 -29.78 4.77 20.38
N SER A 125 -30.53 5.72 19.80
CA SER A 125 -30.08 7.10 19.74
C SER A 125 -31.23 8.03 19.35
N SER A 126 -31.05 9.32 19.58
CA SER A 126 -32.07 10.31 19.26
C SER A 126 -31.46 11.71 19.11
N GLY A 127 -32.26 12.64 18.61
CA GLY A 127 -31.78 14.00 18.43
C GLY A 127 -32.78 15.03 18.92
N GLY A 1 12.01 -13.49 8.68
CA GLY A 1 12.62 -12.18 8.56
C GLY A 1 13.98 -12.11 9.23
N SER A 2 14.94 -11.46 8.57
CA SER A 2 16.28 -11.32 9.11
C SER A 2 16.65 -9.86 9.32
N SER A 3 15.70 -8.97 9.01
CA SER A 3 15.91 -7.54 9.16
C SER A 3 14.99 -6.96 10.23
N GLY A 4 15.36 -7.16 11.49
CA GLY A 4 14.55 -6.65 12.59
C GLY A 4 14.99 -5.27 13.04
N SER A 5 14.04 -4.35 13.10
CA SER A 5 14.34 -2.98 13.52
C SER A 5 13.22 -2.43 14.41
N SER A 6 13.60 -1.64 15.42
CA SER A 6 12.63 -1.06 16.34
C SER A 6 11.82 0.04 15.64
N GLY A 7 10.62 0.27 16.15
CA GLY A 7 9.75 1.29 15.57
C GLY A 7 8.63 0.69 14.75
N ALA A 8 7.45 1.29 14.83
CA ALA A 8 6.29 0.81 14.09
C ALA A 8 6.40 1.16 12.61
N LYS A 9 6.82 2.39 12.33
CA LYS A 9 6.97 2.86 10.95
C LYS A 9 7.74 1.84 10.12
N ASP A 10 8.85 1.35 10.66
CA ASP A 10 9.67 0.37 9.97
C ASP A 10 8.90 -0.93 9.75
N ALA A 11 8.28 -1.44 10.81
CA ALA A 11 7.51 -2.67 10.73
C ALA A 11 6.69 -2.73 9.44
N LEU A 12 6.03 -1.62 9.11
CA LEU A 12 5.22 -1.53 7.90
C LEU A 12 6.09 -1.64 6.65
N LEU A 13 7.01 -0.70 6.49
CA LEU A 13 7.91 -0.68 5.34
C LEU A 13 8.30 -2.11 4.95
N LEU A 14 8.59 -2.93 5.96
CA LEU A 14 8.99 -4.32 5.72
C LEU A 14 7.84 -5.11 5.09
N TRP A 15 6.64 -4.92 5.62
CA TRP A 15 5.47 -5.62 5.11
C TRP A 15 5.35 -5.45 3.60
N CYS A 16 5.29 -4.20 3.16
CA CYS A 16 5.17 -3.91 1.73
C CYS A 16 6.31 -4.54 0.94
N GLN A 17 7.52 -4.50 1.52
CA GLN A 17 8.69 -5.07 0.87
C GLN A 17 8.51 -6.56 0.63
N MET A 18 7.96 -7.25 1.62
CA MET A 18 7.72 -8.69 1.52
C MET A 18 6.69 -9.01 0.45
N LYS A 19 5.55 -8.30 0.50
CA LYS A 19 4.49 -8.50 -0.47
C LYS A 19 4.95 -8.11 -1.87
N THR A 20 5.36 -6.85 -2.04
CA THR A 20 5.83 -6.36 -3.32
C THR A 20 7.01 -7.18 -3.84
N ALA A 21 7.65 -7.91 -2.93
CA ALA A 21 8.80 -8.74 -3.29
C ALA A 21 8.47 -9.62 -4.49
N GLY A 22 7.23 -10.08 -4.57
CA GLY A 22 6.82 -10.93 -5.67
C GLY A 22 7.16 -10.33 -7.02
N TYR A 23 6.92 -9.03 -7.17
CA TYR A 23 7.20 -8.35 -8.42
C TYR A 23 8.56 -7.65 -8.37
N PRO A 24 9.37 -7.86 -9.42
CA PRO A 24 10.70 -7.27 -9.51
C PRO A 24 10.66 -5.77 -9.74
N ASN A 25 9.88 -5.35 -10.73
CA ASN A 25 9.74 -3.93 -11.05
C ASN A 25 9.43 -3.12 -9.79
N VAL A 26 8.48 -3.61 -9.00
CA VAL A 26 8.08 -2.94 -7.77
C VAL A 26 9.13 -3.11 -6.69
N ASN A 27 9.37 -2.05 -5.92
CA ASN A 27 10.35 -2.09 -4.84
C ASN A 27 10.05 -1.01 -3.79
N VAL A 28 9.76 -1.45 -2.57
CA VAL A 28 9.45 -0.53 -1.49
C VAL A 28 10.68 -0.31 -0.60
N HIS A 29 11.53 0.63 -0.99
CA HIS A 29 12.73 0.94 -0.22
C HIS A 29 12.51 2.16 0.65
N ASN A 30 11.52 2.97 0.31
CA ASN A 30 11.22 4.18 1.06
C ASN A 30 9.72 4.46 1.07
N PHE A 31 9.32 5.57 1.67
CA PHE A 31 7.92 5.96 1.75
C PHE A 31 7.67 7.27 1.01
N THR A 32 8.53 7.57 0.05
CA THR A 32 8.40 8.80 -0.72
C THR A 32 8.53 8.52 -2.22
N THR A 33 9.73 8.15 -2.65
CA THR A 33 9.99 7.86 -4.05
C THR A 33 9.70 6.39 -4.36
N SER A 34 8.78 5.81 -3.62
CA SER A 34 8.41 4.40 -3.81
C SER A 34 6.94 4.29 -4.22
N TRP A 35 6.16 5.31 -3.90
CA TRP A 35 4.74 5.32 -4.23
C TRP A 35 4.40 6.48 -5.16
N ARG A 36 5.43 7.17 -5.63
CA ARG A 36 5.24 8.31 -6.52
C ARG A 36 4.61 7.86 -7.83
N ASP A 37 5.14 6.80 -8.41
CA ASP A 37 4.63 6.27 -9.68
C ASP A 37 3.22 5.74 -9.51
N GLY A 38 3.07 4.73 -8.65
CA GLY A 38 1.76 4.14 -8.42
C GLY A 38 1.82 2.64 -8.30
N LEU A 39 2.63 2.00 -9.13
CA LEU A 39 2.78 0.55 -9.11
C LEU A 39 2.70 0.01 -7.68
N ALA A 40 3.47 0.63 -6.80
CA ALA A 40 3.49 0.21 -5.39
C ALA A 40 2.09 -0.18 -4.92
N PHE A 41 1.15 0.75 -5.02
CA PHE A 41 -0.22 0.51 -4.60
C PHE A 41 -0.89 -0.54 -5.49
N ASN A 42 -0.53 -0.52 -6.77
CA ASN A 42 -1.08 -1.46 -7.73
C ASN A 42 -0.43 -2.82 -7.61
N ALA A 43 0.55 -2.92 -6.72
CA ALA A 43 1.27 -4.18 -6.50
C ALA A 43 0.72 -4.92 -5.28
N ILE A 44 0.24 -4.14 -4.30
CA ILE A 44 -0.30 -4.73 -3.08
C ILE A 44 -1.65 -5.40 -3.35
N VAL A 45 -2.58 -4.65 -3.93
CA VAL A 45 -3.91 -5.17 -4.24
C VAL A 45 -3.80 -6.44 -5.09
N HIS A 46 -3.27 -6.30 -6.29
CA HIS A 46 -3.12 -7.42 -7.20
C HIS A 46 -2.77 -8.69 -6.43
N LYS A 47 -1.88 -8.56 -5.46
CA LYS A 47 -1.45 -9.68 -4.64
C LYS A 47 -2.63 -10.31 -3.91
N HIS A 48 -3.49 -9.46 -3.34
CA HIS A 48 -4.66 -9.92 -2.60
C HIS A 48 -5.79 -10.29 -3.56
N ARG A 49 -6.16 -9.34 -4.42
CA ARG A 49 -7.23 -9.57 -5.38
C ARG A 49 -6.72 -9.38 -6.81
N PRO A 50 -6.23 -10.47 -7.41
CA PRO A 50 -5.71 -10.45 -8.78
C PRO A 50 -6.82 -10.24 -9.82
N ASP A 51 -8.04 -10.06 -9.35
CA ASP A 51 -9.18 -9.85 -10.24
C ASP A 51 -9.39 -8.36 -10.51
N LEU A 52 -9.39 -7.57 -9.44
CA LEU A 52 -9.59 -6.13 -9.57
C LEU A 52 -8.83 -5.58 -10.77
N LEU A 53 -7.51 -5.73 -10.74
CA LEU A 53 -6.66 -5.25 -11.83
C LEU A 53 -5.71 -6.35 -12.29
N ASP A 54 -5.09 -6.13 -13.45
CA ASP A 54 -4.15 -7.09 -14.01
C ASP A 54 -2.72 -6.75 -13.61
N PHE A 55 -2.40 -5.46 -13.63
CA PHE A 55 -1.07 -5.00 -13.27
C PHE A 55 -0.03 -5.52 -14.25
N GLU A 56 -0.40 -5.56 -15.53
CA GLU A 56 0.50 -6.04 -16.58
C GLU A 56 0.77 -4.94 -17.60
N SER A 57 -0.29 -4.26 -18.02
CA SER A 57 -0.16 -3.19 -19.01
C SER A 57 0.47 -1.94 -18.39
N LEU A 58 0.12 -1.67 -17.13
CA LEU A 58 0.65 -0.52 -16.42
C LEU A 58 2.14 -0.35 -16.70
N LYS A 59 2.53 0.84 -17.12
CA LYS A 59 3.93 1.14 -17.42
C LYS A 59 4.43 2.29 -16.56
N LYS A 60 5.61 2.12 -15.98
CA LYS A 60 6.21 3.15 -15.14
C LYS A 60 5.88 4.55 -15.65
N CYS A 61 5.86 4.69 -16.98
CA CYS A 61 5.56 5.98 -17.61
C CYS A 61 4.29 6.58 -17.01
N ASN A 62 3.20 5.82 -17.05
CA ASN A 62 1.92 6.28 -16.52
C ASN A 62 1.92 6.23 -15.00
N ALA A 63 1.85 7.41 -14.38
CA ALA A 63 1.83 7.50 -12.92
C ALA A 63 0.47 7.97 -12.41
N HIS A 64 0.02 9.11 -12.92
CA HIS A 64 -1.27 9.65 -12.52
C HIS A 64 -2.39 8.64 -12.73
N TYR A 65 -2.45 8.07 -13.92
CA TYR A 65 -3.47 7.08 -14.25
C TYR A 65 -3.37 5.87 -13.33
N ASN A 66 -2.15 5.42 -13.07
CA ASN A 66 -1.91 4.27 -12.21
C ASN A 66 -2.37 4.57 -10.79
N LEU A 67 -2.07 5.77 -10.31
CA LEU A 67 -2.46 6.18 -8.96
C LEU A 67 -3.97 6.21 -8.81
N GLN A 68 -4.62 7.13 -9.52
CA GLN A 68 -6.06 7.27 -9.46
C GLN A 68 -6.75 5.91 -9.60
N ASN A 69 -6.29 5.12 -10.57
CA ASN A 69 -6.85 3.79 -10.81
C ASN A 69 -6.90 2.99 -9.51
N ALA A 70 -5.75 2.84 -8.86
CA ALA A 70 -5.67 2.10 -7.62
C ALA A 70 -6.53 2.73 -6.54
N PHE A 71 -6.39 4.04 -6.37
CA PHE A 71 -7.17 4.77 -5.37
C PHE A 71 -8.65 4.49 -5.52
N ASN A 72 -9.14 4.54 -6.75
CA ASN A 72 -10.54 4.29 -7.04
C ASN A 72 -10.94 2.87 -6.65
N LEU A 73 -10.10 1.91 -7.04
CA LEU A 73 -10.36 0.50 -6.73
C LEU A 73 -10.39 0.27 -5.23
N ALA A 74 -9.42 0.85 -4.52
CA ALA A 74 -9.34 0.71 -3.08
C ALA A 74 -10.45 1.47 -2.38
N GLU A 75 -10.97 2.50 -3.06
CA GLU A 75 -12.04 3.31 -2.50
C GLU A 75 -13.41 2.77 -2.92
N LYS A 76 -13.41 1.92 -3.94
CA LYS A 76 -14.64 1.33 -4.43
C LYS A 76 -14.74 -0.14 -4.04
N GLU A 77 -13.81 -0.95 -4.54
CA GLU A 77 -13.79 -2.38 -4.24
C GLU A 77 -13.61 -2.61 -2.75
N LEU A 78 -12.45 -2.20 -2.21
CA LEU A 78 -12.16 -2.36 -0.80
C LEU A 78 -13.07 -1.48 0.06
N GLY A 79 -13.24 -0.23 -0.36
CA GLY A 79 -14.08 0.68 0.38
C GLY A 79 -13.31 1.50 1.39
N LEU A 80 -12.14 1.99 0.99
CA LEU A 80 -11.30 2.79 1.87
C LEU A 80 -11.43 4.28 1.54
N THR A 81 -11.38 5.11 2.57
CA THR A 81 -11.48 6.56 2.39
C THR A 81 -10.21 7.13 1.79
N LYS A 82 -10.32 7.73 0.61
CA LYS A 82 -9.18 8.32 -0.07
C LYS A 82 -8.57 9.44 0.77
N LEU A 83 -7.48 9.13 1.45
CA LEU A 83 -6.81 10.12 2.30
C LEU A 83 -5.90 11.01 1.45
N LEU A 84 -5.37 10.45 0.38
CA LEU A 84 -4.47 11.20 -0.51
C LEU A 84 -5.06 11.29 -1.91
N ASP A 85 -4.31 11.89 -2.83
CA ASP A 85 -4.75 12.04 -4.21
C ASP A 85 -3.65 11.63 -5.18
N PRO A 86 -4.05 11.28 -6.41
CA PRO A 86 -3.11 10.86 -7.46
C PRO A 86 -2.25 12.01 -7.96
N GLU A 87 -2.46 13.19 -7.39
CA GLU A 87 -1.70 14.38 -7.78
C GLU A 87 -0.77 14.81 -6.66
N ASP A 88 -1.29 14.82 -5.44
CA ASP A 88 -0.50 15.22 -4.27
C ASP A 88 0.67 14.27 -4.05
N VAL A 89 0.39 12.98 -4.11
CA VAL A 89 1.42 11.96 -3.92
C VAL A 89 2.47 12.02 -5.03
N ASN A 90 2.01 12.02 -6.27
CA ASN A 90 2.90 12.08 -7.42
C ASN A 90 3.72 13.37 -7.41
N VAL A 91 4.86 13.33 -6.72
CA VAL A 91 5.73 14.50 -6.64
C VAL A 91 7.17 14.08 -6.38
N ASP A 92 8.09 15.01 -6.59
CA ASP A 92 9.51 14.75 -6.38
C ASP A 92 9.76 14.14 -5.01
N GLN A 93 9.29 14.81 -3.96
CA GLN A 93 9.46 14.33 -2.59
C GLN A 93 8.16 14.46 -1.81
N PRO A 94 7.28 13.47 -1.96
CA PRO A 94 5.98 13.45 -1.27
C PRO A 94 6.12 13.23 0.24
N ASP A 95 5.18 13.76 1.00
CA ASP A 95 5.20 13.62 2.45
C ASP A 95 5.05 12.16 2.86
N GLU A 96 6.17 11.48 3.08
CA GLU A 96 6.15 10.08 3.47
C GLU A 96 5.27 9.87 4.70
N LYS A 97 5.13 10.92 5.51
CA LYS A 97 4.33 10.84 6.71
C LYS A 97 2.84 10.76 6.37
N SER A 98 2.47 11.34 5.24
CA SER A 98 1.08 11.34 4.79
C SER A 98 0.77 10.06 4.02
N ILE A 99 1.80 9.29 3.72
CA ILE A 99 1.63 8.04 2.98
C ILE A 99 1.64 6.84 3.92
N ILE A 100 2.66 6.76 4.77
CA ILE A 100 2.77 5.67 5.73
C ILE A 100 1.44 5.41 6.43
N THR A 101 0.70 6.48 6.69
CA THR A 101 -0.59 6.36 7.35
C THR A 101 -1.63 5.75 6.43
N TYR A 102 -1.63 6.18 5.17
CA TYR A 102 -2.58 5.67 4.18
C TYR A 102 -2.32 4.20 3.90
N VAL A 103 -1.11 3.89 3.45
CA VAL A 103 -0.74 2.51 3.14
C VAL A 103 -1.04 1.58 4.31
N ALA A 104 -0.94 2.11 5.52
CA ALA A 104 -1.21 1.33 6.72
C ALA A 104 -2.58 0.68 6.66
N THR A 105 -3.51 1.32 5.95
CA THR A 105 -4.86 0.80 5.82
C THR A 105 -4.88 -0.49 5.00
N TYR A 106 -4.09 -0.51 3.92
CA TYR A 106 -4.01 -1.68 3.06
C TYR A 106 -3.59 -2.91 3.84
N TYR A 107 -2.69 -2.72 4.79
CA TYR A 107 -2.20 -3.81 5.62
C TYR A 107 -3.22 -4.20 6.68
N HIS A 108 -3.53 -3.25 7.56
CA HIS A 108 -4.49 -3.49 8.63
C HIS A 108 -5.77 -4.10 8.08
N TYR A 109 -6.46 -3.35 7.22
CA TYR A 109 -7.70 -3.82 6.62
C TYR A 109 -7.63 -5.31 6.31
N PHE A 110 -6.85 -5.66 5.29
CA PHE A 110 -6.71 -7.06 4.89
C PHE A 110 -6.38 -7.93 6.10
N SER A 111 -5.52 -7.42 6.98
CA SER A 111 -5.11 -8.16 8.16
C SER A 111 -6.33 -8.57 8.99
N LYS A 112 -7.19 -7.61 9.28
CA LYS A 112 -8.40 -7.87 10.05
C LYS A 112 -9.09 -9.14 9.57
N MET A 113 -9.42 -9.18 8.29
CA MET A 113 -10.09 -10.34 7.69
C MET A 113 -9.41 -11.64 8.15
N LYS A 114 -10.18 -12.72 8.15
CA LYS A 114 -9.66 -14.02 8.54
C LYS A 114 -9.17 -13.99 9.99
N ALA A 115 -9.98 -13.41 10.88
CA ALA A 115 -9.64 -13.33 12.28
C ALA A 115 -10.82 -12.87 13.12
N LEU A 116 -11.11 -13.59 14.20
CA LEU A 116 -12.22 -13.25 15.08
C LEU A 116 -12.02 -11.89 15.72
N ALA A 117 -13.01 -11.01 15.58
CA ALA A 117 -12.95 -9.67 16.15
C ALA A 117 -14.33 -9.11 16.39
N VAL A 118 -14.48 -8.39 17.50
CA VAL A 118 -15.77 -7.79 17.85
C VAL A 118 -16.41 -7.11 16.64
N GLU A 119 -17.68 -7.42 16.40
CA GLU A 119 -18.40 -6.84 15.28
C GLU A 119 -19.79 -6.37 15.71
N GLY A 120 -20.08 -5.09 15.46
CA GLY A 120 -21.37 -4.53 15.83
C GLY A 120 -21.39 -3.02 15.75
N LYS A 121 -21.86 -2.49 14.64
CA LYS A 121 -21.94 -1.05 14.44
C LYS A 121 -23.38 -0.60 14.21
N SER A 122 -24.05 -1.26 13.27
CA SER A 122 -25.43 -0.93 12.95
C SER A 122 -26.33 -1.10 14.16
N GLY A 123 -27.37 -0.27 14.25
CA GLY A 123 -28.29 -0.35 15.37
C GLY A 123 -28.05 0.75 16.39
N PRO A 124 -28.65 1.92 16.13
CA PRO A 124 -28.51 3.08 17.02
C PRO A 124 -29.25 2.89 18.34
N SER A 125 -28.49 2.65 19.40
CA SER A 125 -29.08 2.45 20.72
C SER A 125 -29.83 3.69 21.18
N SER A 126 -30.69 3.51 22.19
CA SER A 126 -31.47 4.62 22.72
C SER A 126 -30.56 5.74 23.23
N GLY A 127 -29.58 5.36 24.05
CA GLY A 127 -28.66 6.33 24.59
C GLY A 127 -28.58 6.29 26.10
N GLY A 1 -4.80 -10.82 19.09
CA GLY A 1 -5.43 -9.53 19.30
C GLY A 1 -4.45 -8.39 19.14
N SER A 2 -3.24 -8.56 19.67
CA SER A 2 -2.22 -7.53 19.59
C SER A 2 -0.91 -8.10 19.05
N SER A 3 -0.07 -7.24 18.49
CA SER A 3 1.21 -7.65 17.93
C SER A 3 2.35 -6.85 18.55
N GLY A 4 3.51 -7.48 18.66
CA GLY A 4 4.67 -6.81 19.23
C GLY A 4 5.64 -6.34 18.17
N SER A 5 5.19 -5.40 17.34
CA SER A 5 6.03 -4.87 16.27
C SER A 5 7.17 -4.04 16.84
N SER A 6 8.37 -4.59 16.80
CA SER A 6 9.55 -3.90 17.32
C SER A 6 9.67 -2.50 16.72
N GLY A 7 9.45 -2.39 15.42
CA GLY A 7 9.53 -1.11 14.75
C GLY A 7 8.17 -0.57 14.35
N ALA A 8 7.72 0.47 15.04
CA ALA A 8 6.42 1.07 14.76
C ALA A 8 6.22 1.23 13.25
N LYS A 9 7.13 1.94 12.61
CA LYS A 9 7.04 2.17 11.17
C LYS A 9 7.76 1.06 10.40
N ASP A 10 8.92 0.65 10.90
CA ASP A 10 9.69 -0.40 10.26
C ASP A 10 8.82 -1.61 9.93
N ALA A 11 8.00 -2.01 10.89
CA ALA A 11 7.11 -3.15 10.70
C ALA A 11 6.34 -3.03 9.38
N LEU A 12 5.89 -1.81 9.08
CA LEU A 12 5.14 -1.56 7.85
C LEU A 12 6.03 -1.72 6.63
N LEU A 13 7.05 -0.86 6.53
CA LEU A 13 7.99 -0.91 5.42
C LEU A 13 8.29 -2.36 5.02
N LEU A 14 8.52 -3.20 6.02
CA LEU A 14 8.83 -4.61 5.79
C LEU A 14 7.65 -5.31 5.11
N TRP A 15 6.45 -5.05 5.62
CA TRP A 15 5.25 -5.66 5.08
C TRP A 15 5.16 -5.47 3.57
N CYS A 16 5.07 -4.21 3.15
CA CYS A 16 4.98 -3.88 1.73
C CYS A 16 6.09 -4.57 0.95
N GLN A 17 7.31 -4.50 1.47
CA GLN A 17 8.46 -5.12 0.82
C GLN A 17 8.23 -6.60 0.59
N MET A 18 7.63 -7.25 1.58
CA MET A 18 7.34 -8.69 1.50
C MET A 18 6.42 -8.99 0.31
N LYS A 19 5.35 -8.20 0.19
CA LYS A 19 4.39 -8.38 -0.88
C LYS A 19 4.98 -7.92 -2.22
N THR A 20 5.34 -6.65 -2.30
CA THR A 20 5.91 -6.09 -3.51
C THR A 20 7.08 -6.93 -4.01
N ALA A 21 7.85 -7.47 -3.07
CA ALA A 21 9.00 -8.31 -3.41
C ALA A 21 8.73 -9.12 -4.67
N GLY A 22 7.60 -9.84 -4.67
CA GLY A 22 7.25 -10.65 -5.83
C GLY A 22 7.67 -10.01 -7.14
N TYR A 23 7.40 -8.72 -7.28
CA TYR A 23 7.74 -8.00 -8.50
C TYR A 23 9.14 -7.41 -8.41
N PRO A 24 9.97 -7.67 -9.43
CA PRO A 24 11.34 -7.18 -9.48
C PRO A 24 11.41 -5.67 -9.69
N ASN A 25 10.50 -5.15 -10.51
CA ASN A 25 10.46 -3.72 -10.80
C ASN A 25 10.06 -2.93 -9.56
N VAL A 26 9.05 -3.42 -8.85
CA VAL A 26 8.57 -2.76 -7.64
C VAL A 26 9.59 -2.90 -6.51
N ASN A 27 10.03 -1.76 -5.97
CA ASN A 27 11.00 -1.74 -4.89
C ASN A 27 10.61 -0.72 -3.82
N VAL A 28 10.24 -1.22 -2.64
CA VAL A 28 9.85 -0.35 -1.54
C VAL A 28 11.04 -0.01 -0.65
N HIS A 29 11.91 0.87 -1.17
CA HIS A 29 13.09 1.29 -0.41
C HIS A 29 12.76 2.42 0.55
N ASN A 30 11.57 2.99 0.39
CA ASN A 30 11.14 4.09 1.24
C ASN A 30 9.66 4.42 1.01
N PHE A 31 9.14 5.36 1.78
CA PHE A 31 7.74 5.76 1.65
C PHE A 31 7.62 7.10 0.92
N THR A 32 8.59 7.38 0.05
CA THR A 32 8.60 8.62 -0.71
C THR A 32 8.63 8.34 -2.21
N THR A 33 9.77 7.86 -2.69
CA THR A 33 9.93 7.56 -4.10
C THR A 33 9.52 6.11 -4.41
N SER A 34 8.55 5.61 -3.66
CA SER A 34 8.08 4.25 -3.85
C SER A 34 6.61 4.24 -4.26
N TRP A 35 5.88 5.28 -3.89
CA TRP A 35 4.47 5.40 -4.22
C TRP A 35 4.21 6.64 -5.07
N ARG A 36 5.28 7.28 -5.51
CA ARG A 36 5.17 8.48 -6.34
C ARG A 36 4.51 8.15 -7.68
N ASP A 37 4.93 7.04 -8.28
CA ASP A 37 4.39 6.62 -9.56
C ASP A 37 3.00 6.01 -9.39
N GLY A 38 2.91 4.98 -8.57
CA GLY A 38 1.63 4.33 -8.32
C GLY A 38 1.76 2.82 -8.24
N LEU A 39 2.62 2.26 -9.08
CA LEU A 39 2.84 0.81 -9.11
C LEU A 39 2.70 0.21 -7.71
N ALA A 40 3.48 0.74 -6.78
CA ALA A 40 3.45 0.26 -5.40
C ALA A 40 2.02 -0.08 -4.98
N PHE A 41 1.14 0.90 -5.05
CA PHE A 41 -0.26 0.69 -4.67
C PHE A 41 -0.90 -0.39 -5.53
N ASN A 42 -0.62 -0.35 -6.83
CA ASN A 42 -1.17 -1.33 -7.76
C ASN A 42 -0.50 -2.69 -7.57
N ALA A 43 0.39 -2.78 -6.61
CA ALA A 43 1.10 -4.02 -6.33
C ALA A 43 0.49 -4.75 -5.14
N ILE A 44 0.15 -3.99 -4.10
CA ILE A 44 -0.44 -4.57 -2.90
C ILE A 44 -1.76 -5.26 -3.22
N VAL A 45 -2.63 -4.55 -3.94
CA VAL A 45 -3.93 -5.08 -4.31
C VAL A 45 -3.79 -6.28 -5.25
N HIS A 46 -3.19 -6.03 -6.42
CA HIS A 46 -2.98 -7.08 -7.41
C HIS A 46 -2.62 -8.40 -6.74
N LYS A 47 -1.74 -8.32 -5.74
CA LYS A 47 -1.29 -9.50 -5.02
C LYS A 47 -2.48 -10.22 -4.37
N HIS A 48 -3.33 -9.46 -3.70
CA HIS A 48 -4.51 -10.02 -3.05
C HIS A 48 -5.58 -10.39 -4.07
N ARG A 49 -5.97 -9.42 -4.88
CA ARG A 49 -6.98 -9.65 -5.90
C ARG A 49 -6.44 -9.32 -7.29
N PRO A 50 -5.81 -10.33 -7.93
CA PRO A 50 -5.24 -10.17 -9.27
C PRO A 50 -6.30 -10.03 -10.35
N ASP A 51 -7.56 -9.99 -9.92
CA ASP A 51 -8.68 -9.86 -10.86
C ASP A 51 -9.05 -8.39 -11.06
N LEU A 52 -9.15 -7.66 -9.95
CA LEU A 52 -9.50 -6.24 -10.00
C LEU A 52 -8.77 -5.54 -11.13
N LEU A 53 -7.45 -5.46 -11.00
CA LEU A 53 -6.61 -4.81 -12.01
C LEU A 53 -5.59 -5.78 -12.58
N ASP A 54 -5.00 -5.41 -13.71
CA ASP A 54 -3.99 -6.25 -14.35
C ASP A 54 -2.62 -5.59 -14.30
N PHE A 55 -1.88 -5.87 -13.23
CA PHE A 55 -0.55 -5.30 -13.05
C PHE A 55 0.28 -5.46 -14.32
N GLU A 56 0.17 -6.63 -14.95
CA GLU A 56 0.92 -6.91 -16.16
C GLU A 56 0.54 -5.93 -17.27
N SER A 57 -0.72 -5.51 -17.28
CA SER A 57 -1.21 -4.58 -18.29
C SER A 57 -0.65 -3.18 -18.04
N LEU A 58 -0.70 -2.73 -16.79
CA LEU A 58 -0.21 -1.41 -16.43
C LEU A 58 1.22 -1.21 -16.93
N LYS A 59 1.70 0.02 -16.87
CA LYS A 59 3.04 0.35 -17.32
C LYS A 59 3.73 1.28 -16.34
N LYS A 60 5.04 1.48 -16.52
CA LYS A 60 5.81 2.36 -15.64
C LYS A 60 5.51 3.82 -15.94
N CYS A 61 5.68 4.22 -17.20
CA CYS A 61 5.43 5.60 -17.61
C CYS A 61 4.18 6.15 -16.92
N ASN A 62 3.09 5.40 -17.02
CA ASN A 62 1.83 5.81 -16.41
C ASN A 62 1.95 5.89 -14.90
N ALA A 63 1.75 7.10 -14.36
CA ALA A 63 1.84 7.31 -12.92
C ALA A 63 0.51 7.82 -12.36
N HIS A 64 0.08 8.98 -12.84
CA HIS A 64 -1.17 9.57 -12.38
C HIS A 64 -2.32 8.58 -12.53
N TYR A 65 -2.52 8.07 -13.74
CA TYR A 65 -3.59 7.12 -14.02
C TYR A 65 -3.47 5.91 -13.11
N ASN A 66 -2.27 5.36 -13.01
CA ASN A 66 -2.03 4.19 -12.17
C ASN A 66 -2.40 4.47 -10.72
N LEU A 67 -2.00 5.64 -10.24
CA LEU A 67 -2.29 6.04 -8.85
C LEU A 67 -3.80 6.02 -8.60
N GLN A 68 -4.51 6.94 -9.25
CA GLN A 68 -5.96 7.03 -9.09
C GLN A 68 -6.61 5.66 -9.24
N ASN A 69 -6.10 4.87 -10.18
CA ASN A 69 -6.64 3.54 -10.44
C ASN A 69 -6.71 2.74 -9.14
N ALA A 70 -5.58 2.60 -8.46
CA ALA A 70 -5.52 1.86 -7.21
C ALA A 70 -6.43 2.48 -6.15
N PHE A 71 -6.27 3.78 -5.93
CA PHE A 71 -7.08 4.50 -4.95
C PHE A 71 -8.56 4.22 -5.16
N ASN A 72 -9.00 4.34 -6.41
CA ASN A 72 -10.41 4.10 -6.75
C ASN A 72 -10.78 2.64 -6.51
N LEU A 73 -10.04 1.73 -7.14
CA LEU A 73 -10.30 0.32 -7.00
C LEU A 73 -10.43 -0.08 -5.53
N ALA A 74 -9.48 0.38 -4.72
CA ALA A 74 -9.50 0.08 -3.29
C ALA A 74 -10.60 0.84 -2.58
N GLU A 75 -10.84 2.07 -3.02
CA GLU A 75 -11.88 2.92 -2.43
C GLU A 75 -13.27 2.38 -2.76
N LYS A 76 -13.34 1.51 -3.76
CA LYS A 76 -14.61 0.92 -4.18
C LYS A 76 -14.73 -0.51 -3.68
N GLU A 77 -13.80 -1.36 -4.09
CA GLU A 77 -13.81 -2.76 -3.69
C GLU A 77 -13.64 -2.89 -2.18
N LEU A 78 -12.45 -2.56 -1.69
CA LEU A 78 -12.15 -2.64 -0.26
C LEU A 78 -13.07 -1.73 0.53
N GLY A 79 -13.16 -0.47 0.10
CA GLY A 79 -14.02 0.49 0.79
C GLY A 79 -13.23 1.44 1.67
N LEU A 80 -12.03 1.80 1.22
CA LEU A 80 -11.17 2.72 1.98
C LEU A 80 -11.43 4.16 1.58
N THR A 81 -11.37 5.06 2.55
CA THR A 81 -11.59 6.48 2.31
C THR A 81 -10.34 7.15 1.75
N LYS A 82 -10.39 7.51 0.47
CA LYS A 82 -9.25 8.16 -0.18
C LYS A 82 -8.75 9.33 0.65
N LEU A 83 -7.58 9.16 1.27
CA LEU A 83 -6.99 10.21 2.11
C LEU A 83 -6.12 11.12 1.26
N LEU A 84 -5.32 10.54 0.38
CA LEU A 84 -4.43 11.32 -0.48
C LEU A 84 -5.01 11.43 -1.89
N ASP A 85 -4.24 12.03 -2.79
CA ASP A 85 -4.67 12.19 -4.18
C ASP A 85 -3.60 11.71 -5.15
N PRO A 86 -4.03 11.27 -6.34
CA PRO A 86 -3.12 10.78 -7.38
C PRO A 86 -2.26 11.88 -7.97
N GLU A 87 -2.45 13.10 -7.48
CA GLU A 87 -1.69 14.25 -7.97
C GLU A 87 -0.75 14.79 -6.89
N ASP A 88 -1.20 14.73 -5.64
CA ASP A 88 -0.40 15.20 -4.52
C ASP A 88 0.80 14.29 -4.29
N VAL A 89 0.56 12.98 -4.29
CA VAL A 89 1.63 12.01 -4.08
C VAL A 89 2.67 12.08 -5.19
N ASN A 90 2.19 12.10 -6.43
CA ASN A 90 3.07 12.16 -7.60
C ASN A 90 3.99 13.39 -7.51
N VAL A 91 5.15 13.21 -6.91
CA VAL A 91 6.12 14.29 -6.77
C VAL A 91 7.52 13.75 -6.49
N ASP A 92 8.53 14.54 -6.84
CA ASP A 92 9.92 14.15 -6.62
C ASP A 92 10.12 13.64 -5.20
N GLN A 93 9.72 14.46 -4.22
CA GLN A 93 9.86 14.09 -2.81
C GLN A 93 8.58 14.39 -2.05
N PRO A 94 7.65 13.43 -2.05
CA PRO A 94 6.36 13.56 -1.35
C PRO A 94 6.52 13.55 0.16
N ASP A 95 5.40 13.45 0.86
CA ASP A 95 5.41 13.42 2.32
C ASP A 95 5.22 12.00 2.83
N GLU A 96 6.31 11.27 2.97
CA GLU A 96 6.27 9.89 3.45
C GLU A 96 5.29 9.76 4.61
N LYS A 97 5.17 10.82 5.40
CA LYS A 97 4.27 10.83 6.55
C LYS A 97 2.82 10.82 6.10
N SER A 98 2.53 11.57 5.05
CA SER A 98 1.17 11.66 4.51
C SER A 98 0.80 10.39 3.76
N ILE A 99 1.82 9.58 3.43
CA ILE A 99 1.59 8.34 2.71
C ILE A 99 1.49 7.16 3.66
N ILE A 100 2.48 7.04 4.56
CA ILE A 100 2.49 5.95 5.53
C ILE A 100 1.11 5.72 6.12
N THR A 101 0.47 6.80 6.57
CA THR A 101 -0.86 6.70 7.15
C THR A 101 -1.83 6.01 6.20
N TYR A 102 -1.83 6.45 4.95
CA TYR A 102 -2.72 5.87 3.95
C TYR A 102 -2.49 4.38 3.80
N VAL A 103 -1.30 4.00 3.36
CA VAL A 103 -0.93 2.60 3.18
C VAL A 103 -1.26 1.80 4.43
N ALA A 104 -1.07 2.42 5.59
CA ALA A 104 -1.34 1.75 6.86
C ALA A 104 -2.69 1.03 6.83
N THR A 105 -3.66 1.65 6.17
CA THR A 105 -4.99 1.07 6.08
C THR A 105 -4.96 -0.27 5.37
N TYR A 106 -4.19 -0.36 4.29
CA TYR A 106 -4.07 -1.59 3.53
C TYR A 106 -3.66 -2.75 4.43
N TYR A 107 -2.78 -2.47 5.39
CA TYR A 107 -2.31 -3.49 6.32
C TYR A 107 -3.39 -3.85 7.33
N HIS A 108 -3.92 -2.83 8.00
CA HIS A 108 -4.96 -3.04 9.01
C HIS A 108 -6.18 -3.73 8.39
N TYR A 109 -6.75 -3.12 7.37
CA TYR A 109 -7.92 -3.67 6.70
C TYR A 109 -7.73 -5.17 6.45
N PHE A 110 -6.78 -5.49 5.57
CA PHE A 110 -6.51 -6.89 5.23
C PHE A 110 -6.24 -7.71 6.50
N SER A 111 -5.48 -7.13 7.42
CA SER A 111 -5.15 -7.80 8.67
C SER A 111 -6.42 -8.26 9.39
N LYS A 112 -7.36 -7.35 9.54
CA LYS A 112 -8.62 -7.66 10.21
C LYS A 112 -9.13 -9.03 9.81
N MET A 113 -9.08 -9.33 8.51
CA MET A 113 -9.53 -10.61 7.99
C MET A 113 -8.99 -11.76 8.83
N LYS A 114 -9.56 -12.94 8.65
CA LYS A 114 -9.14 -14.13 9.39
C LYS A 114 -7.63 -14.10 9.63
N ALA A 115 -7.23 -13.73 10.84
CA ALA A 115 -5.81 -13.68 11.19
C ALA A 115 -5.61 -13.89 12.69
N LEU A 116 -5.02 -15.03 13.05
CA LEU A 116 -4.77 -15.34 14.45
C LEU A 116 -3.56 -14.59 14.97
N ALA A 117 -3.48 -14.43 16.29
CA ALA A 117 -2.36 -13.73 16.91
C ALA A 117 -2.45 -13.80 18.43
N VAL A 118 -1.42 -13.28 19.10
CA VAL A 118 -1.39 -13.29 20.56
C VAL A 118 -2.43 -12.32 21.13
N GLU A 119 -3.28 -12.84 22.01
CA GLU A 119 -4.32 -12.03 22.64
C GLU A 119 -3.73 -11.11 23.70
N GLY A 120 -4.54 -10.16 24.17
CA GLY A 120 -4.08 -9.23 25.18
C GLY A 120 -5.12 -8.19 25.53
N LYS A 121 -4.68 -7.06 26.06
CA LYS A 121 -5.58 -5.97 26.44
C LYS A 121 -6.22 -5.35 25.20
N SER A 122 -7.39 -4.76 25.38
CA SER A 122 -8.11 -4.13 24.28
C SER A 122 -7.35 -2.90 23.79
N GLY A 123 -6.95 -2.04 24.72
CA GLY A 123 -6.22 -0.84 24.35
C GLY A 123 -7.10 0.39 24.33
N PRO A 124 -6.52 1.54 24.71
CA PRO A 124 -7.25 2.81 24.75
C PRO A 124 -7.59 3.33 23.36
N SER A 125 -8.17 4.53 23.31
CA SER A 125 -8.55 5.13 22.03
C SER A 125 -8.44 6.65 22.09
N SER A 126 -8.42 7.29 20.93
CA SER A 126 -8.31 8.75 20.85
C SER A 126 -9.27 9.30 19.81
N GLY A 127 -9.51 10.61 19.88
CA GLY A 127 -10.41 11.25 18.94
C GLY A 127 -11.58 10.37 18.57
N GLY A 1 11.81 19.41 9.94
CA GLY A 1 12.79 19.36 11.01
C GLY A 1 12.64 18.13 11.89
N SER A 2 13.72 17.38 12.06
CA SER A 2 13.70 16.18 12.87
C SER A 2 14.64 16.30 14.07
N SER A 3 14.51 15.38 15.01
CA SER A 3 15.35 15.39 16.21
C SER A 3 16.22 14.13 16.28
N GLY A 4 15.61 12.98 15.99
CA GLY A 4 16.33 11.73 16.03
C GLY A 4 15.41 10.53 16.16
N SER A 5 15.49 9.62 15.20
CA SER A 5 14.66 8.42 15.21
C SER A 5 15.51 7.18 15.39
N SER A 6 15.09 6.31 16.32
CA SER A 6 15.82 5.08 16.59
C SER A 6 15.37 3.96 15.65
N GLY A 7 14.10 3.58 15.76
CA GLY A 7 13.57 2.53 14.91
C GLY A 7 12.06 2.61 14.77
N ALA A 8 11.60 3.29 13.73
CA ALA A 8 10.17 3.43 13.49
C ALA A 8 9.82 3.12 12.04
N LYS A 9 8.54 2.93 11.77
CA LYS A 9 8.07 2.62 10.42
C LYS A 9 8.74 1.36 9.89
N ASP A 10 8.87 0.36 10.74
CA ASP A 10 9.48 -0.91 10.35
C ASP A 10 8.42 -1.97 10.10
N ALA A 11 7.47 -2.09 11.01
CA ALA A 11 6.40 -3.07 10.89
C ALA A 11 5.68 -2.92 9.55
N LEU A 12 5.37 -1.68 9.18
CA LEU A 12 4.68 -1.41 7.92
C LEU A 12 5.65 -1.52 6.74
N LEU A 13 6.73 -0.78 6.81
CA LEU A 13 7.74 -0.78 5.75
C LEU A 13 8.12 -2.21 5.37
N LEU A 14 8.22 -3.08 6.37
CA LEU A 14 8.57 -4.47 6.13
C LEU A 14 7.45 -5.20 5.40
N TRP A 15 6.21 -4.94 5.81
CA TRP A 15 5.04 -5.57 5.20
C TRP A 15 5.05 -5.36 3.69
N CYS A 16 4.98 -4.10 3.26
CA CYS A 16 4.97 -3.77 1.85
C CYS A 16 6.15 -4.43 1.13
N GLN A 17 7.33 -4.32 1.72
CA GLN A 17 8.54 -4.90 1.14
C GLN A 17 8.36 -6.40 0.92
N MET A 18 7.75 -7.07 1.89
CA MET A 18 7.52 -8.51 1.80
C MET A 18 6.61 -8.84 0.62
N LYS A 19 5.46 -8.18 0.56
CA LYS A 19 4.51 -8.40 -0.52
C LYS A 19 5.11 -8.01 -1.87
N THR A 20 5.47 -6.74 -2.01
CA THR A 20 6.05 -6.25 -3.25
C THR A 20 7.19 -7.15 -3.73
N ALA A 21 7.77 -7.89 -2.79
CA ALA A 21 8.87 -8.81 -3.11
C ALA A 21 8.57 -9.58 -4.39
N GLY A 22 7.39 -10.19 -4.46
CA GLY A 22 7.01 -10.95 -5.63
C GLY A 22 7.36 -10.24 -6.92
N TYR A 23 7.03 -8.96 -6.99
CA TYR A 23 7.31 -8.16 -8.18
C TYR A 23 8.72 -7.58 -8.14
N PRO A 24 9.54 -7.93 -9.15
CA PRO A 24 10.92 -7.45 -9.25
C PRO A 24 11.00 -5.96 -9.57
N ASN A 25 10.00 -5.46 -10.28
CA ASN A 25 9.95 -4.05 -10.65
C ASN A 25 9.31 -3.22 -9.55
N VAL A 26 9.22 -3.80 -8.36
CA VAL A 26 8.62 -3.11 -7.22
C VAL A 26 9.49 -3.25 -5.98
N ASN A 27 9.96 -2.11 -5.46
CA ASN A 27 10.80 -2.10 -4.27
C ASN A 27 10.38 -0.99 -3.31
N VAL A 28 9.96 -1.38 -2.11
CA VAL A 28 9.53 -0.42 -1.10
C VAL A 28 10.66 -0.11 -0.13
N HIS A 29 11.63 0.66 -0.59
CA HIS A 29 12.77 1.05 0.25
C HIS A 29 12.48 2.33 1.00
N ASN A 30 11.54 3.12 0.50
CA ASN A 30 11.18 4.38 1.12
C ASN A 30 9.67 4.64 1.00
N PHE A 31 9.20 5.65 1.71
CA PHE A 31 7.79 6.01 1.68
C PHE A 31 7.55 7.30 0.90
N THR A 32 8.48 7.62 0.00
CA THR A 32 8.38 8.83 -0.80
C THR A 32 8.54 8.52 -2.28
N THR A 33 9.74 8.10 -2.67
CA THR A 33 10.02 7.76 -4.07
C THR A 33 9.68 6.31 -4.36
N SER A 34 8.72 5.76 -3.63
CA SER A 34 8.31 4.38 -3.81
C SER A 34 6.83 4.30 -4.22
N TRP A 35 6.07 5.33 -3.89
CA TRP A 35 4.66 5.38 -4.22
C TRP A 35 4.36 6.55 -5.14
N ARG A 36 5.41 7.18 -5.65
CA ARG A 36 5.25 8.32 -6.55
C ARG A 36 4.58 7.90 -7.85
N ASP A 37 5.10 6.85 -8.47
CA ASP A 37 4.55 6.34 -9.71
C ASP A 37 3.16 5.77 -9.51
N GLY A 38 3.07 4.75 -8.66
CA GLY A 38 1.78 4.13 -8.38
C GLY A 38 1.85 2.61 -8.43
N LEU A 39 2.73 2.08 -9.28
CA LEU A 39 2.88 0.64 -9.42
C LEU A 39 2.77 -0.05 -8.06
N ALA A 40 3.63 0.35 -7.12
CA ALA A 40 3.61 -0.24 -5.79
C ALA A 40 2.19 -0.49 -5.31
N PHE A 41 1.39 0.57 -5.24
CA PHE A 41 0.00 0.46 -4.80
C PHE A 41 -0.74 -0.59 -5.61
N ASN A 42 -0.58 -0.54 -6.93
CA ASN A 42 -1.25 -1.49 -7.81
C ASN A 42 -0.60 -2.87 -7.70
N ALA A 43 0.40 -2.99 -6.83
CA ALA A 43 1.08 -4.26 -6.62
C ALA A 43 0.56 -4.97 -5.37
N ILE A 44 0.26 -4.21 -4.34
CA ILE A 44 -0.24 -4.77 -3.09
C ILE A 44 -1.60 -5.44 -3.31
N VAL A 45 -2.47 -4.79 -4.05
CA VAL A 45 -3.80 -5.33 -4.33
C VAL A 45 -3.72 -6.48 -5.33
N HIS A 46 -3.17 -6.20 -6.51
CA HIS A 46 -3.03 -7.21 -7.55
C HIS A 46 -2.60 -8.55 -6.96
N LYS A 47 -1.94 -8.48 -5.81
CA LYS A 47 -1.48 -9.69 -5.13
C LYS A 47 -2.64 -10.45 -4.50
N HIS A 48 -3.53 -9.72 -3.84
CA HIS A 48 -4.68 -10.33 -3.20
C HIS A 48 -5.81 -10.55 -4.21
N ARG A 49 -6.11 -9.52 -4.99
CA ARG A 49 -7.16 -9.60 -6.00
C ARG A 49 -6.62 -9.24 -7.37
N PRO A 50 -6.05 -10.24 -8.06
CA PRO A 50 -5.49 -10.06 -9.40
C PRO A 50 -6.56 -9.83 -10.45
N ASP A 51 -7.81 -9.77 -10.02
CA ASP A 51 -8.94 -9.55 -10.92
C ASP A 51 -9.28 -8.07 -11.01
N LEU A 52 -9.20 -7.38 -9.89
CA LEU A 52 -9.50 -5.95 -9.83
C LEU A 52 -8.79 -5.20 -10.95
N LEU A 53 -7.46 -5.23 -10.92
CA LEU A 53 -6.65 -4.56 -11.93
C LEU A 53 -5.72 -5.54 -12.63
N ASP A 54 -4.93 -5.03 -13.57
CA ASP A 54 -4.00 -5.86 -14.32
C ASP A 54 -2.61 -5.22 -14.35
N PHE A 55 -1.79 -5.53 -13.36
CA PHE A 55 -0.45 -4.98 -13.28
C PHE A 55 0.28 -5.13 -14.61
N GLU A 56 0.09 -6.29 -15.25
CA GLU A 56 0.73 -6.56 -16.53
C GLU A 56 0.36 -5.50 -17.56
N SER A 57 -0.89 -5.06 -17.52
CA SER A 57 -1.37 -4.05 -18.46
C SER A 57 -0.83 -2.67 -18.09
N LEU A 58 -0.85 -2.36 -16.79
CA LEU A 58 -0.37 -1.07 -16.31
C LEU A 58 0.91 -0.67 -17.03
N LYS A 59 0.90 0.51 -17.66
CA LYS A 59 2.07 1.01 -18.37
C LYS A 59 2.96 1.84 -17.45
N LYS A 60 4.25 1.83 -17.73
CA LYS A 60 5.21 2.59 -16.93
C LYS A 60 5.44 3.98 -17.53
N CYS A 61 4.36 4.63 -17.95
CA CYS A 61 4.45 5.96 -18.55
C CYS A 61 3.41 6.89 -17.94
N ASN A 62 2.24 6.33 -17.62
CA ASN A 62 1.16 7.12 -17.04
C ASN A 62 0.97 6.79 -15.56
N ALA A 63 1.66 7.54 -14.71
CA ALA A 63 1.58 7.34 -13.26
C ALA A 63 0.21 7.75 -12.73
N HIS A 64 -0.16 9.00 -12.98
CA HIS A 64 -1.45 9.52 -12.52
C HIS A 64 -2.53 8.45 -12.60
N TYR A 65 -2.83 8.01 -13.81
CA TYR A 65 -3.85 6.99 -14.02
C TYR A 65 -3.63 5.80 -13.08
N ASN A 66 -2.39 5.32 -13.03
CA ASN A 66 -2.04 4.19 -12.18
C ASN A 66 -2.42 4.46 -10.73
N LEU A 67 -2.03 5.63 -10.24
CA LEU A 67 -2.33 6.02 -8.86
C LEU A 67 -3.84 6.05 -8.62
N GLN A 68 -4.51 7.03 -9.23
CA GLN A 68 -5.94 7.17 -9.09
C GLN A 68 -6.64 5.82 -9.22
N ASN A 69 -6.17 5.00 -10.15
CA ASN A 69 -6.74 3.68 -10.38
C ASN A 69 -6.70 2.84 -9.11
N ALA A 70 -5.56 2.87 -8.43
CA ALA A 70 -5.39 2.11 -7.20
C ALA A 70 -6.24 2.69 -6.07
N PHE A 71 -6.21 4.01 -5.95
CA PHE A 71 -6.98 4.69 -4.91
C PHE A 71 -8.47 4.42 -5.07
N ASN A 72 -8.97 4.54 -6.30
CA ASN A 72 -10.37 4.32 -6.59
C ASN A 72 -10.75 2.86 -6.33
N LEU A 73 -10.04 1.95 -6.98
CA LEU A 73 -10.31 0.51 -6.82
C LEU A 73 -10.41 0.15 -5.34
N ALA A 74 -9.52 0.69 -4.54
CA ALA A 74 -9.50 0.42 -3.11
C ALA A 74 -10.64 1.16 -2.40
N GLU A 75 -10.90 2.39 -2.85
CA GLU A 75 -11.96 3.20 -2.25
C GLU A 75 -13.34 2.67 -2.64
N LYS A 76 -13.36 1.77 -3.62
CA LYS A 76 -14.61 1.17 -4.08
C LYS A 76 -14.72 -0.28 -3.63
N GLU A 77 -13.82 -1.12 -4.13
CA GLU A 77 -13.82 -2.53 -3.78
C GLU A 77 -13.61 -2.73 -2.29
N LEU A 78 -12.39 -2.45 -1.83
CA LEU A 78 -12.06 -2.59 -0.42
C LEU A 78 -13.00 -1.77 0.45
N GLY A 79 -13.19 -0.51 0.07
CA GLY A 79 -14.07 0.36 0.83
C GLY A 79 -13.31 1.26 1.79
N LEU A 80 -12.22 1.83 1.32
CA LEU A 80 -11.40 2.72 2.13
C LEU A 80 -11.66 4.18 1.80
N THR A 81 -11.30 5.08 2.72
CA THR A 81 -11.50 6.51 2.52
C THR A 81 -10.24 7.16 1.93
N LYS A 82 -10.34 7.62 0.69
CA LYS A 82 -9.23 8.27 0.02
C LYS A 82 -8.69 9.43 0.86
N LEU A 83 -7.56 9.21 1.52
CA LEU A 83 -6.95 10.24 2.35
C LEU A 83 -6.02 11.13 1.52
N LEU A 84 -5.41 10.55 0.49
CA LEU A 84 -4.51 11.28 -0.38
C LEU A 84 -5.06 11.34 -1.81
N ASP A 85 -4.35 12.07 -2.67
CA ASP A 85 -4.76 12.20 -4.07
C ASP A 85 -3.65 11.76 -5.01
N PRO A 86 -4.04 11.33 -6.22
CA PRO A 86 -3.09 10.87 -7.24
C PRO A 86 -2.24 12.01 -7.80
N GLU A 87 -2.48 13.22 -7.30
CA GLU A 87 -1.74 14.40 -7.75
C GLU A 87 -0.75 14.85 -6.69
N ASP A 88 -1.18 14.82 -5.44
CA ASP A 88 -0.32 15.24 -4.32
C ASP A 88 0.83 14.25 -4.14
N VAL A 89 0.51 12.96 -4.12
CA VAL A 89 1.52 11.93 -3.95
C VAL A 89 2.54 11.96 -5.08
N ASN A 90 2.04 12.02 -6.31
CA ASN A 90 2.91 12.06 -7.49
C ASN A 90 3.77 13.31 -7.49
N VAL A 91 4.99 13.20 -6.99
CA VAL A 91 5.91 14.33 -6.94
C VAL A 91 7.34 13.87 -6.69
N ASP A 92 8.30 14.75 -6.93
CA ASP A 92 9.71 14.44 -6.72
C ASP A 92 9.93 13.91 -5.31
N GLN A 93 9.50 14.68 -4.31
CA GLN A 93 9.66 14.29 -2.92
C GLN A 93 8.38 14.53 -2.13
N PRO A 94 7.46 13.56 -2.19
CA PRO A 94 6.17 13.64 -1.50
C PRO A 94 6.33 13.53 0.02
N ASP A 95 5.21 13.64 0.73
CA ASP A 95 5.23 13.55 2.19
C ASP A 95 5.10 12.11 2.65
N GLU A 96 6.22 11.49 2.99
CA GLU A 96 6.24 10.11 3.44
C GLU A 96 5.27 9.91 4.60
N LYS A 97 5.15 10.94 5.44
CA LYS A 97 4.26 10.87 6.59
C LYS A 97 2.80 10.86 6.16
N SER A 98 2.47 11.67 5.16
CA SER A 98 1.11 11.75 4.65
C SER A 98 0.75 10.49 3.86
N ILE A 99 1.76 9.72 3.49
CA ILE A 99 1.56 8.49 2.74
C ILE A 99 1.49 7.28 3.67
N ILE A 100 2.50 7.13 4.51
CA ILE A 100 2.55 6.02 5.45
C ILE A 100 1.20 5.78 6.10
N THR A 101 0.43 6.86 6.26
CA THR A 101 -0.90 6.78 6.86
C THR A 101 -1.86 6.02 5.96
N TYR A 102 -1.84 6.34 4.68
CA TYR A 102 -2.72 5.68 3.71
C TYR A 102 -2.38 4.21 3.56
N VAL A 103 -1.15 3.94 3.16
CA VAL A 103 -0.69 2.56 2.98
C VAL A 103 -1.00 1.72 4.21
N ALA A 104 -0.99 2.36 5.37
CA ALA A 104 -1.26 1.66 6.62
C ALA A 104 -2.57 0.88 6.55
N THR A 105 -3.56 1.47 5.88
CA THR A 105 -4.86 0.83 5.73
C THR A 105 -4.75 -0.50 5.00
N TYR A 106 -3.98 -0.50 3.92
CA TYR A 106 -3.79 -1.72 3.13
C TYR A 106 -3.36 -2.88 4.01
N TYR A 107 -2.56 -2.58 5.02
CA TYR A 107 -2.07 -3.61 5.94
C TYR A 107 -3.15 -3.97 6.96
N HIS A 108 -3.59 -2.98 7.73
CA HIS A 108 -4.62 -3.19 8.74
C HIS A 108 -5.85 -3.87 8.13
N TYR A 109 -6.44 -3.22 7.14
CA TYR A 109 -7.63 -3.75 6.48
C TYR A 109 -7.49 -5.25 6.25
N PHE A 110 -6.65 -5.63 5.29
CA PHE A 110 -6.42 -7.03 4.98
C PHE A 110 -6.15 -7.84 6.24
N SER A 111 -5.38 -7.26 7.16
CA SER A 111 -5.05 -7.93 8.40
C SER A 111 -6.31 -8.32 9.17
N LYS A 112 -7.28 -7.42 9.21
CA LYS A 112 -8.54 -7.66 9.90
C LYS A 112 -9.06 -9.06 9.58
N MET A 113 -9.17 -9.37 8.30
CA MET A 113 -9.67 -10.68 7.86
C MET A 113 -8.93 -11.79 8.58
N LYS A 114 -9.38 -13.03 8.37
CA LYS A 114 -8.76 -14.19 9.00
C LYS A 114 -7.25 -14.01 9.12
N ALA A 115 -6.81 -13.61 10.30
CA ALA A 115 -5.39 -13.39 10.56
C ALA A 115 -5.13 -13.10 12.03
N LEU A 116 -4.35 -13.97 12.67
CA LEU A 116 -4.03 -13.81 14.09
C LEU A 116 -3.09 -12.61 14.30
N ALA A 117 -3.19 -12.00 15.48
CA ALA A 117 -2.36 -10.85 15.80
C ALA A 117 -2.50 -10.46 17.28
N VAL A 118 -1.76 -9.44 17.68
CA VAL A 118 -1.82 -8.97 19.07
C VAL A 118 -3.20 -8.46 19.43
N GLU A 119 -4.05 -9.36 19.91
CA GLU A 119 -5.41 -8.99 20.30
C GLU A 119 -5.46 -7.58 20.87
N GLY A 120 -6.59 -6.91 20.67
CA GLY A 120 -6.73 -5.55 21.17
C GLY A 120 -8.17 -5.08 21.16
N LYS A 121 -8.37 -3.79 20.92
CA LYS A 121 -9.72 -3.21 20.89
C LYS A 121 -9.69 -1.81 20.29
N SER A 122 -10.81 -1.41 19.70
CA SER A 122 -10.91 -0.09 19.08
C SER A 122 -12.33 0.17 18.59
N GLY A 123 -12.91 1.29 19.03
CA GLY A 123 -14.26 1.63 18.62
C GLY A 123 -14.39 3.09 18.21
N PRO A 124 -13.81 3.42 17.05
CA PRO A 124 -13.84 4.79 16.51
C PRO A 124 -15.23 5.19 16.04
N SER A 125 -15.33 6.38 15.45
CA SER A 125 -16.61 6.89 14.96
C SER A 125 -16.40 7.96 13.90
N SER A 126 -17.49 8.43 13.31
CA SER A 126 -17.43 9.44 12.27
C SER A 126 -18.82 9.94 11.92
N GLY A 127 -18.92 11.23 11.60
CA GLY A 127 -20.20 11.82 11.24
C GLY A 127 -20.27 13.30 11.52
N GLY A 1 19.16 -13.26 4.92
CA GLY A 1 17.86 -12.62 5.02
C GLY A 1 17.84 -11.52 6.07
N SER A 2 16.64 -11.16 6.51
CA SER A 2 16.49 -10.11 7.52
C SER A 2 15.41 -10.49 8.54
N SER A 3 15.82 -10.60 9.80
CA SER A 3 14.88 -10.96 10.87
C SER A 3 15.15 -10.12 12.11
N GLY A 4 14.23 -9.18 12.37
CA GLY A 4 14.38 -8.31 13.53
C GLY A 4 14.68 -6.88 13.15
N SER A 5 13.67 -6.03 13.19
CA SER A 5 13.84 -4.62 12.85
C SER A 5 14.23 -3.80 14.08
N SER A 6 14.49 -2.52 13.86
CA SER A 6 14.88 -1.63 14.95
C SER A 6 14.39 -0.21 14.69
N GLY A 7 13.58 0.30 15.61
CA GLY A 7 13.05 1.65 15.47
C GLY A 7 11.62 1.66 14.95
N ALA A 8 11.04 2.85 14.84
CA ALA A 8 9.68 2.99 14.35
C ALA A 8 9.63 3.02 12.83
N LYS A 9 8.47 2.71 12.27
CA LYS A 9 8.30 2.69 10.82
C LYS A 9 9.12 1.58 10.18
N ASP A 10 9.02 0.37 10.75
CA ASP A 10 9.75 -0.77 10.23
C ASP A 10 8.80 -1.94 9.95
N ALA A 11 7.88 -2.17 10.87
CA ALA A 11 6.91 -3.26 10.72
C ALA A 11 6.13 -3.12 9.43
N LEU A 12 5.78 -1.89 9.08
CA LEU A 12 5.03 -1.62 7.85
C LEU A 12 5.92 -1.74 6.63
N LEU A 13 7.01 -0.97 6.61
CA LEU A 13 7.95 -1.00 5.50
C LEU A 13 8.26 -2.44 5.07
N LEU A 14 8.52 -3.29 6.06
CA LEU A 14 8.83 -4.69 5.79
C LEU A 14 7.66 -5.38 5.11
N TRP A 15 6.45 -5.09 5.57
CA TRP A 15 5.25 -5.69 5.00
C TRP A 15 5.18 -5.44 3.49
N CYS A 16 5.13 -4.17 3.11
CA CYS A 16 5.06 -3.80 1.70
C CYS A 16 6.22 -4.42 0.92
N GLN A 17 7.39 -4.45 1.54
CA GLN A 17 8.58 -5.01 0.89
C GLN A 17 8.38 -6.50 0.60
N MET A 18 7.78 -7.20 1.56
CA MET A 18 7.54 -8.64 1.40
C MET A 18 6.48 -8.90 0.34
N LYS A 19 5.40 -8.12 0.38
CA LYS A 19 4.31 -8.26 -0.58
C LYS A 19 4.76 -7.85 -1.98
N THR A 20 5.19 -6.59 -2.11
CA THR A 20 5.65 -6.08 -3.39
C THR A 20 6.82 -6.90 -3.93
N ALA A 21 7.50 -7.59 -3.03
CA ALA A 21 8.65 -8.42 -3.42
C ALA A 21 8.31 -9.27 -4.64
N GLY A 22 7.10 -9.83 -4.65
CA GLY A 22 6.69 -10.66 -5.76
C GLY A 22 7.16 -10.13 -7.10
N TYR A 23 7.11 -8.81 -7.26
CA TYR A 23 7.53 -8.18 -8.51
C TYR A 23 8.97 -7.68 -8.41
N PRO A 24 9.76 -7.94 -9.45
CA PRO A 24 11.16 -7.54 -9.51
C PRO A 24 11.33 -6.03 -9.64
N ASN A 25 10.62 -5.44 -10.62
CA ASN A 25 10.69 -4.01 -10.84
C ASN A 25 10.32 -3.24 -9.59
N VAL A 26 9.25 -3.68 -8.92
CA VAL A 26 8.78 -3.02 -7.71
C VAL A 26 9.80 -3.20 -6.57
N ASN A 27 9.78 -2.27 -5.62
CA ASN A 27 10.69 -2.32 -4.49
C ASN A 27 10.35 -1.24 -3.46
N VAL A 28 9.77 -1.65 -2.34
CA VAL A 28 9.39 -0.72 -1.29
C VAL A 28 10.57 -0.44 -0.36
N HIS A 29 11.49 0.41 -0.82
CA HIS A 29 12.67 0.76 -0.04
C HIS A 29 12.44 2.05 0.74
N ASN A 30 11.68 2.96 0.13
CA ASN A 30 11.38 4.24 0.75
C ASN A 30 9.87 4.48 0.83
N PHE A 31 9.48 5.61 1.42
CA PHE A 31 8.08 5.96 1.54
C PHE A 31 7.77 7.28 0.83
N THR A 32 8.59 7.60 -0.16
CA THR A 32 8.42 8.83 -0.93
C THR A 32 8.45 8.56 -2.42
N THR A 33 9.65 8.31 -2.94
CA THR A 33 9.83 8.03 -4.36
C THR A 33 9.59 6.56 -4.67
N SER A 34 8.93 5.88 -3.75
CA SER A 34 8.64 4.46 -3.92
C SER A 34 7.19 4.24 -4.36
N TRP A 35 6.34 5.21 -4.04
CA TRP A 35 4.93 5.13 -4.40
C TRP A 35 4.57 6.20 -5.42
N ARG A 36 5.39 7.24 -5.51
CA ARG A 36 5.16 8.33 -6.45
C ARG A 36 4.74 7.79 -7.81
N ASP A 37 5.42 6.73 -8.26
CA ASP A 37 5.11 6.12 -9.55
C ASP A 37 3.68 5.57 -9.57
N GLY A 38 3.32 4.84 -8.52
CA GLY A 38 1.99 4.27 -8.44
C GLY A 38 2.01 2.76 -8.34
N LEU A 39 2.82 2.13 -9.17
CA LEU A 39 2.94 0.66 -9.19
C LEU A 39 2.82 0.11 -7.78
N ALA A 40 3.67 0.59 -6.88
CA ALA A 40 3.66 0.14 -5.49
C ALA A 40 2.23 -0.14 -5.01
N PHE A 41 1.39 0.89 -5.07
CA PHE A 41 0.00 0.76 -4.64
C PHE A 41 -0.72 -0.30 -5.46
N ASN A 42 -0.44 -0.34 -6.76
CA ASN A 42 -1.07 -1.30 -7.65
C ASN A 42 -0.43 -2.68 -7.49
N ALA A 43 0.57 -2.77 -6.61
CA ALA A 43 1.25 -4.03 -6.37
C ALA A 43 0.69 -4.73 -5.13
N ILE A 44 0.23 -3.93 -4.17
CA ILE A 44 -0.33 -4.48 -2.93
C ILE A 44 -1.66 -5.18 -3.21
N VAL A 45 -2.53 -4.52 -3.97
CA VAL A 45 -3.83 -5.08 -4.30
C VAL A 45 -3.69 -6.30 -5.20
N HIS A 46 -3.19 -6.08 -6.41
CA HIS A 46 -3.00 -7.17 -7.37
C HIS A 46 -2.61 -8.46 -6.65
N LYS A 47 -1.76 -8.34 -5.64
CA LYS A 47 -1.31 -9.50 -4.87
C LYS A 47 -2.49 -10.19 -4.19
N HIS A 48 -3.34 -9.40 -3.55
CA HIS A 48 -4.51 -9.94 -2.85
C HIS A 48 -5.61 -10.28 -3.85
N ARG A 49 -5.96 -9.31 -4.69
CA ARG A 49 -7.01 -9.51 -5.68
C ARG A 49 -6.52 -9.13 -7.07
N PRO A 50 -5.87 -10.10 -7.75
CA PRO A 50 -5.34 -9.89 -9.11
C PRO A 50 -6.44 -9.75 -10.15
N ASP A 51 -7.69 -9.78 -9.69
CA ASP A 51 -8.83 -9.66 -10.59
C ASP A 51 -9.08 -8.19 -10.95
N LEU A 52 -8.99 -7.33 -9.95
CA LEU A 52 -9.22 -5.89 -10.16
C LEU A 52 -8.35 -5.37 -11.30
N LEU A 53 -7.04 -5.48 -11.13
CA LEU A 53 -6.10 -5.01 -12.15
C LEU A 53 -5.13 -6.13 -12.54
N ASP A 54 -4.30 -5.85 -13.55
CA ASP A 54 -3.32 -6.83 -14.02
C ASP A 54 -1.92 -6.44 -13.58
N PHE A 55 -1.64 -5.14 -13.57
CA PHE A 55 -0.34 -4.64 -13.18
C PHE A 55 0.74 -5.05 -14.18
N GLU A 56 0.37 -5.04 -15.46
CA GLU A 56 1.29 -5.40 -16.53
C GLU A 56 1.33 -4.33 -17.61
N SER A 57 0.20 -3.68 -17.83
CA SER A 57 0.10 -2.64 -18.84
C SER A 57 0.55 -1.29 -18.28
N LEU A 58 0.20 -1.04 -17.02
CA LEU A 58 0.55 0.22 -16.36
C LEU A 58 1.97 0.64 -16.73
N LYS A 59 2.07 1.79 -17.39
CA LYS A 59 3.37 2.32 -17.80
C LYS A 59 3.97 3.21 -16.72
N LYS A 60 5.08 2.79 -16.14
CA LYS A 60 5.75 3.56 -15.10
C LYS A 60 5.67 5.05 -15.39
N CYS A 61 5.90 5.42 -16.65
CA CYS A 61 5.86 6.81 -17.06
C CYS A 61 4.64 7.51 -16.48
N ASN A 62 3.45 7.03 -16.85
CA ASN A 62 2.20 7.60 -16.37
C ASN A 62 1.87 7.10 -14.97
N ALA A 63 1.92 8.00 -13.99
CA ALA A 63 1.63 7.64 -12.60
C ALA A 63 0.23 8.11 -12.21
N HIS A 64 -0.21 9.20 -12.82
CA HIS A 64 -1.53 9.76 -12.52
C HIS A 64 -2.61 8.68 -12.58
N TYR A 65 -2.64 7.94 -13.68
CA TYR A 65 -3.62 6.88 -13.86
C TYR A 65 -3.35 5.72 -12.90
N ASN A 66 -2.12 5.22 -12.92
CA ASN A 66 -1.72 4.11 -12.06
C ASN A 66 -2.06 4.43 -10.59
N LEU A 67 -2.01 5.71 -10.25
CA LEU A 67 -2.31 6.13 -8.88
C LEU A 67 -3.81 6.09 -8.61
N GLN A 68 -4.55 6.94 -9.30
CA GLN A 68 -6.00 7.01 -9.13
C GLN A 68 -6.62 5.61 -9.25
N ASN A 69 -6.03 4.79 -10.10
CA ASN A 69 -6.53 3.43 -10.32
C ASN A 69 -6.61 2.67 -8.99
N ALA A 70 -5.46 2.54 -8.34
CA ALA A 70 -5.39 1.84 -7.05
C ALA A 70 -6.16 2.58 -5.98
N PHE A 71 -6.00 3.91 -5.94
CA PHE A 71 -6.68 4.74 -4.96
C PHE A 71 -8.19 4.51 -5.00
N ASN A 72 -8.76 4.62 -6.20
CA ASN A 72 -10.19 4.43 -6.38
C ASN A 72 -10.56 2.96 -6.30
N LEU A 73 -9.86 2.13 -7.08
CA LEU A 73 -10.12 0.70 -7.09
C LEU A 73 -10.43 0.18 -5.70
N ALA A 74 -9.59 0.52 -4.73
CA ALA A 74 -9.78 0.11 -3.36
C ALA A 74 -10.95 0.84 -2.72
N GLU A 75 -10.94 2.17 -2.83
CA GLU A 75 -11.99 2.99 -2.26
C GLU A 75 -13.37 2.47 -2.68
N LYS A 76 -13.40 1.66 -3.72
CA LYS A 76 -14.65 1.09 -4.22
C LYS A 76 -14.77 -0.38 -3.84
N GLU A 77 -13.79 -1.18 -4.25
CA GLU A 77 -13.79 -2.61 -3.96
C GLU A 77 -13.65 -2.85 -2.46
N LEU A 78 -12.47 -2.57 -1.92
CA LEU A 78 -12.20 -2.75 -0.50
C LEU A 78 -13.19 -1.95 0.35
N GLY A 79 -13.30 -0.66 0.06
CA GLY A 79 -14.22 0.20 0.79
C GLY A 79 -13.48 1.16 1.72
N LEU A 80 -12.30 1.59 1.30
CA LEU A 80 -11.51 2.51 2.10
C LEU A 80 -11.84 3.96 1.74
N THR A 81 -11.37 4.89 2.58
CA THR A 81 -11.62 6.31 2.34
C THR A 81 -10.39 6.99 1.77
N LYS A 82 -10.45 7.34 0.49
CA LYS A 82 -9.34 7.99 -0.18
C LYS A 82 -8.79 9.14 0.66
N LEU A 83 -7.64 8.90 1.28
CA LEU A 83 -7.01 9.91 2.13
C LEU A 83 -6.09 10.81 1.30
N LEU A 84 -5.40 10.22 0.34
CA LEU A 84 -4.48 10.96 -0.52
C LEU A 84 -5.05 11.09 -1.93
N ASP A 85 -4.27 11.67 -2.82
CA ASP A 85 -4.69 11.86 -4.21
C ASP A 85 -3.57 11.51 -5.17
N PRO A 86 -3.95 11.11 -6.40
CA PRO A 86 -2.98 10.73 -7.44
C PRO A 86 -2.20 11.93 -7.97
N GLU A 87 -2.52 13.11 -7.44
CA GLU A 87 -1.84 14.33 -7.86
C GLU A 87 -0.94 14.87 -6.75
N ASP A 88 -1.46 14.89 -5.53
CA ASP A 88 -0.71 15.38 -4.38
C ASP A 88 0.49 14.48 -4.10
N VAL A 89 0.26 13.17 -4.12
CA VAL A 89 1.33 12.21 -3.86
C VAL A 89 2.36 12.23 -4.98
N ASN A 90 1.89 12.24 -6.22
CA ASN A 90 2.78 12.26 -7.38
C ASN A 90 3.62 13.53 -7.39
N VAL A 91 4.79 13.46 -6.74
CA VAL A 91 5.69 14.61 -6.68
C VAL A 91 7.13 14.15 -6.52
N ASP A 92 8.07 15.07 -6.77
CA ASP A 92 9.48 14.76 -6.65
C ASP A 92 9.79 14.16 -5.29
N GLN A 93 9.40 14.85 -4.23
CA GLN A 93 9.64 14.38 -2.88
C GLN A 93 8.39 14.55 -2.01
N PRO A 94 7.48 13.57 -2.10
CA PRO A 94 6.22 13.58 -1.34
C PRO A 94 6.45 13.38 0.15
N ASP A 95 5.43 13.65 0.95
CA ASP A 95 5.52 13.48 2.40
C ASP A 95 5.29 12.03 2.79
N GLU A 96 6.37 11.34 3.16
CA GLU A 96 6.28 9.94 3.55
C GLU A 96 5.28 9.76 4.69
N LYS A 97 5.14 10.80 5.52
CA LYS A 97 4.22 10.75 6.65
C LYS A 97 2.77 10.73 6.17
N SER A 98 2.52 11.39 5.04
CA SER A 98 1.18 11.46 4.48
C SER A 98 0.85 10.18 3.71
N ILE A 99 1.88 9.38 3.43
CA ILE A 99 1.70 8.14 2.69
C ILE A 99 1.64 6.94 3.64
N ILE A 100 2.56 6.92 4.60
CA ILE A 100 2.61 5.84 5.58
C ILE A 100 1.27 5.65 6.27
N THR A 101 0.52 6.74 6.41
CA THR A 101 -0.79 6.70 7.05
C THR A 101 -1.83 6.06 6.13
N TYR A 102 -1.71 6.34 4.84
CA TYR A 102 -2.64 5.79 3.85
C TYR A 102 -2.41 4.31 3.65
N VAL A 103 -1.16 3.94 3.37
CA VAL A 103 -0.81 2.54 3.15
C VAL A 103 -1.13 1.70 4.37
N ALA A 104 -1.11 2.33 5.54
CA ALA A 104 -1.41 1.64 6.80
C ALA A 104 -2.80 1.01 6.76
N THR A 105 -3.73 1.67 6.08
CA THR A 105 -5.10 1.19 5.97
C THR A 105 -5.16 -0.11 5.18
N TYR A 106 -4.26 -0.25 4.22
CA TYR A 106 -4.21 -1.45 3.38
C TYR A 106 -3.84 -2.67 4.21
N TYR A 107 -3.00 -2.47 5.22
CA TYR A 107 -2.57 -3.55 6.09
C TYR A 107 -3.63 -3.85 7.15
N HIS A 108 -3.96 -2.84 7.95
CA HIS A 108 -4.96 -2.99 9.00
C HIS A 108 -6.26 -3.56 8.44
N TYR A 109 -6.56 -3.20 7.19
CA TYR A 109 -7.78 -3.67 6.54
C TYR A 109 -7.72 -5.17 6.29
N PHE A 110 -6.83 -5.58 5.39
CA PHE A 110 -6.67 -6.98 5.06
C PHE A 110 -6.48 -7.83 6.31
N SER A 111 -5.66 -7.33 7.23
CA SER A 111 -5.39 -8.04 8.48
C SER A 111 -6.68 -8.53 9.12
N LYS A 112 -7.66 -7.63 9.21
CA LYS A 112 -8.95 -7.97 9.81
C LYS A 112 -9.41 -9.35 9.37
N MET A 113 -9.33 -9.62 8.07
CA MET A 113 -9.74 -10.91 7.54
C MET A 113 -8.97 -12.04 8.22
N LYS A 114 -9.65 -13.15 8.47
CA LYS A 114 -9.04 -14.31 9.12
C LYS A 114 -8.72 -14.01 10.57
N ALA A 115 -9.58 -13.21 11.21
CA ALA A 115 -9.39 -12.86 12.62
C ALA A 115 -10.68 -12.29 13.22
N LEU A 116 -10.70 -12.17 14.53
CA LEU A 116 -11.87 -11.64 15.23
C LEU A 116 -11.73 -10.14 15.47
N ALA A 117 -12.47 -9.35 14.69
CA ALA A 117 -12.42 -7.90 14.82
C ALA A 117 -13.82 -7.31 14.88
N VAL A 118 -13.91 -6.04 15.26
CA VAL A 118 -15.21 -5.35 15.35
C VAL A 118 -15.99 -5.47 14.05
N GLU A 119 -17.25 -5.86 14.15
CA GLU A 119 -18.11 -6.01 12.98
C GLU A 119 -18.65 -4.66 12.53
N GLY A 120 -19.00 -4.56 11.24
CA GLY A 120 -19.52 -3.31 10.71
C GLY A 120 -19.20 -3.13 9.24
N LYS A 121 -20.04 -3.71 8.38
CA LYS A 121 -19.84 -3.62 6.94
C LYS A 121 -21.00 -2.87 6.28
N SER A 122 -20.71 -2.17 5.19
CA SER A 122 -21.72 -1.42 4.46
C SER A 122 -22.16 -2.17 3.20
N GLY A 123 -23.32 -1.80 2.68
CA GLY A 123 -23.84 -2.44 1.48
C GLY A 123 -23.97 -1.47 0.31
N PRO A 124 -22.82 -1.06 -0.24
CA PRO A 124 -22.78 -0.13 -1.37
C PRO A 124 -23.30 -0.76 -2.66
N SER A 125 -23.71 -2.02 -2.57
CA SER A 125 -24.22 -2.74 -3.73
C SER A 125 -25.01 -1.81 -4.64
N SER A 126 -24.52 -1.62 -5.87
CA SER A 126 -25.17 -0.75 -6.83
C SER A 126 -25.69 -1.56 -8.02
N GLY A 127 -26.99 -1.47 -8.27
CA GLY A 127 -27.59 -2.20 -9.37
C GLY A 127 -28.79 -3.01 -8.95
N GLY A 1 22.89 -6.56 25.84
CA GLY A 1 22.66 -6.75 24.42
C GLY A 1 21.19 -6.75 24.06
N SER A 2 20.62 -5.56 23.88
CA SER A 2 19.20 -5.44 23.54
C SER A 2 18.95 -5.83 22.08
N SER A 3 18.00 -6.73 21.87
CA SER A 3 17.67 -7.19 20.53
C SER A 3 16.20 -6.94 20.22
N GLY A 4 15.93 -6.26 19.12
CA GLY A 4 14.57 -5.96 18.73
C GLY A 4 13.98 -4.80 19.51
N SER A 5 13.94 -3.63 18.89
CA SER A 5 13.41 -2.44 19.54
C SER A 5 12.17 -1.94 18.82
N SER A 6 11.26 -1.31 19.56
CA SER A 6 10.03 -0.80 18.99
C SER A 6 10.29 -0.07 17.68
N GLY A 7 9.60 -0.49 16.63
CA GLY A 7 9.78 0.13 15.32
C GLY A 7 8.57 -0.05 14.43
N ALA A 8 7.48 0.64 14.77
CA ALA A 8 6.25 0.56 13.99
C ALA A 8 6.51 0.87 12.52
N LYS A 9 6.93 2.11 12.26
CA LYS A 9 7.20 2.55 10.90
C LYS A 9 7.96 1.47 10.12
N ASP A 10 9.05 0.98 10.69
CA ASP A 10 9.85 -0.05 10.06
C ASP A 10 9.02 -1.31 9.80
N ALA A 11 8.30 -1.76 10.82
CA ALA A 11 7.45 -2.94 10.69
C ALA A 11 6.63 -2.89 9.41
N LEU A 12 6.10 -1.72 9.09
CA LEU A 12 5.29 -1.54 7.90
C LEU A 12 6.15 -1.64 6.64
N LEU A 13 7.14 -0.75 6.54
CA LEU A 13 8.03 -0.73 5.39
C LEU A 13 8.38 -2.15 4.95
N LEU A 14 8.64 -3.02 5.91
CA LEU A 14 8.97 -4.42 5.62
C LEU A 14 7.80 -5.14 4.98
N TRP A 15 6.61 -4.96 5.56
CA TRP A 15 5.40 -5.60 5.05
C TRP A 15 5.29 -5.41 3.54
N CYS A 16 5.18 -4.15 3.11
CA CYS A 16 5.06 -3.83 1.69
C CYS A 16 6.23 -4.42 0.91
N GLN A 17 7.41 -4.39 1.52
CA GLN A 17 8.61 -4.92 0.87
C GLN A 17 8.46 -6.41 0.57
N MET A 18 7.96 -7.15 1.55
CA MET A 18 7.77 -8.59 1.40
C MET A 18 6.75 -8.89 0.30
N LYS A 19 5.60 -8.23 0.40
CA LYS A 19 4.53 -8.42 -0.58
C LYS A 19 4.99 -8.01 -1.98
N THR A 20 5.36 -6.75 -2.13
CA THR A 20 5.83 -6.23 -3.41
C THR A 20 6.92 -7.11 -3.99
N ALA A 21 7.72 -7.71 -3.12
CA ALA A 21 8.80 -8.58 -3.55
C ALA A 21 8.38 -9.45 -4.73
N GLY A 22 7.20 -10.05 -4.62
CA GLY A 22 6.70 -10.89 -5.69
C GLY A 22 7.05 -10.36 -7.06
N TYR A 23 6.91 -9.04 -7.24
CA TYR A 23 7.20 -8.41 -8.52
C TYR A 23 8.59 -7.78 -8.51
N PRO A 24 9.34 -7.97 -9.60
CA PRO A 24 10.69 -7.43 -9.74
C PRO A 24 10.70 -5.92 -9.90
N ASN A 25 9.87 -5.41 -10.80
CA ASN A 25 9.78 -3.98 -11.04
C ASN A 25 9.38 -3.24 -9.78
N VAL A 26 8.38 -3.77 -9.08
CA VAL A 26 7.90 -3.16 -7.85
C VAL A 26 8.94 -3.26 -6.75
N ASN A 27 9.12 -2.16 -6.01
CA ASN A 27 10.09 -2.13 -4.92
C ASN A 27 9.72 -1.07 -3.89
N VAL A 28 9.71 -1.44 -2.62
CA VAL A 28 9.38 -0.53 -1.55
C VAL A 28 10.58 -0.29 -0.63
N HIS A 29 11.46 0.61 -1.03
CA HIS A 29 12.65 0.92 -0.25
C HIS A 29 12.40 2.12 0.66
N ASN A 30 11.61 3.07 0.17
CA ASN A 30 11.29 4.27 0.94
C ASN A 30 9.81 4.59 0.85
N PHE A 31 9.35 5.51 1.70
CA PHE A 31 7.95 5.91 1.71
C PHE A 31 7.76 7.24 0.99
N THR A 32 8.61 7.49 0.00
CA THR A 32 8.53 8.73 -0.77
C THR A 32 8.61 8.46 -2.27
N THR A 33 9.80 8.07 -2.73
CA THR A 33 10.01 7.78 -4.13
C THR A 33 9.67 6.33 -4.46
N SER A 34 8.68 5.80 -3.76
CA SER A 34 8.25 4.42 -3.97
C SER A 34 6.79 4.36 -4.40
N TRP A 35 6.00 5.32 -3.94
CA TRP A 35 4.58 5.38 -4.28
C TRP A 35 4.29 6.56 -5.19
N ARG A 36 5.34 7.23 -5.63
CA ARG A 36 5.19 8.38 -6.51
C ARG A 36 4.53 7.98 -7.83
N ASP A 37 5.02 6.92 -8.44
CA ASP A 37 4.47 6.43 -9.70
C ASP A 37 3.07 5.87 -9.50
N GLY A 38 2.94 4.86 -8.66
CA GLY A 38 1.65 4.26 -8.40
C GLY A 38 1.71 2.75 -8.32
N LEU A 39 2.53 2.14 -9.17
CA LEU A 39 2.68 0.70 -9.19
C LEU A 39 2.57 0.11 -7.78
N ALA A 40 3.39 0.62 -6.87
CA ALA A 40 3.39 0.15 -5.49
C ALA A 40 1.97 -0.14 -5.02
N PHE A 41 1.11 0.88 -5.05
CA PHE A 41 -0.27 0.73 -4.62
C PHE A 41 -1.00 -0.30 -5.49
N ASN A 42 -0.68 -0.32 -6.77
CA ASN A 42 -1.30 -1.24 -7.71
C ASN A 42 -0.69 -2.63 -7.59
N ALA A 43 0.22 -2.79 -6.62
CA ALA A 43 0.88 -4.07 -6.39
C ALA A 43 0.31 -4.77 -5.16
N ILE A 44 0.02 -4.00 -4.12
CA ILE A 44 -0.53 -4.55 -2.89
C ILE A 44 -1.86 -5.24 -3.14
N VAL A 45 -2.74 -4.56 -3.88
CA VAL A 45 -4.05 -5.11 -4.20
C VAL A 45 -3.93 -6.35 -5.07
N HIS A 46 -3.40 -6.18 -6.28
CA HIS A 46 -3.23 -7.29 -7.21
C HIS A 46 -2.85 -8.56 -6.48
N LYS A 47 -1.90 -8.46 -5.56
CA LYS A 47 -1.44 -9.60 -4.78
C LYS A 47 -2.62 -10.25 -4.04
N HIS A 48 -3.42 -9.44 -3.38
CA HIS A 48 -4.58 -9.94 -2.65
C HIS A 48 -5.69 -10.36 -3.60
N ARG A 49 -6.12 -9.44 -4.45
CA ARG A 49 -7.17 -9.71 -5.42
C ARG A 49 -6.67 -9.54 -6.85
N PRO A 50 -6.15 -10.63 -7.43
CA PRO A 50 -5.63 -10.62 -8.80
C PRO A 50 -6.73 -10.46 -9.85
N ASP A 51 -7.96 -10.27 -9.37
CA ASP A 51 -9.11 -10.10 -10.27
C ASP A 51 -9.36 -8.62 -10.54
N LEU A 52 -9.36 -7.81 -9.49
CA LEU A 52 -9.60 -6.39 -9.62
C LEU A 52 -8.84 -5.82 -10.81
N LEU A 53 -7.52 -5.89 -10.76
CA LEU A 53 -6.68 -5.38 -11.84
C LEU A 53 -5.75 -6.47 -12.35
N ASP A 54 -4.93 -6.12 -13.34
CA ASP A 54 -3.98 -7.06 -13.92
C ASP A 54 -2.54 -6.70 -13.54
N PHE A 55 -2.24 -5.41 -13.57
CA PHE A 55 -0.91 -4.93 -13.23
C PHE A 55 0.11 -5.40 -14.25
N GLU A 56 -0.33 -5.59 -15.49
CA GLU A 56 0.54 -6.04 -16.56
C GLU A 56 0.51 -5.07 -17.74
N SER A 57 -0.63 -4.41 -17.92
CA SER A 57 -0.79 -3.46 -19.02
C SER A 57 -0.30 -2.08 -18.61
N LEU A 58 -0.51 -1.73 -17.35
CA LEU A 58 -0.09 -0.43 -16.83
C LEU A 58 1.27 -0.03 -17.40
N LYS A 59 1.39 1.22 -17.81
CA LYS A 59 2.64 1.72 -18.38
C LYS A 59 3.31 2.70 -17.43
N LYS A 60 4.52 2.36 -16.99
CA LYS A 60 5.27 3.20 -16.08
C LYS A 60 5.20 4.67 -16.50
N CYS A 61 5.35 4.92 -17.80
CA CYS A 61 5.30 6.28 -18.33
C CYS A 61 4.27 7.11 -17.58
N ASN A 62 3.01 6.67 -17.64
CA ASN A 62 1.92 7.38 -16.97
C ASN A 62 1.82 6.96 -15.51
N ALA A 63 1.78 7.94 -14.62
CA ALA A 63 1.67 7.68 -13.19
C ALA A 63 0.30 8.07 -12.66
N HIS A 64 -0.16 9.25 -13.04
CA HIS A 64 -1.46 9.75 -12.60
C HIS A 64 -2.52 8.65 -12.69
N TYR A 65 -2.62 8.03 -13.86
CA TYR A 65 -3.59 6.96 -14.08
C TYR A 65 -3.38 5.82 -13.10
N ASN A 66 -2.16 5.30 -13.08
CA ASN A 66 -1.82 4.19 -12.18
C ASN A 66 -2.23 4.50 -10.75
N LEU A 67 -1.98 5.74 -10.33
CA LEU A 67 -2.33 6.18 -8.98
C LEU A 67 -3.84 6.18 -8.77
N GLN A 68 -4.52 7.08 -9.47
CA GLN A 68 -5.97 7.19 -9.37
C GLN A 68 -6.62 5.82 -9.49
N ASN A 69 -6.06 4.97 -10.34
CA ASN A 69 -6.60 3.63 -10.56
C ASN A 69 -6.72 2.88 -9.24
N ALA A 70 -5.63 2.80 -8.50
CA ALA A 70 -5.61 2.11 -7.22
C ALA A 70 -6.53 2.80 -6.21
N PHE A 71 -6.34 4.11 -6.06
CA PHE A 71 -7.14 4.90 -5.13
C PHE A 71 -8.63 4.61 -5.32
N ASN A 72 -9.05 4.52 -6.59
CA ASN A 72 -10.44 4.26 -6.91
C ASN A 72 -10.81 2.81 -6.58
N LEU A 73 -10.10 1.87 -7.19
CA LEU A 73 -10.35 0.45 -6.96
C LEU A 73 -10.47 0.16 -5.47
N ALA A 74 -9.46 0.57 -4.71
CA ALA A 74 -9.45 0.35 -3.28
C ALA A 74 -10.61 1.09 -2.60
N GLU A 75 -11.09 2.14 -3.25
CA GLU A 75 -12.19 2.93 -2.71
C GLU A 75 -13.53 2.39 -3.18
N LYS A 76 -13.49 1.52 -4.19
CA LYS A 76 -14.71 0.93 -4.74
C LYS A 76 -14.86 -0.52 -4.27
N GLU A 77 -13.93 -1.36 -4.67
CA GLU A 77 -13.98 -2.78 -4.29
C GLU A 77 -13.89 -2.93 -2.78
N LEU A 78 -12.72 -2.61 -2.22
CA LEU A 78 -12.50 -2.71 -0.79
C LEU A 78 -13.42 -1.76 -0.02
N GLY A 79 -13.46 -0.51 -0.46
CA GLY A 79 -14.30 0.48 0.19
C GLY A 79 -13.53 1.35 1.16
N LEU A 80 -12.33 1.76 0.76
CA LEU A 80 -11.50 2.60 1.61
C LEU A 80 -11.53 4.05 1.15
N THR A 81 -11.18 4.96 2.04
CA THR A 81 -11.18 6.38 1.72
C THR A 81 -9.79 6.85 1.31
N LYS A 82 -9.64 7.18 0.03
CA LYS A 82 -8.36 7.65 -0.51
C LYS A 82 -7.92 8.92 0.19
N LEU A 83 -7.21 8.77 1.31
CA LEU A 83 -6.71 9.91 2.07
C LEU A 83 -5.82 10.79 1.21
N LEU A 84 -5.02 10.17 0.35
CA LEU A 84 -4.12 10.90 -0.53
C LEU A 84 -4.74 11.09 -1.91
N ASP A 85 -4.00 11.73 -2.80
CA ASP A 85 -4.47 11.98 -4.15
C ASP A 85 -3.40 11.62 -5.18
N PRO A 86 -3.85 11.24 -6.39
CA PRO A 86 -2.94 10.85 -7.48
C PRO A 86 -2.16 12.04 -8.03
N GLU A 87 -2.39 13.21 -7.46
CA GLU A 87 -1.71 14.43 -7.89
C GLU A 87 -0.80 14.96 -6.78
N ASP A 88 -1.26 14.85 -5.55
CA ASP A 88 -0.50 15.33 -4.39
C ASP A 88 0.70 14.41 -4.13
N VAL A 89 0.46 13.10 -4.16
CA VAL A 89 1.51 12.13 -3.92
C VAL A 89 2.59 12.20 -5.00
N ASN A 90 2.16 12.22 -6.26
CA ASN A 90 3.09 12.29 -7.38
C ASN A 90 3.90 13.57 -7.34
N VAL A 91 5.03 13.52 -6.64
CA VAL A 91 5.91 14.68 -6.50
C VAL A 91 7.35 14.26 -6.24
N ASP A 92 8.27 15.21 -6.36
CA ASP A 92 9.69 14.93 -6.13
C ASP A 92 9.88 14.23 -4.78
N GLN A 93 9.38 14.85 -3.72
CA GLN A 93 9.51 14.29 -2.37
C GLN A 93 8.18 14.37 -1.62
N PRO A 94 7.31 13.38 -1.84
CA PRO A 94 6.00 13.32 -1.19
C PRO A 94 6.10 13.03 0.30
N ASP A 95 5.37 13.81 1.10
CA ASP A 95 5.39 13.63 2.54
C ASP A 95 5.20 12.17 2.92
N GLU A 96 6.32 11.48 3.17
CA GLU A 96 6.28 10.07 3.54
C GLU A 96 5.29 9.82 4.67
N LYS A 97 5.28 10.72 5.66
CA LYS A 97 4.39 10.60 6.79
C LYS A 97 2.94 10.58 6.34
N SER A 98 2.64 11.33 5.29
CA SER A 98 1.27 11.39 4.75
C SER A 98 0.92 10.11 4.02
N ILE A 99 1.93 9.29 3.74
CA ILE A 99 1.73 8.03 3.04
C ILE A 99 1.69 6.86 4.02
N ILE A 100 2.68 6.80 4.90
CA ILE A 100 2.76 5.74 5.89
C ILE A 100 1.43 5.56 6.61
N THR A 101 0.72 6.66 6.82
CA THR A 101 -0.56 6.62 7.50
C THR A 101 -1.64 6.02 6.61
N TYR A 102 -1.57 6.35 5.32
CA TYR A 102 -2.55 5.84 4.36
C TYR A 102 -2.30 4.37 4.05
N VAL A 103 -1.08 4.06 3.61
CA VAL A 103 -0.71 2.69 3.27
C VAL A 103 -0.91 1.77 4.46
N ALA A 104 -0.94 2.35 5.67
CA ALA A 104 -1.12 1.57 6.88
C ALA A 104 -2.50 0.91 6.92
N THR A 105 -3.46 1.56 6.26
CA THR A 105 -4.82 1.03 6.21
C THR A 105 -4.89 -0.27 5.43
N TYR A 106 -4.15 -0.33 4.32
CA TYR A 106 -4.13 -1.52 3.48
C TYR A 106 -3.70 -2.74 4.29
N TYR A 107 -2.79 -2.53 5.23
CA TYR A 107 -2.29 -3.62 6.06
C TYR A 107 -3.28 -3.95 7.18
N HIS A 108 -3.82 -2.91 7.80
CA HIS A 108 -4.78 -3.09 8.89
C HIS A 108 -6.04 -3.79 8.39
N TYR A 109 -6.65 -3.23 7.36
CA TYR A 109 -7.87 -3.80 6.79
C TYR A 109 -7.67 -5.28 6.47
N PHE A 110 -6.75 -5.57 5.56
CA PHE A 110 -6.46 -6.94 5.17
C PHE A 110 -6.07 -7.78 6.38
N SER A 111 -5.28 -7.19 7.27
CA SER A 111 -4.83 -7.88 8.46
C SER A 111 -6.00 -8.55 9.18
N LYS A 112 -7.04 -7.77 9.44
CA LYS A 112 -8.22 -8.29 10.12
C LYS A 112 -8.50 -9.73 9.73
N MET A 113 -8.51 -10.01 8.42
CA MET A 113 -8.75 -11.35 7.92
C MET A 113 -7.47 -12.17 7.93
N LYS A 114 -7.48 -13.27 8.67
CA LYS A 114 -6.32 -14.15 8.77
C LYS A 114 -5.09 -13.37 9.21
N ALA A 115 -5.27 -12.49 10.20
CA ALA A 115 -4.17 -11.69 10.71
C ALA A 115 -2.99 -12.56 11.12
N LEU A 116 -2.00 -12.67 10.24
CA LEU A 116 -0.82 -13.48 10.50
C LEU A 116 -0.44 -13.41 11.97
N ALA A 117 -0.49 -12.21 12.54
CA ALA A 117 -0.14 -12.03 13.95
C ALA A 117 -0.56 -13.22 14.78
N VAL A 118 0.38 -13.75 15.57
CA VAL A 118 0.09 -14.90 16.41
C VAL A 118 -0.94 -14.56 17.48
N GLU A 119 -1.30 -15.56 18.29
CA GLU A 119 -2.28 -15.36 19.34
C GLU A 119 -1.67 -15.65 20.72
N GLY A 120 -2.44 -15.40 21.77
CA GLY A 120 -1.96 -15.64 23.11
C GLY A 120 -1.58 -17.08 23.34
N LYS A 121 -0.30 -17.39 23.16
CA LYS A 121 0.19 -18.75 23.36
C LYS A 121 1.71 -18.78 23.42
N SER A 122 2.26 -19.77 24.12
CA SER A 122 3.71 -19.90 24.27
C SER A 122 4.40 -19.70 22.93
N GLY A 123 5.63 -19.20 22.97
CA GLY A 123 6.39 -18.96 21.76
C GLY A 123 7.00 -17.58 21.71
N PRO A 124 7.17 -17.04 20.49
CA PRO A 124 7.74 -15.70 20.29
C PRO A 124 6.81 -14.59 20.77
N SER A 125 5.64 -14.97 21.25
CA SER A 125 4.65 -14.01 21.74
C SER A 125 5.35 -12.81 22.39
N SER A 126 4.81 -11.62 22.15
CA SER A 126 5.36 -10.40 22.71
C SER A 126 5.63 -10.56 24.21
N GLY A 127 6.58 -9.78 24.72
CA GLY A 127 6.92 -9.86 26.13
C GLY A 127 8.30 -10.43 26.37
N GLY A 1 14.10 -11.20 13.88
CA GLY A 1 13.10 -10.17 14.01
C GLY A 1 12.98 -9.65 15.43
N SER A 2 12.15 -8.62 15.62
CA SER A 2 11.95 -8.03 16.93
C SER A 2 11.43 -9.06 17.93
N SER A 3 12.10 -9.16 19.06
CA SER A 3 11.71 -10.11 20.10
C SER A 3 10.57 -9.55 20.95
N GLY A 4 10.82 -8.44 21.62
CA GLY A 4 9.81 -7.83 22.46
C GLY A 4 9.19 -6.61 21.81
N SER A 5 9.69 -5.42 22.18
CA SER A 5 9.17 -4.17 21.63
C SER A 5 9.27 -4.16 20.11
N SER A 6 8.36 -3.45 19.46
CA SER A 6 8.34 -3.35 18.01
C SER A 6 8.03 -1.93 17.56
N GLY A 7 8.32 -1.64 16.29
CA GLY A 7 8.07 -0.31 15.77
C GLY A 7 6.78 -0.25 14.97
N ALA A 8 6.51 0.91 14.37
CA ALA A 8 5.31 1.10 13.58
C ALA A 8 5.64 1.36 12.11
N LYS A 9 6.48 2.35 11.87
CA LYS A 9 6.88 2.70 10.51
C LYS A 9 7.64 1.56 9.86
N ASP A 10 8.63 1.02 10.57
CA ASP A 10 9.43 -0.08 10.07
C ASP A 10 8.56 -1.32 9.83
N ALA A 11 7.79 -1.70 10.83
CA ALA A 11 6.91 -2.85 10.72
C ALA A 11 6.10 -2.82 9.43
N LEU A 12 5.57 -1.65 9.11
CA LEU A 12 4.77 -1.47 7.91
C LEU A 12 5.62 -1.68 6.66
N LEU A 13 6.65 -0.84 6.50
CA LEU A 13 7.54 -0.93 5.35
C LEU A 13 7.83 -2.39 4.99
N LEU A 14 8.21 -3.17 5.99
CA LEU A 14 8.51 -4.58 5.79
C LEU A 14 7.35 -5.30 5.10
N TRP A 15 6.15 -5.12 5.64
CA TRP A 15 4.96 -5.74 5.07
C TRP A 15 4.88 -5.49 3.57
N CYS A 16 4.84 -4.22 3.18
CA CYS A 16 4.77 -3.86 1.77
C CYS A 16 5.91 -4.49 0.98
N GLN A 17 7.09 -4.51 1.57
CA GLN A 17 8.26 -5.09 0.92
C GLN A 17 8.03 -6.57 0.61
N MET A 18 7.53 -7.31 1.59
CA MET A 18 7.26 -8.73 1.41
C MET A 18 6.30 -8.96 0.25
N LYS A 19 5.17 -8.26 0.28
CA LYS A 19 4.16 -8.39 -0.76
C LYS A 19 4.73 -7.97 -2.12
N THR A 20 5.24 -6.75 -2.19
CA THR A 20 5.80 -6.23 -3.43
C THR A 20 6.93 -7.13 -3.93
N ALA A 21 7.58 -7.83 -3.01
CA ALA A 21 8.67 -8.72 -3.37
C ALA A 21 8.41 -9.39 -4.71
N GLY A 22 7.31 -10.12 -4.80
CA GLY A 22 6.97 -10.80 -6.03
C GLY A 22 7.37 -10.02 -7.27
N TYR A 23 7.02 -8.74 -7.29
CA TYR A 23 7.35 -7.87 -8.42
C TYR A 23 8.83 -7.51 -8.42
N PRO A 24 9.55 -7.98 -9.44
CA PRO A 24 10.99 -7.72 -9.58
C PRO A 24 11.29 -6.26 -9.91
N ASN A 25 10.30 -5.59 -10.51
CA ASN A 25 10.46 -4.18 -10.89
C ASN A 25 9.93 -3.27 -9.80
N VAL A 26 9.80 -3.81 -8.59
CA VAL A 26 9.31 -3.04 -7.45
C VAL A 26 10.19 -3.25 -6.23
N ASN A 27 10.31 -2.21 -5.40
CA ASN A 27 11.12 -2.28 -4.19
C ASN A 27 10.76 -1.15 -3.23
N VAL A 28 10.08 -1.50 -2.15
CA VAL A 28 9.67 -0.52 -1.15
C VAL A 28 10.84 -0.16 -0.23
N HIS A 29 11.74 0.66 -0.73
CA HIS A 29 12.90 1.09 0.05
C HIS A 29 12.61 2.37 0.82
N ASN A 30 11.73 3.20 0.26
CA ASN A 30 11.36 4.46 0.89
C ASN A 30 9.84 4.63 0.91
N PHE A 31 9.38 5.74 1.47
CA PHE A 31 7.96 6.03 1.55
C PHE A 31 7.62 7.32 0.79
N THR A 32 8.40 7.61 -0.24
CA THR A 32 8.19 8.82 -1.04
C THR A 32 8.25 8.50 -2.52
N THR A 33 9.46 8.23 -3.02
CA THR A 33 9.65 7.90 -4.43
C THR A 33 9.34 6.45 -4.71
N SER A 34 8.82 5.75 -3.70
CA SER A 34 8.46 4.35 -3.85
C SER A 34 7.00 4.18 -4.24
N TRP A 35 6.19 5.17 -3.89
CA TRP A 35 4.76 5.15 -4.21
C TRP A 35 4.41 6.22 -5.23
N ARG A 36 5.34 7.14 -5.46
CA ARG A 36 5.12 8.23 -6.41
C ARG A 36 4.63 7.69 -7.74
N ASP A 37 5.33 6.69 -8.28
CA ASP A 37 4.97 6.08 -9.55
C ASP A 37 3.56 5.50 -9.49
N GLY A 38 3.28 4.78 -8.41
CA GLY A 38 1.97 4.18 -8.25
C GLY A 38 2.02 2.66 -8.20
N LEU A 39 2.91 2.07 -8.99
CA LEU A 39 3.06 0.62 -9.03
C LEU A 39 2.85 0.02 -7.65
N ALA A 40 3.67 0.42 -6.69
CA ALA A 40 3.57 -0.08 -5.33
C ALA A 40 2.12 -0.31 -4.94
N PHE A 41 1.31 0.74 -5.05
CA PHE A 41 -0.11 0.65 -4.71
C PHE A 41 -0.81 -0.42 -5.54
N ASN A 42 -0.43 -0.51 -6.81
CA ASN A 42 -1.02 -1.50 -7.71
C ASN A 42 -0.42 -2.88 -7.47
N ALA A 43 0.55 -2.95 -6.57
CA ALA A 43 1.20 -4.21 -6.23
C ALA A 43 0.57 -4.85 -5.00
N ILE A 44 0.08 -4.01 -4.10
CA ILE A 44 -0.54 -4.48 -2.88
C ILE A 44 -1.88 -5.16 -3.16
N VAL A 45 -2.73 -4.49 -3.92
CA VAL A 45 -4.04 -5.03 -4.28
C VAL A 45 -3.91 -6.20 -5.24
N HIS A 46 -3.39 -5.92 -6.43
CA HIS A 46 -3.20 -6.96 -7.45
C HIS A 46 -2.79 -8.28 -6.80
N LYS A 47 -1.97 -8.20 -5.76
CA LYS A 47 -1.51 -9.39 -5.06
C LYS A 47 -2.68 -10.15 -4.44
N HIS A 48 -3.56 -9.42 -3.76
CA HIS A 48 -4.72 -10.02 -3.11
C HIS A 48 -5.79 -10.37 -4.14
N ARG A 49 -6.05 -9.43 -5.04
CA ARG A 49 -7.05 -9.62 -6.08
C ARG A 49 -6.53 -9.17 -7.44
N PRO A 50 -5.90 -10.10 -8.18
CA PRO A 50 -5.33 -9.82 -9.50
C PRO A 50 -6.42 -9.58 -10.55
N ASP A 51 -7.68 -9.63 -10.12
CA ASP A 51 -8.80 -9.43 -11.02
C ASP A 51 -9.17 -7.95 -11.10
N LEU A 52 -9.00 -7.24 -9.99
CA LEU A 52 -9.33 -5.81 -9.93
C LEU A 52 -8.56 -5.05 -11.01
N LEU A 53 -7.24 -5.11 -10.95
CA LEU A 53 -6.39 -4.42 -11.92
C LEU A 53 -5.52 -5.42 -12.68
N ASP A 54 -4.69 -4.89 -13.58
CA ASP A 54 -3.79 -5.73 -14.36
C ASP A 54 -2.38 -5.17 -14.36
N PHE A 55 -1.62 -5.49 -13.31
CA PHE A 55 -0.25 -5.01 -13.18
C PHE A 55 0.49 -5.08 -14.52
N GLU A 56 0.28 -6.19 -15.22
CA GLU A 56 0.94 -6.40 -16.52
C GLU A 56 0.47 -5.35 -17.53
N SER A 57 -0.79 -4.95 -17.43
CA SER A 57 -1.36 -3.96 -18.33
C SER A 57 -0.80 -2.57 -18.04
N LEU A 58 -0.73 -2.23 -16.76
CA LEU A 58 -0.21 -0.93 -16.36
C LEU A 58 1.22 -0.73 -16.87
N LYS A 59 1.68 0.53 -16.85
CA LYS A 59 3.02 0.85 -17.32
C LYS A 59 3.68 1.84 -16.38
N LYS A 60 5.00 1.73 -16.25
CA LYS A 60 5.77 2.63 -15.38
C LYS A 60 5.55 4.08 -15.76
N CYS A 61 5.52 4.35 -17.06
CA CYS A 61 5.30 5.71 -17.55
C CYS A 61 4.11 6.36 -16.87
N ASN A 62 2.93 5.77 -17.07
CA ASN A 62 1.70 6.30 -16.47
C ASN A 62 1.77 6.21 -14.95
N ALA A 63 2.10 7.33 -14.32
CA ALA A 63 2.19 7.39 -12.87
C ALA A 63 0.86 7.81 -12.24
N HIS A 64 0.31 8.92 -12.75
CA HIS A 64 -0.96 9.43 -12.24
C HIS A 64 -2.09 8.43 -12.48
N TYR A 65 -2.23 8.01 -13.74
CA TYR A 65 -3.27 7.05 -14.11
C TYR A 65 -3.15 5.77 -13.29
N ASN A 66 -1.92 5.35 -13.04
CA ASN A 66 -1.66 4.14 -12.28
C ASN A 66 -2.04 4.33 -10.81
N LEU A 67 -1.92 5.56 -10.33
CA LEU A 67 -2.26 5.88 -8.95
C LEU A 67 -3.78 5.87 -8.75
N GLN A 68 -4.45 6.87 -9.28
CA GLN A 68 -5.90 6.98 -9.17
C GLN A 68 -6.56 5.61 -9.31
N ASN A 69 -5.99 4.77 -10.16
CA ASN A 69 -6.52 3.44 -10.40
C ASN A 69 -6.52 2.62 -9.11
N ALA A 70 -5.40 2.65 -8.38
CA ALA A 70 -5.28 1.92 -7.14
C ALA A 70 -6.15 2.54 -6.04
N PHE A 71 -6.02 3.86 -5.87
CA PHE A 71 -6.80 4.58 -4.87
C PHE A 71 -8.29 4.31 -5.03
N ASN A 72 -8.79 4.49 -6.25
CA ASN A 72 -10.21 4.28 -6.54
C ASN A 72 -10.57 2.81 -6.36
N LEU A 73 -9.75 1.93 -6.93
CA LEU A 73 -9.99 0.49 -6.84
C LEU A 73 -10.15 0.06 -5.39
N ALA A 74 -9.21 0.47 -4.54
CA ALA A 74 -9.25 0.13 -3.13
C ALA A 74 -10.32 0.93 -2.40
N GLU A 75 -10.60 2.13 -2.91
CA GLU A 75 -11.60 3.00 -2.30
C GLU A 75 -13.01 2.51 -2.62
N LYS A 76 -13.13 1.71 -3.68
CA LYS A 76 -14.41 1.17 -4.09
C LYS A 76 -14.56 -0.29 -3.68
N GLU A 77 -13.65 -1.12 -4.18
CA GLU A 77 -13.66 -2.55 -3.86
C GLU A 77 -13.54 -2.77 -2.36
N LEU A 78 -12.36 -2.51 -1.81
CA LEU A 78 -12.12 -2.69 -0.39
C LEU A 78 -13.05 -1.80 0.43
N GLY A 79 -13.21 -0.55 0.00
CA GLY A 79 -14.07 0.38 0.70
C GLY A 79 -13.30 1.28 1.65
N LEU A 80 -12.13 1.74 1.21
CA LEU A 80 -11.30 2.61 2.02
C LEU A 80 -11.48 4.06 1.62
N THR A 81 -11.37 4.97 2.59
CA THR A 81 -11.53 6.39 2.34
C THR A 81 -10.25 6.99 1.75
N LYS A 82 -10.35 7.51 0.54
CA LYS A 82 -9.19 8.12 -0.12
C LYS A 82 -8.56 9.19 0.75
N LEU A 83 -7.45 8.85 1.39
CA LEU A 83 -6.74 9.79 2.25
C LEU A 83 -5.77 10.65 1.45
N LEU A 84 -5.15 10.04 0.45
CA LEU A 84 -4.18 10.74 -0.39
C LEU A 84 -4.79 11.06 -1.76
N ASP A 85 -3.98 11.63 -2.64
CA ASP A 85 -4.44 11.99 -3.98
C ASP A 85 -3.38 11.65 -5.03
N PRO A 86 -3.84 11.26 -6.23
CA PRO A 86 -2.94 10.90 -7.33
C PRO A 86 -2.21 12.11 -7.91
N GLU A 87 -2.51 13.29 -7.35
CA GLU A 87 -1.88 14.52 -7.81
C GLU A 87 -1.06 15.15 -6.69
N ASP A 88 -1.38 14.81 -5.46
CA ASP A 88 -0.68 15.34 -4.29
C ASP A 88 0.52 14.47 -3.93
N VAL A 89 0.42 13.18 -4.26
CA VAL A 89 1.49 12.23 -3.97
C VAL A 89 2.50 12.18 -5.12
N ASN A 90 1.99 12.12 -6.34
CA ASN A 90 2.85 12.07 -7.52
C ASN A 90 3.69 13.34 -7.63
N VAL A 91 4.76 13.40 -6.85
CA VAL A 91 5.65 14.56 -6.86
C VAL A 91 7.10 14.13 -6.66
N ASP A 92 8.02 15.04 -6.93
CA ASP A 92 9.45 14.76 -6.78
C ASP A 92 9.74 14.17 -5.40
N GLN A 93 9.33 14.89 -4.36
CA GLN A 93 9.55 14.43 -2.99
C GLN A 93 8.29 14.61 -2.15
N PRO A 94 7.38 13.62 -2.22
CA PRO A 94 6.12 13.66 -1.47
C PRO A 94 6.34 13.47 0.03
N ASP A 95 5.27 13.66 0.81
CA ASP A 95 5.34 13.52 2.25
C ASP A 95 5.14 12.07 2.67
N GLU A 96 6.24 11.41 3.03
CA GLU A 96 6.18 10.02 3.46
C GLU A 96 5.22 9.84 4.62
N LYS A 97 5.12 10.85 5.45
CA LYS A 97 4.24 10.82 6.62
C LYS A 97 2.77 10.80 6.18
N SER A 98 2.49 11.44 5.05
CA SER A 98 1.13 11.50 4.53
C SER A 98 0.76 10.22 3.80
N ILE A 99 1.79 9.42 3.49
CA ILE A 99 1.57 8.16 2.79
C ILE A 99 1.55 6.99 3.76
N ILE A 100 2.52 6.95 4.65
CA ILE A 100 2.60 5.88 5.65
C ILE A 100 1.27 5.70 6.37
N THR A 101 0.56 6.80 6.57
CA THR A 101 -0.73 6.77 7.26
C THR A 101 -1.79 6.10 6.39
N TYR A 102 -1.80 6.44 5.11
CA TYR A 102 -2.76 5.88 4.17
C TYR A 102 -2.51 4.39 3.95
N VAL A 103 -1.34 4.07 3.40
CA VAL A 103 -0.97 2.69 3.14
C VAL A 103 -1.17 1.82 4.39
N ALA A 104 -1.03 2.44 5.56
CA ALA A 104 -1.21 1.72 6.81
C ALA A 104 -2.53 0.97 6.84
N THR A 105 -3.57 1.57 6.27
CA THR A 105 -4.89 0.96 6.23
C THR A 105 -4.87 -0.34 5.43
N TYR A 106 -4.10 -0.35 4.34
CA TYR A 106 -3.99 -1.53 3.50
C TYR A 106 -3.50 -2.74 4.29
N TYR A 107 -2.63 -2.48 5.27
CA TYR A 107 -2.09 -3.54 6.10
C TYR A 107 -3.09 -3.98 7.16
N HIS A 108 -3.58 -3.00 7.93
CA HIS A 108 -4.56 -3.28 8.98
C HIS A 108 -5.80 -3.94 8.41
N TYR A 109 -6.47 -3.25 7.49
CA TYR A 109 -7.68 -3.78 6.86
C TYR A 109 -7.53 -5.26 6.56
N PHE A 110 -6.61 -5.59 5.67
CA PHE A 110 -6.38 -6.98 5.28
C PHE A 110 -6.04 -7.82 6.51
N SER A 111 -5.27 -7.25 7.42
CA SER A 111 -4.88 -7.96 8.65
C SER A 111 -6.06 -8.73 9.23
N LYS A 112 -7.21 -8.06 9.32
CA LYS A 112 -8.41 -8.69 9.86
C LYS A 112 -8.50 -10.16 9.46
N MET A 113 -8.14 -10.45 8.21
CA MET A 113 -8.17 -11.81 7.70
C MET A 113 -7.19 -12.70 8.45
N LYS A 114 -7.56 -13.94 8.68
CA LYS A 114 -6.71 -14.88 9.38
C LYS A 114 -5.25 -14.76 8.93
N ALA A 115 -4.42 -14.18 9.78
CA ALA A 115 -3.01 -13.99 9.47
C ALA A 115 -2.14 -14.95 10.28
N LEU A 116 -0.83 -14.91 10.03
CA LEU A 116 0.11 -15.77 10.73
C LEU A 116 1.55 -15.38 10.42
N ALA A 117 2.49 -16.03 11.09
CA ALA A 117 3.90 -15.74 10.88
C ALA A 117 4.16 -14.24 10.79
N VAL A 118 3.40 -13.47 11.55
CA VAL A 118 3.53 -12.02 11.55
C VAL A 118 4.69 -11.58 12.44
N GLU A 119 5.42 -10.56 12.00
CA GLU A 119 6.56 -10.04 12.76
C GLU A 119 6.90 -8.62 12.32
N GLY A 120 7.52 -7.87 13.22
CA GLY A 120 7.89 -6.50 12.91
C GLY A 120 9.23 -6.41 12.22
N LYS A 121 10.02 -5.38 12.55
CA LYS A 121 11.32 -5.19 11.95
C LYS A 121 12.30 -4.56 12.95
N SER A 122 13.58 -4.70 12.69
CA SER A 122 14.61 -4.15 13.56
C SER A 122 14.24 -2.75 14.01
N GLY A 123 14.42 -2.48 15.31
CA GLY A 123 14.10 -1.18 15.85
C GLY A 123 15.01 -0.79 17.00
N PRO A 124 16.19 -0.26 16.66
CA PRO A 124 17.18 0.17 17.66
C PRO A 124 16.73 1.41 18.43
N SER A 125 15.84 2.18 17.83
CA SER A 125 15.33 3.39 18.45
C SER A 125 13.81 3.39 18.48
N SER A 126 13.23 4.09 19.47
CA SER A 126 11.79 4.17 19.61
C SER A 126 11.13 4.51 18.28
N GLY A 127 11.70 5.48 17.58
CA GLY A 127 11.15 5.88 16.29
C GLY A 127 12.19 6.49 15.38
N GLY A 1 -5.73 -4.85 17.49
CA GLY A 1 -4.63 -4.61 16.56
C GLY A 1 -3.63 -5.75 16.56
N SER A 2 -2.46 -5.51 17.14
CA SER A 2 -1.41 -6.51 17.20
C SER A 2 -0.35 -6.15 18.23
N SER A 3 -0.16 -7.02 19.21
CA SER A 3 0.82 -6.78 20.26
C SER A 3 2.23 -7.11 19.78
N GLY A 4 3.22 -6.87 20.64
CA GLY A 4 4.60 -7.13 20.28
C GLY A 4 5.35 -5.89 19.88
N SER A 5 6.60 -6.05 19.47
CA SER A 5 7.43 -4.93 19.06
C SER A 5 6.84 -4.24 17.82
N SER A 6 6.09 -3.17 18.04
CA SER A 6 5.47 -2.43 16.95
C SER A 6 6.24 -1.14 16.67
N GLY A 7 6.98 -1.12 15.57
CA GLY A 7 7.74 0.06 15.20
C GLY A 7 6.91 1.09 14.47
N ALA A 8 7.57 2.10 13.91
CA ALA A 8 6.87 3.15 13.18
C ALA A 8 6.89 2.88 11.67
N LYS A 9 8.09 2.75 11.12
CA LYS A 9 8.24 2.49 9.69
C LYS A 9 9.01 1.20 9.45
N ASP A 10 8.81 0.22 10.34
CA ASP A 10 9.48 -1.07 10.22
C ASP A 10 8.48 -2.18 9.91
N ALA A 11 7.52 -2.38 10.82
CA ALA A 11 6.51 -3.41 10.64
C ALA A 11 5.74 -3.20 9.34
N LEU A 12 5.55 -1.94 8.97
CA LEU A 12 4.82 -1.61 7.75
C LEU A 12 5.76 -1.63 6.54
N LEU A 13 6.84 -0.87 6.62
CA LEU A 13 7.81 -0.81 5.53
C LEU A 13 8.25 -2.20 5.11
N LEU A 14 8.41 -3.09 6.09
CA LEU A 14 8.83 -4.46 5.82
C LEU A 14 7.70 -5.25 5.14
N TRP A 15 6.48 -5.04 5.62
CA TRP A 15 5.32 -5.72 5.06
C TRP A 15 5.25 -5.52 3.54
N CYS A 16 5.16 -4.26 3.13
CA CYS A 16 5.08 -3.92 1.71
C CYS A 16 6.28 -4.48 0.95
N GLN A 17 7.45 -4.43 1.59
CA GLN A 17 8.68 -4.92 0.97
C GLN A 17 8.54 -6.40 0.62
N MET A 18 7.90 -7.16 1.49
CA MET A 18 7.71 -8.59 1.26
C MET A 18 6.68 -8.83 0.16
N LYS A 19 5.55 -8.13 0.24
CA LYS A 19 4.49 -8.26 -0.75
C LYS A 19 4.97 -7.82 -2.12
N THR A 20 5.40 -6.57 -2.22
CA THR A 20 5.88 -6.02 -3.48
C THR A 20 7.00 -6.88 -4.06
N ALA A 21 7.70 -7.61 -3.19
CA ALA A 21 8.79 -8.47 -3.62
C ALA A 21 8.37 -9.32 -4.83
N GLY A 22 7.19 -9.93 -4.73
CA GLY A 22 6.70 -10.76 -5.82
C GLY A 22 7.06 -10.21 -7.18
N TYR A 23 6.97 -8.90 -7.33
CA TYR A 23 7.30 -8.25 -8.59
C TYR A 23 8.66 -7.59 -8.53
N PRO A 24 9.46 -7.78 -9.61
CA PRO A 24 10.80 -7.20 -9.71
C PRO A 24 10.78 -5.69 -9.86
N ASN A 25 9.99 -5.21 -10.82
CA ASN A 25 9.88 -3.78 -11.07
C ASN A 25 9.55 -3.02 -9.78
N VAL A 26 8.58 -3.54 -9.04
CA VAL A 26 8.16 -2.91 -7.80
C VAL A 26 9.20 -3.13 -6.70
N ASN A 27 9.58 -2.04 -6.03
CA ASN A 27 10.57 -2.11 -4.96
C ASN A 27 10.28 -1.09 -3.87
N VAL A 28 10.20 -1.55 -2.63
CA VAL A 28 9.92 -0.66 -1.51
C VAL A 28 11.19 -0.43 -0.67
N HIS A 29 11.69 0.81 -0.72
CA HIS A 29 12.89 1.16 0.03
C HIS A 29 12.65 2.43 0.85
N ASN A 30 11.45 2.98 0.76
CA ASN A 30 11.10 4.18 1.49
C ASN A 30 9.62 4.53 1.31
N PHE A 31 9.17 5.57 1.99
CA PHE A 31 7.78 6.00 1.90
C PHE A 31 7.67 7.31 1.13
N THR A 32 8.62 7.55 0.23
CA THR A 32 8.63 8.77 -0.57
C THR A 32 8.74 8.44 -2.06
N THR A 33 9.92 7.98 -2.46
CA THR A 33 10.17 7.64 -3.86
C THR A 33 9.80 6.18 -4.14
N SER A 34 8.84 5.66 -3.39
CA SER A 34 8.41 4.29 -3.55
C SER A 34 6.95 4.23 -3.99
N TRP A 35 6.21 5.29 -3.69
CA TRP A 35 4.79 5.36 -4.05
C TRP A 35 4.53 6.54 -4.97
N ARG A 36 5.59 7.18 -5.44
CA ARG A 36 5.47 8.33 -6.32
C ARG A 36 4.70 7.97 -7.58
N ASP A 37 5.19 6.96 -8.30
CA ASP A 37 4.53 6.52 -9.53
C ASP A 37 3.15 5.94 -9.23
N GLY A 38 3.08 5.10 -8.21
CA GLY A 38 1.82 4.48 -7.83
C GLY A 38 1.86 2.97 -7.92
N LEU A 39 2.70 2.46 -8.81
CA LEU A 39 2.82 1.01 -9.00
C LEU A 39 2.72 0.29 -7.66
N ALA A 40 3.43 0.79 -6.66
CA ALA A 40 3.41 0.20 -5.33
C ALA A 40 1.98 -0.11 -4.88
N PHE A 41 1.12 0.89 -4.94
CA PHE A 41 -0.27 0.73 -4.55
C PHE A 41 -0.96 -0.33 -5.41
N ASN A 42 -0.66 -0.31 -6.70
CA ASN A 42 -1.26 -1.27 -7.62
C ASN A 42 -0.57 -2.63 -7.52
N ALA A 43 0.44 -2.71 -6.66
CA ALA A 43 1.18 -3.96 -6.47
C ALA A 43 0.68 -4.70 -5.23
N ILE A 44 0.31 -3.95 -4.21
CA ILE A 44 -0.19 -4.54 -2.97
C ILE A 44 -1.50 -5.28 -3.20
N VAL A 45 -2.45 -4.59 -3.83
CA VAL A 45 -3.76 -5.17 -4.12
C VAL A 45 -3.62 -6.39 -5.02
N HIS A 46 -3.10 -6.18 -6.23
CA HIS A 46 -2.92 -7.26 -7.19
C HIS A 46 -2.54 -8.55 -6.48
N LYS A 47 -1.68 -8.45 -5.48
CA LYS A 47 -1.23 -9.61 -4.72
C LYS A 47 -2.40 -10.28 -4.01
N HIS A 48 -3.25 -9.48 -3.38
CA HIS A 48 -4.40 -9.99 -2.66
C HIS A 48 -5.53 -10.35 -3.63
N ARG A 49 -5.90 -9.39 -4.48
CA ARG A 49 -6.96 -9.61 -5.46
C ARG A 49 -6.45 -9.32 -6.87
N PRO A 50 -5.87 -10.34 -7.51
CA PRO A 50 -5.34 -10.22 -8.87
C PRO A 50 -6.45 -10.07 -9.92
N ASP A 51 -7.68 -10.01 -9.45
CA ASP A 51 -8.83 -9.87 -10.34
C ASP A 51 -9.15 -8.39 -10.59
N LEU A 52 -9.12 -7.60 -9.53
CA LEU A 52 -9.41 -6.17 -9.63
C LEU A 52 -8.64 -5.55 -10.79
N LEU A 53 -7.32 -5.62 -10.73
CA LEU A 53 -6.47 -5.06 -11.77
C LEU A 53 -5.52 -6.12 -12.31
N ASP A 54 -4.76 -5.75 -13.35
CA ASP A 54 -3.80 -6.66 -13.96
C ASP A 54 -2.37 -6.28 -13.59
N PHE A 55 -2.11 -4.97 -13.57
CA PHE A 55 -0.77 -4.47 -13.23
C PHE A 55 0.24 -4.89 -14.29
N GLU A 56 -0.20 -4.98 -15.54
CA GLU A 56 0.67 -5.37 -16.64
C GLU A 56 0.74 -4.29 -17.70
N SER A 57 -0.39 -3.60 -17.92
CA SER A 57 -0.46 -2.54 -18.91
C SER A 57 0.29 -1.30 -18.44
N LEU A 58 0.14 -0.98 -17.16
CA LEU A 58 0.80 0.19 -16.58
C LEU A 58 2.19 0.38 -17.19
N LYS A 59 2.33 1.44 -17.98
CA LYS A 59 3.60 1.74 -18.62
C LYS A 59 4.51 2.54 -17.69
N LYS A 60 4.37 2.30 -16.39
CA LYS A 60 5.18 2.99 -15.39
C LYS A 60 5.46 4.43 -15.82
N CYS A 61 4.51 5.02 -16.52
CA CYS A 61 4.64 6.40 -16.99
C CYS A 61 3.47 7.25 -16.53
N ASN A 62 2.26 6.81 -16.85
CA ASN A 62 1.05 7.53 -16.47
C ASN A 62 0.72 7.30 -14.99
N ALA A 63 1.40 8.04 -14.12
CA ALA A 63 1.18 7.93 -12.69
C ALA A 63 -0.21 8.40 -12.30
N HIS A 64 -0.75 9.34 -13.09
CA HIS A 64 -2.08 9.88 -12.83
C HIS A 64 -3.13 8.78 -12.83
N TYR A 65 -3.12 7.96 -13.89
CA TYR A 65 -4.07 6.87 -14.02
C TYR A 65 -3.74 5.74 -13.04
N ASN A 66 -2.46 5.44 -12.90
CA ASN A 66 -2.02 4.39 -12.00
C ASN A 66 -2.50 4.64 -10.58
N LEU A 67 -2.24 5.85 -10.08
CA LEU A 67 -2.66 6.22 -8.73
C LEU A 67 -4.18 6.24 -8.62
N GLN A 68 -4.81 7.22 -9.25
CA GLN A 68 -6.25 7.34 -9.23
C GLN A 68 -6.93 5.98 -9.31
N ASN A 69 -6.38 5.11 -10.16
CA ASN A 69 -6.92 3.77 -10.34
C ASN A 69 -7.00 3.03 -9.02
N ALA A 70 -5.84 2.91 -8.35
CA ALA A 70 -5.78 2.22 -7.06
C ALA A 70 -6.70 2.88 -6.04
N PHE A 71 -6.57 4.19 -5.89
CA PHE A 71 -7.39 4.94 -4.94
C PHE A 71 -8.87 4.63 -5.14
N ASN A 72 -9.33 4.71 -6.38
CA ASN A 72 -10.72 4.44 -6.70
C ASN A 72 -11.08 2.99 -6.37
N LEU A 73 -10.35 2.05 -6.96
CA LEU A 73 -10.60 0.63 -6.73
C LEU A 73 -10.70 0.34 -5.23
N ALA A 74 -9.62 0.62 -4.50
CA ALA A 74 -9.60 0.38 -3.06
C ALA A 74 -10.76 1.09 -2.37
N GLU A 75 -11.23 2.18 -2.97
CA GLU A 75 -12.34 2.95 -2.42
C GLU A 75 -13.68 2.32 -2.77
N LYS A 76 -13.68 1.52 -3.84
CA LYS A 76 -14.89 0.85 -4.29
C LYS A 76 -14.88 -0.62 -3.91
N GLU A 77 -13.95 -1.37 -4.49
CA GLU A 77 -13.83 -2.80 -4.21
C GLU A 77 -13.66 -3.05 -2.71
N LEU A 78 -12.53 -2.64 -2.18
CA LEU A 78 -12.24 -2.81 -0.75
C LEU A 78 -13.22 -2.01 0.10
N GLY A 79 -13.51 -0.78 -0.34
CA GLY A 79 -14.43 0.07 0.40
C GLY A 79 -13.72 0.95 1.41
N LEU A 80 -12.62 1.56 0.99
CA LEU A 80 -11.84 2.44 1.86
C LEU A 80 -12.01 3.90 1.46
N THR A 81 -11.32 4.78 2.18
CA THR A 81 -11.38 6.21 1.88
C THR A 81 -10.02 6.75 1.46
N LYS A 82 -9.91 7.16 0.21
CA LYS A 82 -8.66 7.69 -0.32
C LYS A 82 -8.28 8.98 0.40
N LEU A 83 -7.12 8.98 1.04
CA LEU A 83 -6.64 10.16 1.76
C LEU A 83 -5.67 10.95 0.92
N LEU A 84 -4.89 10.26 0.09
CA LEU A 84 -3.92 10.91 -0.78
C LEU A 84 -4.54 11.24 -2.14
N ASP A 85 -3.76 11.89 -2.99
CA ASP A 85 -4.23 12.27 -4.32
C ASP A 85 -3.24 11.82 -5.39
N PRO A 86 -3.77 11.46 -6.57
CA PRO A 86 -2.95 11.00 -7.70
C PRO A 86 -2.12 12.13 -8.31
N GLU A 87 -2.26 13.33 -7.76
CA GLU A 87 -1.53 14.49 -8.24
C GLU A 87 -0.59 15.03 -7.16
N ASP A 88 -0.89 14.70 -5.91
CA ASP A 88 -0.07 15.16 -4.79
C ASP A 88 1.04 14.16 -4.49
N VAL A 89 0.74 12.88 -4.61
CA VAL A 89 1.71 11.81 -4.36
C VAL A 89 2.83 11.85 -5.41
N ASN A 90 2.44 11.94 -6.68
CA ASN A 90 3.41 11.97 -7.76
C ASN A 90 4.27 13.23 -7.69
N VAL A 91 5.35 13.17 -6.91
CA VAL A 91 6.25 14.30 -6.76
C VAL A 91 7.65 13.84 -6.41
N ASP A 92 8.63 14.70 -6.68
CA ASP A 92 10.03 14.38 -6.39
C ASP A 92 10.18 13.86 -4.96
N GLN A 93 9.70 14.64 -4.00
CA GLN A 93 9.78 14.25 -2.60
C GLN A 93 8.46 14.49 -1.88
N PRO A 94 7.55 13.50 -1.96
CA PRO A 94 6.24 13.58 -1.33
C PRO A 94 6.32 13.52 0.18
N ASP A 95 5.16 13.68 0.85
CA ASP A 95 5.10 13.65 2.30
C ASP A 95 4.95 12.22 2.80
N GLU A 96 6.06 11.53 2.98
CA GLU A 96 6.04 10.15 3.46
C GLU A 96 5.09 10.00 4.64
N LYS A 97 4.98 11.05 5.44
CA LYS A 97 4.11 11.05 6.61
C LYS A 97 2.65 10.90 6.19
N SER A 98 2.26 11.62 5.15
CA SER A 98 0.89 11.58 4.65
C SER A 98 0.63 10.29 3.87
N ILE A 99 1.70 9.53 3.63
CA ILE A 99 1.60 8.28 2.90
C ILE A 99 1.55 7.09 3.85
N ILE A 100 2.49 7.03 4.78
CA ILE A 100 2.55 5.95 5.75
C ILE A 100 1.18 5.69 6.37
N THR A 101 0.41 6.76 6.55
CA THR A 101 -0.92 6.66 7.13
C THR A 101 -1.89 5.99 6.17
N TYR A 102 -1.75 6.29 4.88
CA TYR A 102 -2.62 5.71 3.86
C TYR A 102 -2.34 4.22 3.70
N VAL A 103 -1.10 3.88 3.38
CA VAL A 103 -0.70 2.49 3.19
C VAL A 103 -1.06 1.65 4.42
N ALA A 104 -1.05 2.29 5.58
CA ALA A 104 -1.38 1.60 6.82
C ALA A 104 -2.73 0.91 6.74
N THR A 105 -3.69 1.57 6.09
CA THR A 105 -5.03 1.02 5.93
C THR A 105 -4.99 -0.32 5.21
N TYR A 106 -4.17 -0.40 4.16
CA TYR A 106 -4.05 -1.62 3.38
C TYR A 106 -3.68 -2.81 4.28
N TYR A 107 -2.71 -2.60 5.16
CA TYR A 107 -2.26 -3.64 6.07
C TYR A 107 -3.35 -3.98 7.08
N HIS A 108 -3.79 -2.97 7.82
CA HIS A 108 -4.83 -3.17 8.83
C HIS A 108 -6.05 -3.85 8.23
N TYR A 109 -6.72 -3.15 7.31
CA TYR A 109 -7.91 -3.68 6.66
C TYR A 109 -7.76 -5.18 6.40
N PHE A 110 -6.82 -5.53 5.52
CA PHE A 110 -6.57 -6.92 5.17
C PHE A 110 -6.31 -7.76 6.42
N SER A 111 -5.59 -7.18 7.38
CA SER A 111 -5.27 -7.86 8.62
C SER A 111 -6.51 -8.54 9.20
N LYS A 112 -7.54 -7.74 9.49
CA LYS A 112 -8.78 -8.26 10.04
C LYS A 112 -9.15 -9.59 9.41
N MET A 113 -9.14 -9.64 8.08
CA MET A 113 -9.46 -10.86 7.35
C MET A 113 -8.23 -11.74 7.18
N LYS A 114 -8.44 -12.98 6.74
CA LYS A 114 -7.35 -13.92 6.55
C LYS A 114 -6.17 -13.24 5.85
N ALA A 115 -5.06 -13.11 6.56
CA ALA A 115 -3.87 -12.49 6.01
C ALA A 115 -2.61 -13.00 6.71
N LEU A 116 -1.48 -12.92 6.02
CA LEU A 116 -0.21 -13.37 6.57
C LEU A 116 0.52 -12.23 7.25
N ALA A 117 1.14 -12.52 8.40
CA ALA A 117 1.88 -11.52 9.15
C ALA A 117 2.80 -12.17 10.19
N VAL A 118 3.81 -11.44 10.62
CA VAL A 118 4.76 -11.94 11.61
C VAL A 118 5.07 -10.89 12.66
N GLU A 119 4.98 -11.27 13.92
CA GLU A 119 5.25 -10.35 15.03
C GLU A 119 6.75 -10.18 15.23
N GLY A 120 7.17 -8.95 15.51
CA GLY A 120 8.58 -8.68 15.72
C GLY A 120 8.94 -8.61 17.20
N LYS A 121 10.23 -8.74 17.49
CA LYS A 121 10.71 -8.69 18.87
C LYS A 121 11.87 -7.72 19.00
N SER A 122 11.74 -6.57 18.35
CA SER A 122 12.79 -5.54 18.41
C SER A 122 12.48 -4.51 19.48
N GLY A 123 13.50 -4.20 20.30
CA GLY A 123 13.32 -3.23 21.36
C GLY A 123 13.06 -1.83 20.83
N PRO A 124 12.33 -1.03 21.62
CA PRO A 124 11.99 0.35 21.24
C PRO A 124 13.21 1.27 21.29
N SER A 125 13.19 2.30 20.44
CA SER A 125 14.30 3.25 20.38
C SER A 125 13.86 4.55 19.70
N SER A 126 14.60 5.62 19.96
CA SER A 126 14.29 6.92 19.38
C SER A 126 15.57 7.68 19.02
N GLY A 127 15.57 8.27 17.82
CA GLY A 127 16.74 9.01 17.37
C GLY A 127 16.36 10.22 16.55
N GLY A 1 16.38 -2.30 1.74
CA GLY A 1 16.49 -3.49 2.58
C GLY A 1 17.36 -3.25 3.79
N SER A 2 16.77 -3.39 4.98
CA SER A 2 17.50 -3.18 6.23
C SER A 2 16.73 -3.78 7.41
N SER A 3 17.47 -4.26 8.40
CA SER A 3 16.86 -4.86 9.59
C SER A 3 17.68 -4.55 10.83
N GLY A 4 16.99 -4.18 11.91
CA GLY A 4 17.67 -3.86 13.15
C GLY A 4 16.73 -3.89 14.34
N SER A 5 16.11 -2.76 14.64
CA SER A 5 15.19 -2.65 15.77
C SER A 5 13.75 -2.81 15.30
N SER A 6 12.89 -3.25 16.22
CA SER A 6 11.47 -3.44 15.91
C SER A 6 10.70 -2.14 16.07
N GLY A 7 10.70 -1.33 15.02
CA GLY A 7 10.00 -0.07 15.06
C GLY A 7 8.69 -0.10 14.29
N ALA A 8 7.80 0.84 14.60
CA ALA A 8 6.50 0.90 13.93
C ALA A 8 6.66 1.19 12.44
N LYS A 9 7.40 2.25 12.13
CA LYS A 9 7.63 2.63 10.74
C LYS A 9 8.17 1.45 9.93
N ASP A 10 9.17 0.78 10.47
CA ASP A 10 9.77 -0.37 9.80
C ASP A 10 8.76 -1.50 9.64
N ALA A 11 8.07 -1.83 10.73
CA ALA A 11 7.07 -2.89 10.70
C ALA A 11 6.26 -2.84 9.41
N LEU A 12 5.74 -1.66 9.08
CA LEU A 12 4.94 -1.48 7.88
C LEU A 12 5.79 -1.65 6.63
N LEU A 13 6.88 -0.88 6.55
CA LEU A 13 7.78 -0.96 5.41
C LEU A 13 8.09 -2.40 5.03
N LEU A 14 8.34 -3.22 6.04
CA LEU A 14 8.64 -4.63 5.83
C LEU A 14 7.46 -5.35 5.18
N TRP A 15 6.26 -5.06 5.67
CA TRP A 15 5.05 -5.67 5.13
C TRP A 15 4.95 -5.46 3.62
N CYS A 16 4.89 -4.20 3.20
CA CYS A 16 4.80 -3.88 1.79
C CYS A 16 5.85 -4.65 0.97
N GLN A 17 7.03 -4.81 1.57
CA GLN A 17 8.11 -5.52 0.90
C GLN A 17 7.77 -7.00 0.71
N MET A 18 7.01 -7.54 1.66
CA MET A 18 6.61 -8.94 1.60
C MET A 18 5.64 -9.18 0.44
N LYS A 19 4.76 -8.21 0.20
CA LYS A 19 3.78 -8.33 -0.87
C LYS A 19 4.42 -7.99 -2.22
N THR A 20 5.10 -6.84 -2.29
CA THR A 20 5.75 -6.41 -3.51
C THR A 20 6.87 -7.36 -3.90
N ALA A 21 7.22 -8.26 -2.99
CA ALA A 21 8.28 -9.24 -3.24
C ALA A 21 8.04 -9.98 -4.55
N GLY A 22 9.05 -9.99 -5.41
CA GLY A 22 8.93 -10.67 -6.69
C GLY A 22 8.89 -9.71 -7.85
N TYR A 23 8.04 -8.69 -7.75
CA TYR A 23 7.91 -7.70 -8.82
C TYR A 23 9.26 -7.04 -9.11
N PRO A 24 9.75 -7.23 -10.35
CA PRO A 24 11.02 -6.66 -10.79
C PRO A 24 10.96 -5.14 -10.94
N ASN A 25 9.84 -4.64 -11.45
CA ASN A 25 9.66 -3.22 -11.64
C ASN A 25 9.07 -2.56 -10.40
N VAL A 26 9.32 -3.19 -9.25
CA VAL A 26 8.82 -2.68 -7.98
C VAL A 26 9.85 -2.86 -6.87
N ASN A 27 9.94 -1.87 -5.98
CA ASN A 27 10.89 -1.92 -4.88
C ASN A 27 10.50 -0.93 -3.78
N VAL A 28 10.21 -1.46 -2.59
CA VAL A 28 9.81 -0.63 -1.46
C VAL A 28 11.01 -0.36 -0.54
N HIS A 29 11.64 0.80 -0.73
CA HIS A 29 12.79 1.18 0.08
C HIS A 29 12.47 2.40 0.94
N ASN A 30 11.69 3.33 0.38
CA ASN A 30 11.31 4.54 1.09
C ASN A 30 9.80 4.77 1.02
N PHE A 31 9.33 5.76 1.77
CA PHE A 31 7.90 6.07 1.78
C PHE A 31 7.63 7.39 1.06
N THR A 32 8.51 7.75 0.13
CA THR A 32 8.36 8.97 -0.63
C THR A 32 8.48 8.71 -2.14
N THR A 33 9.68 8.32 -2.57
CA THR A 33 9.93 8.04 -3.97
C THR A 33 9.68 6.57 -4.29
N SER A 34 8.76 5.96 -3.56
CA SER A 34 8.43 4.55 -3.75
C SER A 34 6.97 4.39 -4.15
N TRP A 35 6.16 5.39 -3.83
CA TRP A 35 4.74 5.36 -4.15
C TRP A 35 4.37 6.48 -5.12
N ARG A 36 5.37 7.27 -5.50
CA ARG A 36 5.15 8.39 -6.42
C ARG A 36 4.48 7.90 -7.70
N ASP A 37 5.10 6.95 -8.37
CA ASP A 37 4.57 6.40 -9.61
C ASP A 37 3.19 5.78 -9.39
N GLY A 38 3.13 4.76 -8.55
CA GLY A 38 1.88 4.10 -8.26
C GLY A 38 1.99 2.59 -8.31
N LEU A 39 2.79 2.09 -9.23
CA LEU A 39 2.99 0.64 -9.38
C LEU A 39 2.93 -0.05 -8.03
N ALA A 40 3.67 0.46 -7.06
CA ALA A 40 3.70 -0.10 -5.72
C ALA A 40 2.28 -0.38 -5.22
N PHE A 41 1.46 0.66 -5.21
CA PHE A 41 0.07 0.53 -4.74
C PHE A 41 -0.67 -0.55 -5.54
N ASN A 42 -0.50 -0.53 -6.85
CA ASN A 42 -1.14 -1.50 -7.73
C ASN A 42 -0.52 -2.89 -7.56
N ALA A 43 0.46 -2.98 -6.67
CA ALA A 43 1.14 -4.25 -6.41
C ALA A 43 0.56 -4.93 -5.18
N ILE A 44 0.21 -4.14 -4.18
CA ILE A 44 -0.34 -4.66 -2.94
C ILE A 44 -1.66 -5.37 -3.19
N VAL A 45 -2.53 -4.75 -3.98
CA VAL A 45 -3.83 -5.33 -4.30
C VAL A 45 -3.68 -6.53 -5.23
N HIS A 46 -3.10 -6.29 -6.40
CA HIS A 46 -2.90 -7.36 -7.38
C HIS A 46 -2.51 -8.65 -6.69
N LYS A 47 -1.62 -8.55 -5.71
CA LYS A 47 -1.16 -9.73 -4.97
C LYS A 47 -2.33 -10.45 -4.30
N HIS A 48 -3.20 -9.68 -3.66
CA HIS A 48 -4.36 -10.24 -2.98
C HIS A 48 -5.43 -10.65 -3.99
N ARG A 49 -5.86 -9.70 -4.81
CA ARG A 49 -6.87 -9.95 -5.83
C ARG A 49 -6.42 -9.46 -7.20
N PRO A 50 -5.73 -10.33 -7.95
CA PRO A 50 -5.23 -10.00 -9.28
C PRO A 50 -6.36 -9.87 -10.31
N ASP A 51 -7.59 -10.02 -9.85
CA ASP A 51 -8.75 -9.90 -10.72
C ASP A 51 -9.14 -8.45 -10.92
N LEU A 52 -9.09 -7.67 -9.84
CA LEU A 52 -9.43 -6.25 -9.90
C LEU A 52 -8.66 -5.55 -10.99
N LEU A 53 -7.34 -5.63 -10.92
CA LEU A 53 -6.47 -5.00 -11.93
C LEU A 53 -5.51 -6.02 -12.54
N ASP A 54 -4.80 -5.59 -13.57
CA ASP A 54 -3.84 -6.46 -14.25
C ASP A 54 -2.47 -5.80 -14.33
N PHE A 55 -1.57 -6.18 -13.42
CA PHE A 55 -0.23 -5.62 -13.39
C PHE A 55 0.43 -5.71 -14.76
N GLU A 56 0.38 -6.89 -15.36
CA GLU A 56 0.98 -7.12 -16.67
C GLU A 56 0.40 -6.14 -17.69
N SER A 57 -0.80 -5.64 -17.42
CA SER A 57 -1.45 -4.71 -18.32
C SER A 57 -1.05 -3.28 -18.00
N LEU A 58 -0.87 -2.98 -16.72
CA LEU A 58 -0.47 -1.64 -16.28
C LEU A 58 0.80 -1.19 -17.00
N LYS A 59 1.06 0.12 -16.96
CA LYS A 59 2.25 0.67 -17.60
C LYS A 59 2.86 1.77 -16.73
N LYS A 60 4.17 1.97 -16.88
CA LYS A 60 4.87 2.98 -16.11
C LYS A 60 5.08 4.25 -16.94
N CYS A 61 4.00 4.72 -17.57
CA CYS A 61 4.06 5.92 -18.40
C CYS A 61 3.21 7.03 -17.80
N ASN A 62 1.99 6.70 -17.40
CA ASN A 62 1.08 7.68 -16.82
C ASN A 62 0.83 7.36 -15.35
N ALA A 63 1.66 7.92 -14.48
CA ALA A 63 1.52 7.70 -13.04
C ALA A 63 0.12 8.08 -12.56
N HIS A 64 -0.27 9.33 -12.81
CA HIS A 64 -1.58 9.82 -12.40
C HIS A 64 -2.65 8.76 -12.61
N TYR A 65 -2.52 8.01 -13.71
CA TYR A 65 -3.47 6.95 -14.03
C TYR A 65 -3.24 5.73 -13.15
N ASN A 66 -1.97 5.43 -12.88
CA ASN A 66 -1.62 4.28 -12.06
C ASN A 66 -2.04 4.50 -10.60
N LEU A 67 -1.99 5.76 -10.16
CA LEU A 67 -2.37 6.10 -8.80
C LEU A 67 -3.89 6.15 -8.65
N GLN A 68 -4.51 7.12 -9.31
CA GLN A 68 -5.96 7.27 -9.25
C GLN A 68 -6.66 5.92 -9.39
N ASN A 69 -6.19 5.12 -10.35
CA ASN A 69 -6.78 3.80 -10.58
C ASN A 69 -6.77 2.96 -9.30
N ALA A 70 -5.60 2.85 -8.68
CA ALA A 70 -5.46 2.08 -7.45
C ALA A 70 -6.36 2.64 -6.35
N PHE A 71 -6.28 3.94 -6.14
CA PHE A 71 -7.09 4.60 -5.11
C PHE A 71 -8.57 4.28 -5.31
N ASN A 72 -9.04 4.43 -6.54
CA ASN A 72 -10.44 4.17 -6.86
C ASN A 72 -10.80 2.71 -6.57
N LEU A 73 -9.97 1.80 -7.04
CA LEU A 73 -10.20 0.37 -6.83
C LEU A 73 -10.32 0.05 -5.34
N ALA A 74 -9.40 0.59 -4.56
CA ALA A 74 -9.40 0.37 -3.11
C ALA A 74 -10.54 1.13 -2.44
N GLU A 75 -10.89 2.29 -3.01
CA GLU A 75 -11.95 3.11 -2.47
C GLU A 75 -13.32 2.56 -2.85
N LYS A 76 -13.33 1.62 -3.79
CA LYS A 76 -14.57 1.00 -4.26
C LYS A 76 -14.62 -0.47 -3.87
N GLU A 77 -13.69 -1.26 -4.39
CA GLU A 77 -13.63 -2.69 -4.10
C GLU A 77 -13.49 -2.93 -2.60
N LEU A 78 -12.41 -2.41 -2.02
CA LEU A 78 -12.15 -2.58 -0.59
C LEU A 78 -13.08 -1.68 0.23
N GLY A 79 -13.31 -0.47 -0.26
CA GLY A 79 -14.18 0.45 0.45
C GLY A 79 -13.43 1.29 1.47
N LEU A 80 -12.27 1.80 1.08
CA LEU A 80 -11.46 2.62 1.97
C LEU A 80 -11.61 4.11 1.62
N THR A 81 -11.26 4.96 2.58
CA THR A 81 -11.36 6.40 2.39
C THR A 81 -10.03 6.98 1.93
N LYS A 82 -10.01 7.48 0.69
CA LYS A 82 -8.80 8.07 0.13
C LYS A 82 -8.38 9.31 0.91
N LEU A 83 -7.27 9.19 1.63
CA LEU A 83 -6.76 10.30 2.42
C LEU A 83 -5.88 11.22 1.58
N LEU A 84 -5.20 10.63 0.59
CA LEU A 84 -4.32 11.40 -0.29
C LEU A 84 -4.92 11.51 -1.69
N ASP A 85 -4.20 12.16 -2.59
CA ASP A 85 -4.65 12.33 -3.96
C ASP A 85 -3.59 11.85 -4.95
N PRO A 86 -4.04 11.42 -6.14
CA PRO A 86 -3.15 10.93 -7.19
C PRO A 86 -2.31 12.05 -7.80
N GLU A 87 -2.66 13.29 -7.48
CA GLU A 87 -1.94 14.45 -8.00
C GLU A 87 -1.10 15.10 -6.92
N ASP A 88 -1.35 14.71 -5.67
CA ASP A 88 -0.60 15.25 -4.54
C ASP A 88 0.59 14.37 -4.19
N VAL A 89 0.41 13.06 -4.34
CA VAL A 89 1.46 12.10 -4.05
C VAL A 89 2.50 12.06 -5.17
N ASN A 90 2.02 12.17 -6.41
CA ASN A 90 2.90 12.15 -7.57
C ASN A 90 3.77 13.39 -7.63
N VAL A 91 4.84 13.40 -6.84
CA VAL A 91 5.76 14.53 -6.80
C VAL A 91 7.19 14.07 -6.59
N ASP A 92 8.14 14.97 -6.81
CA ASP A 92 9.55 14.66 -6.64
C ASP A 92 9.83 14.14 -5.23
N GLN A 93 9.42 14.91 -4.23
CA GLN A 93 9.62 14.52 -2.85
C GLN A 93 8.36 14.76 -2.02
N PRO A 94 7.47 13.75 -2.02
CA PRO A 94 6.20 13.83 -1.28
C PRO A 94 6.42 13.77 0.23
N ASP A 95 5.32 13.62 0.98
CA ASP A 95 5.39 13.54 2.43
C ASP A 95 5.20 12.11 2.91
N GLU A 96 6.30 11.46 3.24
CA GLU A 96 6.26 10.07 3.73
C GLU A 96 5.25 9.93 4.86
N LYS A 97 5.14 10.97 5.68
CA LYS A 97 4.22 10.96 6.81
C LYS A 97 2.77 10.99 6.33
N SER A 98 2.54 11.65 5.20
CA SER A 98 1.20 11.76 4.64
C SER A 98 0.84 10.50 3.85
N ILE A 99 1.84 9.67 3.58
CA ILE A 99 1.63 8.43 2.84
C ILE A 99 1.57 7.23 3.77
N ILE A 100 2.62 7.05 4.56
CA ILE A 100 2.68 5.94 5.51
C ILE A 100 1.33 5.69 6.15
N THR A 101 0.63 6.77 6.49
CA THR A 101 -0.68 6.67 7.11
C THR A 101 -1.67 5.99 6.19
N TYR A 102 -1.72 6.42 4.93
CA TYR A 102 -2.63 5.84 3.96
C TYR A 102 -2.37 4.36 3.77
N VAL A 103 -1.19 4.03 3.25
CA VAL A 103 -0.82 2.64 3.02
C VAL A 103 -1.12 1.78 4.25
N ALA A 104 -0.95 2.36 5.43
CA ALA A 104 -1.21 1.66 6.67
C ALA A 104 -2.55 0.93 6.63
N THR A 105 -3.51 1.53 5.95
CA THR A 105 -4.84 0.94 5.83
C THR A 105 -4.79 -0.37 5.06
N TYR A 106 -3.93 -0.44 4.05
CA TYR A 106 -3.78 -1.65 3.24
C TYR A 106 -3.24 -2.81 4.08
N TYR A 107 -2.50 -2.47 5.14
CA TYR A 107 -1.94 -3.49 6.02
C TYR A 107 -2.90 -3.82 7.15
N HIS A 108 -3.58 -2.80 7.67
CA HIS A 108 -4.53 -2.99 8.76
C HIS A 108 -5.77 -3.74 8.28
N TYR A 109 -6.41 -3.19 7.26
CA TYR A 109 -7.62 -3.81 6.71
C TYR A 109 -7.41 -5.30 6.47
N PHE A 110 -6.54 -5.62 5.51
CA PHE A 110 -6.25 -7.01 5.17
C PHE A 110 -5.87 -7.80 6.43
N SER A 111 -5.03 -7.20 7.26
CA SER A 111 -4.59 -7.85 8.49
C SER A 111 -5.77 -8.35 9.31
N LYS A 112 -6.73 -7.46 9.56
CA LYS A 112 -7.92 -7.80 10.32
C LYS A 112 -8.42 -9.20 9.95
N MET A 113 -8.54 -9.44 8.64
CA MET A 113 -9.01 -10.74 8.16
C MET A 113 -8.21 -11.88 8.78
N LYS A 114 -8.74 -13.09 8.68
CA LYS A 114 -8.07 -14.26 9.23
C LYS A 114 -6.56 -14.15 9.09
N ALA A 115 -5.89 -13.82 10.19
CA ALA A 115 -4.44 -13.68 10.19
C ALA A 115 -3.85 -14.10 11.53
N LEU A 116 -2.52 -14.06 11.62
CA LEU A 116 -1.83 -14.44 12.84
C LEU A 116 -1.55 -13.21 13.71
N ALA A 117 -1.46 -12.05 13.08
CA ALA A 117 -1.21 -10.81 13.79
C ALA A 117 -2.32 -10.50 14.78
N VAL A 118 -1.93 -10.11 16.00
CA VAL A 118 -2.91 -9.78 17.04
C VAL A 118 -2.69 -8.37 17.58
N GLU A 119 -3.77 -7.61 17.69
CA GLU A 119 -3.69 -6.25 18.19
C GLU A 119 -3.33 -6.23 19.67
N GLY A 120 -3.11 -5.02 20.21
CA GLY A 120 -2.76 -4.90 21.61
C GLY A 120 -3.01 -3.50 22.14
N LYS A 121 -2.62 -2.50 21.37
CA LYS A 121 -2.81 -1.11 21.77
C LYS A 121 -2.85 -0.19 20.55
N SER A 122 -3.83 0.71 20.52
CA SER A 122 -3.98 1.65 19.41
C SER A 122 -3.24 2.95 19.69
N GLY A 123 -2.20 2.87 20.52
CA GLY A 123 -1.43 4.04 20.87
C GLY A 123 -0.94 4.02 22.30
N PRO A 124 0.39 4.13 22.48
CA PRO A 124 1.01 4.12 23.81
C PRO A 124 0.70 5.38 24.60
N SER A 125 0.32 6.45 23.90
CA SER A 125 0.00 7.72 24.53
C SER A 125 -0.77 7.50 25.83
N SER A 126 -1.94 6.87 25.73
CA SER A 126 -2.76 6.59 26.90
C SER A 126 -3.50 5.27 26.73
N GLY A 127 -3.75 4.60 27.85
CA GLY A 127 -4.45 3.33 27.82
C GLY A 127 -3.88 2.32 28.80
N GLY A 1 11.10 -9.32 13.65
CA GLY A 1 10.18 -10.17 14.36
C GLY A 1 8.86 -9.48 14.66
N SER A 2 7.99 -9.40 13.65
CA SER A 2 6.69 -8.75 13.81
C SER A 2 6.08 -9.09 15.17
N SER A 3 6.17 -8.14 16.09
CA SER A 3 5.63 -8.34 17.43
C SER A 3 4.15 -7.97 17.47
N GLY A 4 3.40 -8.38 16.45
CA GLY A 4 1.99 -8.08 16.39
C GLY A 4 1.71 -6.63 16.03
N SER A 5 1.48 -5.81 17.05
CA SER A 5 1.19 -4.40 16.84
C SER A 5 2.14 -3.53 17.67
N SER A 6 2.82 -2.60 17.00
CA SER A 6 3.75 -1.71 17.67
C SER A 6 3.89 -0.38 16.91
N GLY A 7 4.01 0.71 17.66
CA GLY A 7 4.14 2.01 17.03
C GLY A 7 5.52 2.25 16.47
N ALA A 8 5.66 2.10 15.16
CA ALA A 8 6.95 2.30 14.49
C ALA A 8 6.78 2.27 12.98
N LYS A 9 7.78 2.79 12.27
CA LYS A 9 7.75 2.83 10.82
C LYS A 9 8.65 1.75 10.23
N ASP A 10 8.53 0.53 10.75
CA ASP A 10 9.33 -0.60 10.28
C ASP A 10 8.45 -1.79 9.94
N ALA A 11 7.50 -2.08 10.82
CA ALA A 11 6.58 -3.20 10.61
C ALA A 11 5.83 -3.05 9.30
N LEU A 12 5.50 -1.82 8.95
CA LEU A 12 4.77 -1.54 7.72
C LEU A 12 5.70 -1.60 6.51
N LEU A 13 6.74 -0.77 6.54
CA LEU A 13 7.71 -0.73 5.45
C LEU A 13 8.09 -2.13 5.01
N LEU A 14 8.39 -3.00 5.98
CA LEU A 14 8.77 -4.37 5.69
C LEU A 14 7.61 -5.14 5.06
N TRP A 15 6.41 -4.89 5.56
CA TRP A 15 5.22 -5.56 5.04
C TRP A 15 5.12 -5.41 3.54
N CYS A 16 5.06 -4.16 3.07
CA CYS A 16 4.96 -3.88 1.65
C CYS A 16 6.15 -4.46 0.89
N GLN A 17 7.32 -4.40 1.51
CA GLN A 17 8.54 -4.92 0.89
C GLN A 17 8.43 -6.43 0.69
N MET A 18 7.88 -7.12 1.69
CA MET A 18 7.73 -8.57 1.62
C MET A 18 6.76 -8.97 0.53
N LYS A 19 5.56 -8.36 0.54
CA LYS A 19 4.55 -8.65 -0.45
C LYS A 19 5.02 -8.27 -1.85
N THR A 20 5.35 -7.00 -2.03
CA THR A 20 5.82 -6.51 -3.32
C THR A 20 7.02 -7.32 -3.82
N ALA A 21 7.75 -7.91 -2.88
CA ALA A 21 8.92 -8.71 -3.20
C ALA A 21 8.65 -9.60 -4.43
N GLY A 22 7.43 -10.12 -4.51
CA GLY A 22 7.07 -10.98 -5.62
C GLY A 22 7.47 -10.39 -6.97
N TYR A 23 7.16 -9.11 -7.16
CA TYR A 23 7.49 -8.42 -8.40
C TYR A 23 8.86 -7.76 -8.31
N PRO A 24 9.67 -7.95 -9.36
CA PRO A 24 11.03 -7.37 -9.43
C PRO A 24 11.00 -5.86 -9.60
N ASN A 25 10.24 -5.39 -10.58
CA ASN A 25 10.13 -3.96 -10.85
C ASN A 25 9.69 -3.21 -9.60
N VAL A 26 8.69 -3.75 -8.90
CA VAL A 26 8.19 -3.13 -7.68
C VAL A 26 9.21 -3.19 -6.55
N ASN A 27 9.39 -2.08 -5.85
CA ASN A 27 10.34 -2.02 -4.75
C ASN A 27 9.96 -0.94 -3.75
N VAL A 28 9.83 -1.33 -2.48
CA VAL A 28 9.46 -0.39 -1.42
C VAL A 28 10.64 -0.12 -0.50
N HIS A 29 11.58 0.70 -0.96
CA HIS A 29 12.75 1.04 -0.17
C HIS A 29 12.48 2.25 0.71
N ASN A 30 11.66 3.17 0.21
CA ASN A 30 11.31 4.37 0.95
C ASN A 30 9.81 4.63 0.92
N PHE A 31 9.38 5.70 1.57
CA PHE A 31 7.97 6.06 1.62
C PHE A 31 7.70 7.34 0.82
N THR A 32 8.63 7.68 -0.07
CA THR A 32 8.50 8.87 -0.89
C THR A 32 8.62 8.55 -2.37
N THR A 33 9.84 8.21 -2.80
CA THR A 33 10.09 7.87 -4.20
C THR A 33 9.78 6.40 -4.47
N SER A 34 8.78 5.87 -3.77
CA SER A 34 8.39 4.47 -3.94
C SER A 34 6.94 4.37 -4.36
N TRP A 35 6.13 5.33 -3.95
CA TRP A 35 4.71 5.35 -4.28
C TRP A 35 4.38 6.48 -5.26
N ARG A 36 5.42 7.21 -5.66
CA ARG A 36 5.24 8.32 -6.59
C ARG A 36 4.62 7.85 -7.90
N ASP A 37 5.20 6.80 -8.47
CA ASP A 37 4.70 6.25 -9.73
C ASP A 37 3.29 5.69 -9.56
N GLY A 38 3.17 4.67 -8.73
CA GLY A 38 1.87 4.06 -8.49
C GLY A 38 1.92 2.54 -8.47
N LEU A 39 2.80 1.98 -9.29
CA LEU A 39 2.96 0.53 -9.36
C LEU A 39 2.87 -0.10 -7.97
N ALA A 40 3.57 0.49 -7.02
CA ALA A 40 3.58 -0.01 -5.65
C ALA A 40 2.16 -0.32 -5.18
N PHE A 41 1.30 0.69 -5.21
CA PHE A 41 -0.09 0.52 -4.79
C PHE A 41 -0.78 -0.54 -5.62
N ASN A 42 -0.46 -0.60 -6.91
CA ASN A 42 -1.06 -1.57 -7.80
C ASN A 42 -0.41 -2.94 -7.64
N ALA A 43 0.52 -3.03 -6.69
CA ALA A 43 1.21 -4.28 -6.42
C ALA A 43 0.62 -4.99 -5.20
N ILE A 44 0.24 -4.22 -4.20
CA ILE A 44 -0.34 -4.77 -2.98
C ILE A 44 -1.67 -5.46 -3.28
N VAL A 45 -2.57 -4.74 -3.94
CA VAL A 45 -3.88 -5.27 -4.28
C VAL A 45 -3.75 -6.49 -5.20
N HIS A 46 -3.16 -6.27 -6.37
CA HIS A 46 -2.98 -7.35 -7.34
C HIS A 46 -2.62 -8.66 -6.64
N LYS A 47 -1.83 -8.55 -5.58
CA LYS A 47 -1.42 -9.73 -4.82
C LYS A 47 -2.62 -10.43 -4.20
N HIS A 48 -3.54 -9.64 -3.63
CA HIS A 48 -4.73 -10.20 -3.00
C HIS A 48 -5.78 -10.53 -4.06
N ARG A 49 -6.04 -9.59 -4.96
CA ARG A 49 -7.02 -9.80 -6.02
C ARG A 49 -6.46 -9.38 -7.38
N PRO A 50 -5.86 -10.35 -8.08
CA PRO A 50 -5.26 -10.11 -9.40
C PRO A 50 -6.32 -9.85 -10.47
N ASP A 51 -7.58 -9.92 -10.07
CA ASP A 51 -8.68 -9.68 -11.01
C ASP A 51 -9.02 -8.19 -11.07
N LEU A 52 -9.11 -7.56 -9.91
CA LEU A 52 -9.44 -6.14 -9.84
C LEU A 52 -8.71 -5.35 -10.93
N LEU A 53 -7.39 -5.42 -10.91
CA LEU A 53 -6.58 -4.72 -11.90
C LEU A 53 -5.54 -5.66 -12.53
N ASP A 54 -5.09 -5.32 -13.72
CA ASP A 54 -4.10 -6.13 -14.42
C ASP A 54 -2.72 -5.50 -14.33
N PHE A 55 -2.08 -5.64 -13.18
CA PHE A 55 -0.75 -5.09 -12.97
C PHE A 55 0.13 -5.27 -14.20
N GLU A 56 0.11 -6.48 -14.75
CA GLU A 56 0.90 -6.78 -15.94
C GLU A 56 0.51 -5.88 -17.10
N SER A 57 -0.78 -5.61 -17.23
CA SER A 57 -1.28 -4.76 -18.30
C SER A 57 -0.85 -3.31 -18.09
N LEU A 58 -0.96 -2.84 -16.86
CA LEU A 58 -0.58 -1.47 -16.52
C LEU A 58 0.79 -1.13 -17.09
N LYS A 59 0.93 0.10 -17.59
CA LYS A 59 2.19 0.55 -18.15
C LYS A 59 2.95 1.43 -17.16
N LYS A 60 4.21 1.71 -17.47
CA LYS A 60 5.05 2.54 -16.61
C LYS A 60 5.30 3.91 -17.24
N CYS A 61 4.24 4.50 -17.79
CA CYS A 61 4.33 5.81 -18.43
C CYS A 61 3.55 6.85 -17.65
N ASN A 62 2.23 6.65 -17.57
CA ASN A 62 1.37 7.59 -16.87
C ASN A 62 1.21 7.18 -15.40
N ALA A 63 1.84 7.95 -14.51
CA ALA A 63 1.77 7.67 -13.08
C ALA A 63 0.38 7.98 -12.52
N HIS A 64 -0.05 9.22 -12.70
CA HIS A 64 -1.36 9.65 -12.22
C HIS A 64 -2.40 8.54 -12.43
N TYR A 65 -2.62 8.18 -13.68
CA TYR A 65 -3.59 7.15 -14.02
C TYR A 65 -3.42 5.92 -13.12
N ASN A 66 -2.18 5.46 -13.00
CA ASN A 66 -1.88 4.30 -12.17
C ASN A 66 -2.26 4.55 -10.72
N LEU A 67 -1.98 5.75 -10.24
CA LEU A 67 -2.29 6.13 -8.87
C LEU A 67 -3.80 6.19 -8.65
N GLN A 68 -4.44 7.19 -9.22
CA GLN A 68 -5.89 7.35 -9.10
C GLN A 68 -6.60 6.01 -9.24
N ASN A 69 -6.11 5.18 -10.16
CA ASN A 69 -6.71 3.88 -10.40
C ASN A 69 -6.73 3.04 -9.12
N ALA A 70 -5.56 2.87 -8.52
CA ALA A 70 -5.44 2.11 -7.28
C ALA A 70 -6.38 2.65 -6.21
N PHE A 71 -6.23 3.93 -5.89
CA PHE A 71 -7.06 4.56 -4.88
C PHE A 71 -8.54 4.26 -5.11
N ASN A 72 -8.99 4.47 -6.35
CA ASN A 72 -10.38 4.22 -6.70
C ASN A 72 -10.76 2.77 -6.42
N LEU A 73 -10.03 1.85 -7.02
CA LEU A 73 -10.29 0.42 -6.82
C LEU A 73 -10.43 0.09 -5.33
N ALA A 74 -9.48 0.57 -4.53
CA ALA A 74 -9.51 0.33 -3.09
C ALA A 74 -10.63 1.11 -2.43
N GLU A 75 -10.98 2.25 -3.01
CA GLU A 75 -12.04 3.10 -2.46
C GLU A 75 -13.41 2.51 -2.75
N LYS A 76 -13.45 1.58 -3.71
CA LYS A 76 -14.70 0.93 -4.09
C LYS A 76 -14.75 -0.50 -3.58
N GLU A 77 -13.86 -1.34 -4.11
CA GLU A 77 -13.80 -2.74 -3.72
C GLU A 77 -13.59 -2.87 -2.20
N LEU A 78 -12.41 -2.46 -1.74
CA LEU A 78 -12.08 -2.54 -0.33
C LEU A 78 -12.95 -1.58 0.49
N GLY A 79 -13.19 -0.39 -0.07
CA GLY A 79 -14.01 0.58 0.61
C GLY A 79 -13.21 1.44 1.58
N LEU A 80 -12.03 1.87 1.15
CA LEU A 80 -11.16 2.70 1.98
C LEU A 80 -11.31 4.17 1.64
N THR A 81 -11.47 5.00 2.66
CA THR A 81 -11.62 6.44 2.46
C THR A 81 -10.35 7.06 1.91
N LYS A 82 -10.43 7.63 0.72
CA LYS A 82 -9.27 8.26 0.08
C LYS A 82 -8.74 9.40 0.94
N LEU A 83 -7.53 9.21 1.48
CA LEU A 83 -6.90 10.22 2.32
C LEU A 83 -5.95 11.09 1.50
N LEU A 84 -5.27 10.47 0.54
CA LEU A 84 -4.33 11.18 -0.31
C LEU A 84 -4.89 11.36 -1.72
N ASP A 85 -4.15 12.07 -2.56
CA ASP A 85 -4.57 12.31 -3.94
C ASP A 85 -3.49 11.89 -4.92
N PRO A 86 -3.92 11.48 -6.13
CA PRO A 86 -2.99 11.04 -7.18
C PRO A 86 -2.17 12.19 -7.75
N GLU A 87 -2.40 13.38 -7.22
CA GLU A 87 -1.69 14.57 -7.68
C GLU A 87 -0.74 15.10 -6.61
N ASP A 88 -1.18 15.02 -5.36
CA ASP A 88 -0.37 15.49 -4.24
C ASP A 88 0.83 14.57 -4.01
N VAL A 89 0.57 13.27 -4.01
CA VAL A 89 1.63 12.28 -3.81
C VAL A 89 2.60 12.28 -4.98
N ASN A 90 2.06 12.16 -6.20
CA ASN A 90 2.88 12.13 -7.40
C ASN A 90 3.73 13.39 -7.50
N VAL A 91 4.91 13.35 -6.87
CA VAL A 91 5.83 14.48 -6.88
C VAL A 91 7.26 14.02 -6.65
N ASP A 92 8.21 14.92 -6.92
CA ASP A 92 9.63 14.61 -6.74
C ASP A 92 9.88 14.04 -5.35
N GLN A 93 9.46 14.79 -4.33
CA GLN A 93 9.65 14.36 -2.95
C GLN A 93 8.38 14.56 -2.14
N PRO A 94 7.47 13.58 -2.21
CA PRO A 94 6.19 13.63 -1.49
C PRO A 94 6.37 13.48 0.02
N ASP A 95 5.26 13.48 0.75
CA ASP A 95 5.30 13.35 2.20
C ASP A 95 5.10 11.90 2.61
N GLU A 96 6.19 11.25 3.03
CA GLU A 96 6.14 9.86 3.46
C GLU A 96 5.11 9.67 4.56
N LYS A 97 5.16 10.53 5.57
CA LYS A 97 4.24 10.45 6.69
C LYS A 97 2.79 10.45 6.21
N SER A 98 2.48 11.36 5.28
CA SER A 98 1.13 11.46 4.74
C SER A 98 0.80 10.26 3.87
N ILE A 99 1.82 9.45 3.58
CA ILE A 99 1.64 8.25 2.76
C ILE A 99 1.52 7.00 3.62
N ILE A 100 2.27 6.98 4.72
CA ILE A 100 2.26 5.84 5.63
C ILE A 100 0.87 5.63 6.22
N THR A 101 0.17 6.74 6.49
CA THR A 101 -1.16 6.67 7.06
C THR A 101 -2.13 5.96 6.12
N TYR A 102 -2.06 6.29 4.83
CA TYR A 102 -2.92 5.67 3.84
C TYR A 102 -2.59 4.19 3.66
N VAL A 103 -1.37 3.93 3.22
CA VAL A 103 -0.92 2.55 3.01
C VAL A 103 -1.25 1.68 4.20
N ALA A 104 -1.24 2.27 5.39
CA ALA A 104 -1.54 1.55 6.62
C ALA A 104 -2.92 0.89 6.54
N THR A 105 -3.86 1.57 5.90
CA THR A 105 -5.22 1.06 5.76
C THR A 105 -5.22 -0.31 5.07
N TYR A 106 -4.26 -0.51 4.18
CA TYR A 106 -4.15 -1.76 3.44
C TYR A 106 -3.77 -2.91 4.38
N TYR A 107 -2.75 -2.68 5.20
CA TYR A 107 -2.29 -3.68 6.15
C TYR A 107 -3.33 -3.95 7.23
N HIS A 108 -3.81 -2.87 7.85
CA HIS A 108 -4.82 -2.98 8.90
C HIS A 108 -6.05 -3.71 8.40
N TYR A 109 -6.71 -3.14 7.39
CA TYR A 109 -7.91 -3.73 6.82
C TYR A 109 -7.71 -5.23 6.58
N PHE A 110 -6.83 -5.57 5.65
CA PHE A 110 -6.55 -6.96 5.32
C PHE A 110 -6.23 -7.75 6.59
N SER A 111 -5.43 -7.16 7.47
CA SER A 111 -5.05 -7.81 8.72
C SER A 111 -6.29 -8.27 9.50
N LYS A 112 -7.27 -7.39 9.60
CA LYS A 112 -8.50 -7.70 10.32
C LYS A 112 -8.98 -9.12 9.98
N MET A 113 -9.23 -9.36 8.71
CA MET A 113 -9.69 -10.68 8.27
C MET A 113 -8.89 -11.79 8.95
N LYS A 114 -9.57 -12.88 9.30
CA LYS A 114 -8.94 -14.01 9.95
C LYS A 114 -7.74 -14.50 9.14
N ALA A 115 -6.56 -13.97 9.46
CA ALA A 115 -5.34 -14.36 8.77
C ALA A 115 -4.25 -14.77 9.76
N LEU A 116 -3.45 -15.75 9.39
CA LEU A 116 -2.36 -16.23 10.24
C LEU A 116 -1.01 -15.99 9.60
N ALA A 117 0.05 -16.35 10.31
CA ALA A 117 1.41 -16.17 9.80
C ALA A 117 2.43 -16.84 10.70
N VAL A 118 3.68 -16.91 10.25
CA VAL A 118 4.74 -17.52 11.02
C VAL A 118 5.44 -16.50 11.91
N GLU A 119 5.64 -16.85 13.17
CA GLU A 119 6.29 -15.95 14.12
C GLU A 119 7.49 -16.64 14.78
N GLY A 120 8.52 -15.86 15.11
CA GLY A 120 9.70 -16.42 15.74
C GLY A 120 10.51 -15.37 16.48
N LYS A 121 10.51 -15.46 17.81
CA LYS A 121 11.26 -14.51 18.63
C LYS A 121 11.91 -15.21 19.81
N SER A 122 12.52 -14.43 20.70
CA SER A 122 13.19 -14.98 21.87
C SER A 122 12.75 -14.25 23.14
N GLY A 123 13.12 -14.80 24.29
CA GLY A 123 12.75 -14.19 25.56
C GLY A 123 13.43 -12.86 25.77
N PRO A 124 14.41 -12.84 26.69
CA PRO A 124 15.17 -11.62 27.01
C PRO A 124 16.09 -11.19 25.88
N SER A 125 16.46 -9.92 25.88
CA SER A 125 17.34 -9.38 24.85
C SER A 125 18.59 -8.77 25.47
N SER A 126 19.65 -8.65 24.66
CA SER A 126 20.90 -8.08 25.13
C SER A 126 21.10 -6.67 24.59
N GLY A 127 21.96 -5.90 25.25
CA GLY A 127 22.22 -4.54 24.83
C GLY A 127 23.68 -4.31 24.48
N GLY A 1 -0.62 -6.56 28.28
CA GLY A 1 0.05 -5.90 27.18
C GLY A 1 -0.57 -4.58 26.82
N SER A 2 -1.02 -4.45 25.58
CA SER A 2 -1.66 -3.23 25.11
C SER A 2 -0.97 -2.00 25.72
N SER A 3 0.35 -2.04 25.78
CA SER A 3 1.12 -0.94 26.36
C SER A 3 1.61 0.00 25.26
N GLY A 4 2.31 -0.56 24.27
CA GLY A 4 2.83 0.24 23.18
C GLY A 4 2.30 -0.21 21.83
N SER A 5 1.33 0.53 21.31
CA SER A 5 0.73 0.21 20.02
C SER A 5 1.59 0.72 18.87
N SER A 6 1.34 0.22 17.67
CA SER A 6 2.08 0.63 16.49
C SER A 6 2.31 2.14 16.49
N GLY A 7 3.48 2.56 16.01
CA GLY A 7 3.80 3.97 15.97
C GLY A 7 4.83 4.29 14.90
N ALA A 8 5.82 3.43 14.77
CA ALA A 8 6.88 3.63 13.77
C ALA A 8 6.40 3.23 12.38
N LYS A 9 7.31 3.27 11.40
CA LYS A 9 6.99 2.92 10.04
C LYS A 9 7.93 1.84 9.51
N ASP A 10 8.49 1.07 10.43
CA ASP A 10 9.41 -0.01 10.07
C ASP A 10 8.65 -1.29 9.77
N ALA A 11 7.85 -1.75 10.72
CA ALA A 11 7.07 -2.96 10.56
C ALA A 11 6.28 -2.94 9.26
N LEU A 12 5.53 -1.86 9.05
CA LEU A 12 4.73 -1.71 7.84
C LEU A 12 5.61 -1.75 6.59
N LEU A 13 6.60 -0.87 6.54
CA LEU A 13 7.52 -0.81 5.41
C LEU A 13 7.93 -2.20 4.96
N LEU A 14 8.17 -3.08 5.94
CA LEU A 14 8.57 -4.45 5.66
C LEU A 14 7.42 -5.24 5.01
N TRP A 15 6.20 -4.97 5.46
CA TRP A 15 5.03 -5.65 4.93
C TRP A 15 4.95 -5.48 3.42
N CYS A 16 4.92 -4.23 2.97
CA CYS A 16 4.84 -3.94 1.54
C CYS A 16 6.02 -4.55 0.79
N GLN A 17 7.15 -4.65 1.46
CA GLN A 17 8.35 -5.23 0.86
C GLN A 17 8.15 -6.70 0.52
N MET A 18 7.49 -7.42 1.42
CA MET A 18 7.22 -8.83 1.23
C MET A 18 6.28 -9.05 0.04
N LYS A 19 5.18 -8.31 0.02
CA LYS A 19 4.21 -8.42 -1.06
C LYS A 19 4.82 -8.01 -2.39
N THR A 20 5.45 -6.84 -2.42
CA THR A 20 6.08 -6.35 -3.63
C THR A 20 7.29 -7.20 -4.02
N ALA A 21 7.90 -7.83 -3.02
CA ALA A 21 9.06 -8.68 -3.26
C ALA A 21 8.84 -9.61 -4.43
N GLY A 22 9.58 -9.38 -5.51
CA GLY A 22 9.44 -10.22 -6.70
C GLY A 22 8.83 -9.47 -7.87
N TYR A 23 7.87 -8.59 -7.57
CA TYR A 23 7.21 -7.81 -8.60
C TYR A 23 8.21 -7.12 -9.51
N PRO A 24 7.76 -6.73 -10.71
CA PRO A 24 8.61 -6.05 -11.69
C PRO A 24 8.99 -4.64 -11.26
N ASN A 25 10.29 -4.36 -11.23
CA ASN A 25 10.79 -3.05 -10.84
C ASN A 25 9.96 -2.48 -9.68
N VAL A 26 9.47 -3.37 -8.82
CA VAL A 26 8.67 -2.97 -7.67
C VAL A 26 9.38 -3.29 -6.36
N ASN A 27 9.98 -2.28 -5.76
CA ASN A 27 10.69 -2.46 -4.49
C ASN A 27 10.38 -1.32 -3.52
N VAL A 28 9.72 -1.67 -2.41
CA VAL A 28 9.35 -0.69 -1.40
C VAL A 28 10.49 -0.47 -0.41
N HIS A 29 11.35 0.50 -0.71
CA HIS A 29 12.47 0.80 0.17
C HIS A 29 12.16 2.00 1.07
N ASN A 30 11.59 3.05 0.48
CA ASN A 30 11.24 4.25 1.23
C ASN A 30 9.75 4.55 1.10
N PHE A 31 9.29 5.56 1.83
CA PHE A 31 7.89 5.95 1.81
C PHE A 31 7.69 7.21 0.97
N THR A 32 8.72 7.58 0.21
CA THR A 32 8.66 8.76 -0.63
C THR A 32 8.74 8.39 -2.11
N THR A 33 9.93 8.04 -2.56
CA THR A 33 10.14 7.66 -3.96
C THR A 33 9.76 6.21 -4.20
N SER A 34 8.72 5.75 -3.51
CA SER A 34 8.26 4.37 -3.65
C SER A 34 6.80 4.33 -4.09
N TRP A 35 6.07 5.39 -3.81
CA TRP A 35 4.66 5.47 -4.18
C TRP A 35 4.41 6.69 -5.06
N ARG A 36 5.48 7.31 -5.53
CA ARG A 36 5.37 8.49 -6.38
C ARG A 36 4.66 8.14 -7.69
N ASP A 37 5.13 7.08 -8.35
CA ASP A 37 4.54 6.65 -9.61
C ASP A 37 3.16 6.04 -9.39
N GLY A 38 3.10 5.03 -8.51
CA GLY A 38 1.83 4.38 -8.22
C GLY A 38 1.95 2.87 -8.21
N LEU A 39 2.82 2.34 -9.06
CA LEU A 39 3.03 0.89 -9.14
C LEU A 39 2.86 0.24 -7.77
N ALA A 40 3.72 0.63 -6.83
CA ALA A 40 3.67 0.08 -5.48
C ALA A 40 2.23 -0.15 -5.03
N PHE A 41 1.44 0.92 -5.05
CA PHE A 41 0.03 0.83 -4.64
C PHE A 41 -0.70 -0.22 -5.46
N ASN A 42 -0.50 -0.19 -6.77
CA ASN A 42 -1.14 -1.15 -7.67
C ASN A 42 -0.51 -2.53 -7.53
N ALA A 43 0.47 -2.65 -6.65
CA ALA A 43 1.16 -3.92 -6.44
C ALA A 43 0.58 -4.64 -5.23
N ILE A 44 0.20 -3.88 -4.21
CA ILE A 44 -0.37 -4.46 -3.00
C ILE A 44 -1.68 -5.16 -3.29
N VAL A 45 -2.60 -4.44 -3.92
CA VAL A 45 -3.91 -4.99 -4.26
C VAL A 45 -3.78 -6.20 -5.18
N HIS A 46 -3.03 -6.03 -6.26
CA HIS A 46 -2.82 -7.10 -7.22
C HIS A 46 -2.40 -8.39 -6.52
N LYS A 47 -1.70 -8.24 -5.39
CA LYS A 47 -1.24 -9.39 -4.63
C LYS A 47 -2.42 -10.16 -4.04
N HIS A 48 -3.39 -9.43 -3.52
CA HIS A 48 -4.58 -10.04 -2.92
C HIS A 48 -5.60 -10.40 -4.00
N ARG A 49 -5.97 -9.42 -4.80
CA ARG A 49 -6.95 -9.63 -5.88
C ARG A 49 -6.40 -9.15 -7.21
N PRO A 50 -5.67 -10.05 -7.91
CA PRO A 50 -5.08 -9.74 -9.21
C PRO A 50 -6.13 -9.59 -10.31
N ASP A 51 -7.39 -9.69 -9.92
CA ASP A 51 -8.50 -9.56 -10.87
C ASP A 51 -8.94 -8.10 -10.99
N LEU A 52 -9.04 -7.42 -9.85
CA LEU A 52 -9.46 -6.03 -9.82
C LEU A 52 -8.78 -5.24 -10.94
N LEU A 53 -7.45 -5.20 -10.90
CA LEU A 53 -6.68 -4.47 -11.91
C LEU A 53 -5.74 -5.42 -12.66
N ASP A 54 -5.02 -4.87 -13.63
CA ASP A 54 -4.08 -5.67 -14.42
C ASP A 54 -2.69 -5.07 -14.38
N PHE A 55 -1.99 -5.29 -13.26
CA PHE A 55 -0.64 -4.78 -13.09
C PHE A 55 0.18 -4.96 -14.36
N GLU A 56 0.13 -6.17 -14.92
CA GLU A 56 0.88 -6.47 -16.14
C GLU A 56 0.56 -5.46 -17.24
N SER A 57 -0.69 -4.99 -17.26
CA SER A 57 -1.12 -4.02 -18.25
C SER A 57 -0.58 -2.63 -17.93
N LEU A 58 -0.65 -2.26 -16.67
CA LEU A 58 -0.17 -0.95 -16.22
C LEU A 58 1.29 -0.74 -16.64
N LYS A 59 1.66 0.52 -16.81
CA LYS A 59 3.03 0.85 -17.20
C LYS A 59 3.53 2.07 -16.43
N LYS A 60 4.85 2.20 -16.30
CA LYS A 60 5.45 3.32 -15.60
C LYS A 60 5.00 4.66 -16.20
N CYS A 61 4.82 4.67 -17.51
CA CYS A 61 4.38 5.88 -18.21
C CYS A 61 3.07 6.39 -17.64
N ASN A 62 2.25 5.48 -17.15
CA ASN A 62 0.95 5.84 -16.57
C ASN A 62 1.05 5.96 -15.05
N ALA A 63 1.69 7.02 -14.58
CA ALA A 63 1.86 7.26 -13.16
C ALA A 63 0.55 7.73 -12.53
N HIS A 64 0.07 8.88 -12.99
CA HIS A 64 -1.17 9.44 -12.48
C HIS A 64 -2.33 8.47 -12.65
N TYR A 65 -2.44 7.89 -13.85
CA TYR A 65 -3.50 6.94 -14.15
C TYR A 65 -3.43 5.73 -13.23
N ASN A 66 -2.22 5.25 -13.00
CA ASN A 66 -2.00 4.09 -12.13
C ASN A 66 -2.37 4.42 -10.69
N LEU A 67 -2.04 5.63 -10.26
CA LEU A 67 -2.33 6.07 -8.90
C LEU A 67 -3.83 6.06 -8.64
N GLN A 68 -4.56 6.92 -9.33
CA GLN A 68 -6.01 7.01 -9.17
C GLN A 68 -6.65 5.62 -9.25
N ASN A 69 -6.09 4.77 -10.10
CA ASN A 69 -6.60 3.41 -10.27
C ASN A 69 -6.67 2.69 -8.93
N ALA A 70 -5.55 2.63 -8.23
CA ALA A 70 -5.47 1.96 -6.93
C ALA A 70 -6.30 2.72 -5.90
N PHE A 71 -6.08 4.02 -5.79
CA PHE A 71 -6.80 4.85 -4.84
C PHE A 71 -8.31 4.63 -4.95
N ASN A 72 -8.80 4.58 -6.19
CA ASN A 72 -10.23 4.36 -6.43
C ASN A 72 -10.62 2.92 -6.14
N LEU A 73 -10.02 1.99 -6.87
CA LEU A 73 -10.31 0.57 -6.69
C LEU A 73 -10.43 0.22 -5.22
N ALA A 74 -9.42 0.60 -4.44
CA ALA A 74 -9.41 0.32 -3.01
C ALA A 74 -10.62 0.97 -2.33
N GLU A 75 -10.97 2.17 -2.77
CA GLU A 75 -12.11 2.88 -2.20
C GLU A 75 -13.42 2.22 -2.58
N LYS A 76 -13.39 1.45 -3.68
CA LYS A 76 -14.58 0.76 -4.16
C LYS A 76 -14.61 -0.68 -3.67
N GLU A 77 -13.68 -1.49 -4.16
CA GLU A 77 -13.60 -2.90 -3.78
C GLU A 77 -13.46 -3.03 -2.27
N LEU A 78 -12.29 -2.67 -1.75
CA LEU A 78 -12.04 -2.75 -0.32
C LEU A 78 -13.01 -1.89 0.46
N GLY A 79 -13.21 -0.65 0.00
CA GLY A 79 -14.13 0.26 0.67
C GLY A 79 -13.41 1.20 1.61
N LEU A 80 -12.22 1.63 1.23
CA LEU A 80 -11.43 2.54 2.06
C LEU A 80 -11.68 3.99 1.66
N THR A 81 -11.34 4.91 2.54
CA THR A 81 -11.53 6.34 2.28
C THR A 81 -10.25 6.96 1.74
N LYS A 82 -10.28 7.38 0.48
CA LYS A 82 -9.12 8.00 -0.16
C LYS A 82 -8.64 9.20 0.64
N LEU A 83 -7.46 9.08 1.23
CA LEU A 83 -6.89 10.16 2.03
C LEU A 83 -6.02 11.07 1.17
N LEU A 84 -5.27 10.45 0.25
CA LEU A 84 -4.39 11.20 -0.65
C LEU A 84 -4.98 11.29 -2.05
N ASP A 85 -4.24 11.91 -2.96
CA ASP A 85 -4.69 12.06 -4.34
C ASP A 85 -3.60 11.63 -5.32
N PRO A 86 -4.02 11.22 -6.52
CA PRO A 86 -3.09 10.78 -7.57
C PRO A 86 -2.26 11.93 -8.13
N GLU A 87 -2.50 13.13 -7.62
CA GLU A 87 -1.77 14.30 -8.08
C GLU A 87 -0.87 14.85 -6.98
N ASP A 88 -1.29 14.68 -5.73
CA ASP A 88 -0.52 15.15 -4.59
C ASP A 88 0.67 14.23 -4.32
N VAL A 89 0.43 12.93 -4.41
CA VAL A 89 1.48 11.94 -4.18
C VAL A 89 2.56 12.01 -5.26
N ASN A 90 2.12 12.04 -6.52
CA ASN A 90 3.05 12.11 -7.64
C ASN A 90 3.88 13.38 -7.59
N VAL A 91 5.03 13.31 -6.91
CA VAL A 91 5.92 14.45 -6.79
C VAL A 91 7.35 14.01 -6.48
N ASP A 92 8.32 14.83 -6.87
CA ASP A 92 9.72 14.52 -6.64
C ASP A 92 9.92 13.96 -5.23
N GLN A 93 9.47 14.70 -4.23
CA GLN A 93 9.60 14.27 -2.84
C GLN A 93 8.30 14.49 -2.07
N PRO A 94 7.44 13.47 -2.08
CA PRO A 94 6.14 13.53 -1.39
C PRO A 94 6.29 13.53 0.14
N ASP A 95 5.18 13.35 0.83
CA ASP A 95 5.19 13.33 2.30
C ASP A 95 5.15 11.90 2.81
N GLU A 96 6.32 11.29 2.97
CA GLU A 96 6.41 9.92 3.46
C GLU A 96 5.42 9.68 4.58
N LYS A 97 5.26 10.66 5.45
CA LYS A 97 4.34 10.56 6.58
C LYS A 97 2.89 10.54 6.09
N SER A 98 2.59 11.41 5.12
CA SER A 98 1.24 11.49 4.57
C SER A 98 0.90 10.23 3.77
N ILE A 99 1.92 9.45 3.44
CA ILE A 99 1.73 8.22 2.67
C ILE A 99 1.67 7.01 3.60
N ILE A 100 2.62 6.92 4.53
CA ILE A 100 2.67 5.82 5.47
C ILE A 100 1.33 5.62 6.16
N THR A 101 0.64 6.72 6.43
CA THR A 101 -0.66 6.68 7.09
C THR A 101 -1.69 5.99 6.21
N TYR A 102 -1.73 6.36 4.93
CA TYR A 102 -2.68 5.78 3.99
C TYR A 102 -2.43 4.29 3.81
N VAL A 103 -1.25 3.94 3.29
CA VAL A 103 -0.88 2.55 3.07
C VAL A 103 -1.16 1.72 4.32
N ALA A 104 -1.02 2.34 5.49
CA ALA A 104 -1.25 1.65 6.75
C ALA A 104 -2.61 0.98 6.77
N THR A 105 -3.58 1.59 6.09
CA THR A 105 -4.94 1.05 6.03
C THR A 105 -4.96 -0.27 5.27
N TYR A 106 -4.18 -0.36 4.21
CA TYR A 106 -4.12 -1.57 3.40
C TYR A 106 -3.71 -2.77 4.24
N TYR A 107 -2.75 -2.56 5.14
CA TYR A 107 -2.27 -3.63 6.01
C TYR A 107 -3.32 -3.99 7.06
N HIS A 108 -3.68 -3.02 7.89
CA HIS A 108 -4.68 -3.22 8.94
C HIS A 108 -5.96 -3.81 8.36
N TYR A 109 -6.50 -3.16 7.34
CA TYR A 109 -7.72 -3.61 6.70
C TYR A 109 -7.67 -5.12 6.42
N PHE A 110 -6.76 -5.51 5.55
CA PHE A 110 -6.60 -6.92 5.19
C PHE A 110 -6.34 -7.76 6.44
N SER A 111 -5.48 -7.27 7.32
CA SER A 111 -5.15 -7.98 8.55
C SER A 111 -6.40 -8.31 9.35
N LYS A 112 -7.33 -7.35 9.40
CA LYS A 112 -8.58 -7.53 10.12
C LYS A 112 -9.32 -8.78 9.63
N MET A 113 -9.44 -8.90 8.31
CA MET A 113 -10.13 -10.04 7.71
C MET A 113 -9.74 -11.34 8.42
N LYS A 114 -10.62 -12.33 8.35
CA LYS A 114 -10.38 -13.62 8.98
C LYS A 114 -8.90 -14.00 8.87
N ALA A 115 -8.33 -14.44 9.98
CA ALA A 115 -6.93 -14.85 10.00
C ALA A 115 -6.55 -15.47 11.34
N LEU A 116 -5.51 -16.29 11.35
CA LEU A 116 -5.06 -16.94 12.57
C LEU A 116 -5.17 -16.01 13.77
N ALA A 117 -5.58 -16.56 14.90
CA ALA A 117 -5.73 -15.77 16.12
C ALA A 117 -6.08 -16.66 17.31
N VAL A 118 -5.52 -16.34 18.47
CA VAL A 118 -5.78 -17.11 19.68
C VAL A 118 -7.05 -16.63 20.38
N GLU A 119 -8.12 -16.50 19.61
CA GLU A 119 -9.40 -16.04 20.15
C GLU A 119 -9.23 -14.75 20.95
N GLY A 120 -8.44 -13.83 20.40
CA GLY A 120 -8.20 -12.56 21.07
C GLY A 120 -9.22 -11.51 20.68
N LYS A 121 -10.24 -11.33 21.52
CA LYS A 121 -11.28 -10.34 21.26
C LYS A 121 -11.87 -9.82 22.56
N SER A 122 -12.31 -8.57 22.55
CA SER A 122 -12.90 -7.96 23.73
C SER A 122 -14.40 -7.72 23.53
N GLY A 123 -15.19 -8.75 23.86
CA GLY A 123 -16.63 -8.64 23.71
C GLY A 123 -17.15 -9.41 22.52
N PRO A 124 -18.42 -9.86 22.59
CA PRO A 124 -19.05 -10.62 21.52
C PRO A 124 -19.34 -9.76 20.30
N SER A 125 -19.67 -10.41 19.19
CA SER A 125 -19.97 -9.71 17.94
C SER A 125 -21.41 -9.22 17.93
N SER A 126 -21.59 -7.94 17.57
CA SER A 126 -22.92 -7.36 17.51
C SER A 126 -23.38 -7.17 16.07
N GLY A 127 -24.46 -7.85 15.70
CA GLY A 127 -24.97 -7.74 14.35
C GLY A 127 -25.81 -6.49 14.14
N GLY A 1 12.23 11.02 16.21
CA GLY A 1 13.14 11.37 17.29
C GLY A 1 12.61 10.94 18.65
N SER A 2 11.80 11.81 19.25
CA SER A 2 11.23 11.52 20.57
C SER A 2 9.71 11.47 20.51
N SER A 3 9.13 10.47 21.16
CA SER A 3 7.68 10.29 21.18
C SER A 3 7.24 9.43 22.35
N GLY A 4 6.00 9.61 22.79
CA GLY A 4 5.48 8.84 23.90
C GLY A 4 6.02 7.42 23.92
N SER A 5 6.09 6.80 22.74
CA SER A 5 6.59 5.43 22.64
C SER A 5 7.40 5.26 21.36
N SER A 6 8.03 4.09 21.22
CA SER A 6 8.85 3.79 20.05
C SER A 6 7.98 3.67 18.81
N GLY A 7 7.66 4.81 18.20
CA GLY A 7 6.84 4.81 17.01
C GLY A 7 7.66 4.93 15.74
N ALA A 8 7.72 3.85 14.97
CA ALA A 8 8.48 3.83 13.73
C ALA A 8 7.63 3.30 12.58
N LYS A 9 8.14 3.46 11.36
CA LYS A 9 7.43 3.00 10.17
C LYS A 9 8.13 1.79 9.56
N ASP A 10 8.80 1.01 10.40
CA ASP A 10 9.51 -0.18 9.94
C ASP A 10 8.54 -1.33 9.71
N ALA A 11 7.83 -1.72 10.76
CA ALA A 11 6.86 -2.82 10.68
C ALA A 11 6.12 -2.78 9.34
N LEU A 12 5.57 -1.62 9.01
CA LEU A 12 4.82 -1.46 7.77
C LEU A 12 5.74 -1.63 6.56
N LEU A 13 6.79 -0.82 6.50
CA LEU A 13 7.75 -0.88 5.40
C LEU A 13 8.05 -2.33 5.02
N LEU A 14 8.35 -3.15 6.02
CA LEU A 14 8.65 -4.55 5.79
C LEU A 14 7.48 -5.27 5.13
N TRP A 15 6.27 -4.94 5.58
CA TRP A 15 5.06 -5.55 5.02
C TRP A 15 5.04 -5.42 3.50
N CYS A 16 5.06 -4.19 3.02
CA CYS A 16 5.04 -3.93 1.59
C CYS A 16 6.15 -4.70 0.87
N GLN A 17 7.34 -4.68 1.47
CA GLN A 17 8.49 -5.37 0.89
C GLN A 17 8.19 -6.86 0.71
N MET A 18 7.57 -7.47 1.72
CA MET A 18 7.22 -8.88 1.67
C MET A 18 6.21 -9.16 0.57
N LYS A 19 5.13 -8.38 0.56
CA LYS A 19 4.09 -8.54 -0.45
C LYS A 19 4.62 -8.23 -1.85
N THR A 20 5.05 -6.98 -2.04
CA THR A 20 5.58 -6.55 -3.33
C THR A 20 6.61 -7.54 -3.86
N ALA A 21 7.17 -8.34 -2.95
CA ALA A 21 8.17 -9.33 -3.33
C ALA A 21 7.70 -10.14 -4.54
N GLY A 22 8.57 -10.22 -5.55
CA GLY A 22 8.23 -10.96 -6.76
C GLY A 22 8.21 -10.09 -8.00
N TYR A 23 7.69 -8.87 -7.84
CA TYR A 23 7.60 -7.94 -8.96
C TYR A 23 8.97 -7.31 -9.24
N PRO A 24 9.41 -7.38 -10.51
CA PRO A 24 10.69 -6.81 -10.94
C PRO A 24 10.69 -5.29 -10.92
N ASN A 25 9.66 -4.70 -11.51
CA ASN A 25 9.54 -3.24 -11.56
C ASN A 25 8.94 -2.70 -10.27
N VAL A 26 9.24 -3.37 -9.16
CA VAL A 26 8.74 -2.95 -7.85
C VAL A 26 9.84 -3.01 -6.80
N ASN A 27 9.89 -2.00 -5.95
CA ASN A 27 10.89 -1.94 -4.88
C ASN A 27 10.51 -0.92 -3.83
N VAL A 28 10.27 -1.39 -2.62
CA VAL A 28 9.89 -0.51 -1.51
C VAL A 28 11.06 -0.25 -0.58
N HIS A 29 11.80 0.83 -0.85
CA HIS A 29 12.95 1.19 -0.04
C HIS A 29 12.65 2.40 0.83
N ASN A 30 11.80 3.29 0.33
CA ASN A 30 11.43 4.49 1.06
C ASN A 30 9.92 4.73 0.99
N PHE A 31 9.44 5.72 1.73
CA PHE A 31 8.02 6.04 1.76
C PHE A 31 7.76 7.37 1.05
N THR A 32 8.62 7.71 0.09
CA THR A 32 8.48 8.95 -0.66
C THR A 32 8.54 8.69 -2.16
N THR A 33 9.74 8.43 -2.66
CA THR A 33 9.94 8.17 -4.08
C THR A 33 9.69 6.70 -4.41
N SER A 34 8.78 6.08 -3.65
CA SER A 34 8.46 4.68 -3.86
C SER A 34 7.00 4.51 -4.29
N TRP A 35 6.17 5.49 -3.91
CA TRP A 35 4.75 5.45 -4.26
C TRP A 35 4.41 6.60 -5.20
N ARG A 36 5.41 7.36 -5.61
CA ARG A 36 5.20 8.48 -6.51
C ARG A 36 4.58 8.02 -7.82
N ASP A 37 5.14 6.97 -8.39
CA ASP A 37 4.64 6.42 -9.65
C ASP A 37 3.23 5.86 -9.48
N GLY A 38 3.09 4.90 -8.57
CA GLY A 38 1.80 4.29 -8.32
C GLY A 38 1.86 2.78 -8.32
N LEU A 39 2.69 2.22 -9.18
CA LEU A 39 2.84 0.77 -9.27
C LEU A 39 2.72 0.11 -7.90
N ALA A 40 3.60 0.53 -6.98
CA ALA A 40 3.59 -0.01 -5.63
C ALA A 40 2.17 -0.28 -5.16
N PHE A 41 1.34 0.76 -5.14
CA PHE A 41 -0.04 0.64 -4.71
C PHE A 41 -0.79 -0.42 -5.54
N ASN A 42 -0.55 -0.40 -6.85
CA ASN A 42 -1.19 -1.35 -7.74
C ASN A 42 -0.58 -2.74 -7.59
N ALA A 43 0.37 -2.87 -6.67
CA ALA A 43 1.02 -4.15 -6.41
C ALA A 43 0.41 -4.84 -5.20
N ILE A 44 0.10 -4.06 -4.17
CA ILE A 44 -0.49 -4.61 -2.95
C ILE A 44 -1.83 -5.26 -3.24
N VAL A 45 -2.67 -4.56 -4.00
CA VAL A 45 -3.99 -5.08 -4.35
C VAL A 45 -3.89 -6.32 -5.22
N HIS A 46 -3.32 -6.15 -6.42
CA HIS A 46 -3.16 -7.26 -7.35
C HIS A 46 -2.86 -8.56 -6.61
N LYS A 47 -1.84 -8.52 -5.75
CA LYS A 47 -1.44 -9.70 -4.98
C LYS A 47 -2.65 -10.31 -4.27
N HIS A 48 -3.50 -9.46 -3.72
CA HIS A 48 -4.69 -9.92 -3.01
C HIS A 48 -5.77 -10.36 -4.00
N ARG A 49 -6.06 -9.51 -4.98
CA ARG A 49 -7.07 -9.81 -5.99
C ARG A 49 -6.53 -9.57 -7.38
N PRO A 50 -5.97 -10.61 -8.01
CA PRO A 50 -5.40 -10.52 -9.36
C PRO A 50 -6.48 -10.35 -10.42
N ASP A 51 -7.72 -10.23 -9.98
CA ASP A 51 -8.85 -10.06 -10.90
C ASP A 51 -9.17 -8.57 -11.08
N LEU A 52 -9.20 -7.84 -9.97
CA LEU A 52 -9.50 -6.42 -10.00
C LEU A 52 -8.75 -5.73 -11.14
N LEU A 53 -7.43 -5.68 -11.01
CA LEU A 53 -6.59 -5.04 -12.03
C LEU A 53 -5.57 -6.03 -12.59
N ASP A 54 -4.85 -5.62 -13.63
CA ASP A 54 -3.85 -6.47 -14.26
C ASP A 54 -2.49 -5.79 -14.26
N PHE A 55 -1.70 -6.03 -13.23
CA PHE A 55 -0.37 -5.44 -13.11
C PHE A 55 0.40 -5.57 -14.43
N GLU A 56 0.37 -6.77 -15.01
CA GLU A 56 1.06 -7.02 -16.26
C GLU A 56 0.55 -6.11 -17.37
N SER A 57 -0.72 -5.72 -17.25
CA SER A 57 -1.34 -4.84 -18.24
C SER A 57 -0.90 -3.39 -18.05
N LEU A 58 -0.89 -2.94 -16.80
CA LEU A 58 -0.48 -1.58 -16.48
C LEU A 58 0.75 -1.18 -17.29
N LYS A 59 0.79 0.10 -17.68
CA LYS A 59 1.91 0.62 -18.47
C LYS A 59 2.73 1.60 -17.64
N LYS A 60 4.04 1.47 -17.71
CA LYS A 60 4.94 2.36 -16.98
C LYS A 60 5.15 3.67 -17.73
N CYS A 61 4.06 4.26 -18.21
CA CYS A 61 4.12 5.51 -18.95
C CYS A 61 3.41 6.63 -18.19
N ASN A 62 2.15 6.41 -17.87
CA ASN A 62 1.36 7.39 -17.14
C ASN A 62 1.15 6.97 -15.69
N ALA A 63 1.75 7.72 -14.76
CA ALA A 63 1.63 7.41 -13.35
C ALA A 63 0.25 7.80 -12.82
N HIS A 64 -0.16 9.03 -13.09
CA HIS A 64 -1.46 9.53 -12.64
C HIS A 64 -2.51 8.43 -12.74
N TYR A 65 -2.64 7.83 -13.91
CA TYR A 65 -3.62 6.76 -14.12
C TYR A 65 -3.36 5.60 -13.16
N ASN A 66 -2.11 5.16 -13.10
CA ASN A 66 -1.75 4.05 -12.22
C ASN A 66 -2.13 4.34 -10.78
N LEU A 67 -1.93 5.59 -10.36
CA LEU A 67 -2.26 6.00 -9.00
C LEU A 67 -3.77 5.98 -8.77
N GLN A 68 -4.46 6.92 -9.41
CA GLN A 68 -5.91 7.02 -9.28
C GLN A 68 -6.56 5.64 -9.40
N ASN A 69 -6.06 4.83 -10.33
CA ASN A 69 -6.59 3.49 -10.53
C ASN A 69 -6.64 2.71 -9.22
N ALA A 70 -5.53 2.73 -8.49
CA ALA A 70 -5.44 2.03 -7.22
C ALA A 70 -6.36 2.67 -6.18
N PHE A 71 -6.23 3.99 -6.02
CA PHE A 71 -7.04 4.72 -5.05
C PHE A 71 -8.54 4.45 -5.29
N ASN A 72 -8.92 4.37 -6.55
CA ASN A 72 -10.32 4.12 -6.91
C ASN A 72 -10.69 2.67 -6.63
N LEU A 73 -9.87 1.75 -7.11
CA LEU A 73 -10.11 0.32 -6.92
C LEU A 73 -10.25 -0.01 -5.44
N ALA A 74 -9.32 0.50 -4.63
CA ALA A 74 -9.34 0.25 -3.20
C ALA A 74 -10.47 1.01 -2.53
N GLU A 75 -10.72 2.23 -2.99
CA GLU A 75 -11.78 3.06 -2.43
C GLU A 75 -13.15 2.51 -2.81
N LYS A 76 -13.18 1.61 -3.79
CA LYS A 76 -14.43 1.02 -4.24
C LYS A 76 -14.53 -0.44 -3.79
N GLU A 77 -13.66 -1.29 -4.33
CA GLU A 77 -13.64 -2.70 -3.98
C GLU A 77 -13.48 -2.88 -2.47
N LEU A 78 -12.33 -2.50 -1.95
CA LEU A 78 -12.04 -2.62 -0.53
C LEU A 78 -12.94 -1.69 0.29
N GLY A 79 -13.11 -0.47 -0.20
CA GLY A 79 -13.94 0.50 0.49
C GLY A 79 -13.17 1.32 1.49
N LEU A 80 -12.02 1.85 1.07
CA LEU A 80 -11.18 2.66 1.94
C LEU A 80 -11.39 4.15 1.67
N THR A 81 -11.29 4.96 2.72
CA THR A 81 -11.46 6.40 2.59
C THR A 81 -10.22 7.05 2.01
N LYS A 82 -10.29 7.43 0.74
CA LYS A 82 -9.18 8.08 0.06
C LYS A 82 -8.67 9.28 0.86
N LEU A 83 -7.47 9.16 1.41
CA LEU A 83 -6.88 10.24 2.19
C LEU A 83 -5.95 11.09 1.33
N LEU A 84 -5.33 10.46 0.34
CA LEU A 84 -4.41 11.16 -0.55
C LEU A 84 -5.01 11.27 -1.96
N ASP A 85 -4.23 11.81 -2.88
CA ASP A 85 -4.67 11.98 -4.26
C ASP A 85 -3.56 11.59 -5.24
N PRO A 86 -3.96 11.18 -6.45
CA PRO A 86 -3.03 10.77 -7.50
C PRO A 86 -2.24 11.95 -8.05
N GLU A 87 -2.50 13.14 -7.51
CA GLU A 87 -1.81 14.34 -7.95
C GLU A 87 -0.90 14.89 -6.85
N ASP A 88 -1.42 14.91 -5.63
CA ASP A 88 -0.65 15.40 -4.49
C ASP A 88 0.54 14.50 -4.20
N VAL A 89 0.30 13.19 -4.23
CA VAL A 89 1.35 12.22 -3.97
C VAL A 89 2.44 12.27 -5.04
N ASN A 90 2.01 12.29 -6.30
CA ASN A 90 2.95 12.34 -7.41
C ASN A 90 3.78 13.63 -7.37
N VAL A 91 4.90 13.57 -6.66
CA VAL A 91 5.78 14.72 -6.54
C VAL A 91 7.22 14.29 -6.27
N ASP A 92 8.17 15.17 -6.59
CA ASP A 92 9.58 14.88 -6.39
C ASP A 92 9.82 14.30 -4.99
N GLN A 93 9.38 15.03 -3.98
CA GLN A 93 9.54 14.59 -2.59
C GLN A 93 8.25 14.78 -1.81
N PRO A 94 7.38 13.76 -1.85
CA PRO A 94 6.09 13.78 -1.15
C PRO A 94 6.26 13.69 0.37
N ASP A 95 5.14 13.73 1.08
CA ASP A 95 5.17 13.66 2.54
C ASP A 95 5.09 12.21 3.01
N GLU A 96 6.25 11.59 3.17
CA GLU A 96 6.31 10.19 3.63
C GLU A 96 5.33 9.95 4.77
N LYS A 97 5.20 10.93 5.64
CA LYS A 97 4.29 10.82 6.78
C LYS A 97 2.84 10.72 6.32
N SER A 98 2.52 11.45 5.25
CA SER A 98 1.16 11.45 4.71
C SER A 98 0.90 10.17 3.91
N ILE A 99 1.97 9.43 3.63
CA ILE A 99 1.85 8.19 2.87
C ILE A 99 1.87 6.97 3.80
N ILE A 100 2.69 7.06 4.84
CA ILE A 100 2.80 5.97 5.80
C ILE A 100 1.47 5.73 6.54
N THR A 101 0.72 6.82 6.73
CA THR A 101 -0.56 6.74 7.41
C THR A 101 -1.61 6.07 6.53
N TYR A 102 -1.60 6.41 5.24
CA TYR A 102 -2.56 5.85 4.29
C TYR A 102 -2.26 4.38 4.04
N VAL A 103 -1.07 4.11 3.51
CA VAL A 103 -0.66 2.73 3.22
C VAL A 103 -0.92 1.82 4.40
N ALA A 104 -0.88 2.38 5.60
CA ALA A 104 -1.12 1.61 6.82
C ALA A 104 -2.46 0.89 6.75
N THR A 105 -3.47 1.55 6.21
CA THR A 105 -4.80 0.97 6.09
C THR A 105 -4.77 -0.31 5.27
N TYR A 106 -4.00 -0.29 4.19
CA TYR A 106 -3.89 -1.45 3.32
C TYR A 106 -3.45 -2.69 4.09
N TYR A 107 -2.60 -2.47 5.10
CA TYR A 107 -2.10 -3.56 5.92
C TYR A 107 -3.15 -3.99 6.94
N HIS A 108 -3.56 -3.06 7.79
CA HIS A 108 -4.56 -3.34 8.82
C HIS A 108 -5.80 -3.97 8.21
N TYR A 109 -6.46 -3.23 7.31
CA TYR A 109 -7.67 -3.72 6.66
C TYR A 109 -7.55 -5.22 6.34
N PHE A 110 -6.64 -5.54 5.43
CA PHE A 110 -6.42 -6.93 5.04
C PHE A 110 -6.09 -7.79 6.25
N SER A 111 -5.28 -7.26 7.15
CA SER A 111 -4.88 -7.98 8.35
C SER A 111 -6.09 -8.58 9.05
N LYS A 112 -7.08 -7.74 9.32
CA LYS A 112 -8.30 -8.20 9.99
C LYS A 112 -8.73 -9.57 9.47
N MET A 113 -8.73 -9.72 8.15
CA MET A 113 -9.11 -10.98 7.53
C MET A 113 -8.39 -12.15 8.18
N LYS A 114 -9.13 -12.95 8.93
CA LYS A 114 -8.56 -14.10 9.62
C LYS A 114 -7.46 -13.69 10.59
N ALA A 115 -7.63 -12.51 11.18
CA ALA A 115 -6.66 -11.99 12.14
C ALA A 115 -6.05 -13.12 12.96
N LEU A 116 -4.73 -13.07 13.13
CA LEU A 116 -4.01 -14.09 13.90
C LEU A 116 -3.41 -13.50 15.16
N ALA A 117 -2.68 -14.32 15.91
CA ALA A 117 -2.05 -13.88 17.14
C ALA A 117 -0.61 -13.45 16.89
N VAL A 118 -0.13 -12.49 17.68
CA VAL A 118 1.23 -11.99 17.55
C VAL A 118 2.17 -12.68 18.54
N GLU A 119 3.24 -13.28 18.01
CA GLU A 119 4.21 -13.97 18.84
C GLU A 119 5.61 -13.39 18.64
N GLY A 120 6.49 -13.61 19.61
CA GLY A 120 7.84 -13.09 19.53
C GLY A 120 8.87 -14.19 19.67
N LYS A 121 10.03 -13.84 20.23
CA LYS A 121 11.12 -14.80 20.42
C LYS A 121 12.11 -14.30 21.46
N SER A 122 12.29 -15.06 22.53
CA SER A 122 13.21 -14.69 23.60
C SER A 122 14.65 -14.97 23.19
N GLY A 123 15.59 -14.47 23.98
CA GLY A 123 17.00 -14.68 23.69
C GLY A 123 17.90 -13.70 24.43
N PRO A 124 17.88 -12.43 23.99
CA PRO A 124 18.69 -11.37 24.59
C PRO A 124 18.21 -10.99 25.98
N SER A 125 18.95 -11.42 27.00
CA SER A 125 18.59 -11.14 28.38
C SER A 125 19.00 -9.72 28.76
N SER A 126 18.12 -9.03 29.48
CA SER A 126 18.38 -7.66 29.90
C SER A 126 19.31 -7.63 31.11
N GLY A 127 19.03 -8.50 32.08
CA GLY A 127 19.85 -8.56 33.28
C GLY A 127 19.19 -9.34 34.39
N GLY A 1 6.42 -0.86 23.11
CA GLY A 1 6.23 -1.86 22.07
C GLY A 1 7.15 -1.64 20.89
N SER A 2 6.98 -2.44 19.85
CA SER A 2 7.81 -2.34 18.65
C SER A 2 7.76 -0.92 18.08
N SER A 3 8.75 -0.12 18.45
CA SER A 3 8.83 1.26 18.00
C SER A 3 7.52 2.00 18.26
N GLY A 4 6.96 1.77 19.44
CA GLY A 4 5.70 2.42 19.81
C GLY A 4 4.50 1.54 19.54
N SER A 5 3.90 1.03 20.61
CA SER A 5 2.72 0.17 20.48
C SER A 5 1.70 0.77 19.53
N SER A 6 1.09 -0.07 18.71
CA SER A 6 0.09 0.38 17.75
C SER A 6 0.54 1.65 17.06
N GLY A 7 1.81 1.71 16.70
CA GLY A 7 2.35 2.88 16.03
C GLY A 7 3.81 2.71 15.63
N ALA A 8 4.04 1.91 14.60
CA ALA A 8 5.40 1.66 14.12
C ALA A 8 5.53 2.06 12.66
N LYS A 9 6.75 2.42 12.26
CA LYS A 9 7.03 2.83 10.89
C LYS A 9 7.79 1.74 10.14
N ASP A 10 8.79 1.16 10.80
CA ASP A 10 9.60 0.11 10.20
C ASP A 10 8.76 -1.13 9.93
N ALA A 11 8.05 -1.60 10.95
CA ALA A 11 7.21 -2.78 10.82
C ALA A 11 6.42 -2.75 9.52
N LEU A 12 5.88 -1.59 9.19
CA LEU A 12 5.10 -1.42 7.97
C LEU A 12 5.97 -1.58 6.73
N LEU A 13 7.03 -0.77 6.66
CA LEU A 13 7.96 -0.84 5.52
C LEU A 13 8.29 -2.28 5.17
N LEU A 14 8.51 -3.10 6.19
CA LEU A 14 8.84 -4.51 5.99
C LEU A 14 7.71 -5.23 5.27
N TRP A 15 6.48 -4.98 5.70
CA TRP A 15 5.31 -5.60 5.10
C TRP A 15 5.28 -5.35 3.59
N CYS A 16 5.15 -4.08 3.21
CA CYS A 16 5.10 -3.70 1.80
C CYS A 16 6.14 -4.47 1.00
N GLN A 17 7.33 -4.63 1.57
CA GLN A 17 8.41 -5.34 0.90
C GLN A 17 8.05 -6.81 0.70
N MET A 18 7.42 -7.40 1.71
CA MET A 18 7.02 -8.80 1.64
C MET A 18 6.06 -9.04 0.48
N LYS A 19 5.09 -8.14 0.33
CA LYS A 19 4.11 -8.25 -0.75
C LYS A 19 4.73 -7.90 -2.09
N THR A 20 5.23 -6.67 -2.20
CA THR A 20 5.85 -6.20 -3.44
C THR A 20 6.91 -7.19 -3.93
N ALA A 21 7.59 -7.85 -2.98
CA ALA A 21 8.61 -8.82 -3.32
C ALA A 21 8.24 -9.59 -4.59
N GLY A 22 9.18 -9.68 -5.52
CA GLY A 22 8.93 -10.39 -6.76
C GLY A 22 8.80 -9.47 -7.95
N TYR A 23 7.92 -8.48 -7.82
CA TYR A 23 7.69 -7.52 -8.90
C TYR A 23 9.00 -6.85 -9.32
N PRO A 24 9.34 -6.96 -10.61
CA PRO A 24 10.55 -6.37 -11.16
C PRO A 24 10.49 -4.85 -11.21
N ASN A 25 9.41 -4.32 -11.77
CA ASN A 25 9.23 -2.87 -11.88
C ASN A 25 8.68 -2.30 -10.58
N VAL A 26 9.04 -2.92 -9.47
CA VAL A 26 8.57 -2.47 -8.15
C VAL A 26 9.62 -2.73 -7.08
N ASN A 27 9.84 -1.74 -6.23
CA ASN A 27 10.82 -1.88 -5.15
C ASN A 27 10.48 -0.95 -3.99
N VAL A 28 10.09 -1.53 -2.86
CA VAL A 28 9.72 -0.76 -1.67
C VAL A 28 10.94 -0.56 -0.77
N HIS A 29 11.59 0.59 -0.91
CA HIS A 29 12.76 0.90 -0.10
C HIS A 29 12.48 2.07 0.83
N ASN A 30 11.70 3.04 0.34
CA ASN A 30 11.35 4.22 1.13
C ASN A 30 9.86 4.50 1.06
N PHE A 31 9.42 5.54 1.77
CA PHE A 31 8.01 5.91 1.79
C PHE A 31 7.80 7.23 1.04
N THR A 32 8.76 7.59 0.20
CA THR A 32 8.68 8.81 -0.58
C THR A 32 8.83 8.55 -2.07
N THR A 33 9.98 8.00 -2.45
CA THR A 33 10.26 7.69 -3.85
C THR A 33 9.92 6.24 -4.17
N SER A 34 8.85 5.74 -3.55
CA SER A 34 8.42 4.36 -3.77
C SER A 34 6.96 4.31 -4.22
N TRP A 35 6.22 5.35 -3.90
CA TRP A 35 4.80 5.43 -4.27
C TRP A 35 4.53 6.67 -5.11
N ARG A 36 5.59 7.35 -5.52
CA ARG A 36 5.46 8.55 -6.34
C ARG A 36 4.69 8.26 -7.62
N ASP A 37 5.06 7.17 -8.29
CA ASP A 37 4.40 6.77 -9.53
C ASP A 37 3.03 6.17 -9.25
N GLY A 38 3.00 5.15 -8.41
CA GLY A 38 1.74 4.50 -8.08
C GLY A 38 1.83 2.99 -8.16
N LEU A 39 2.65 2.49 -9.08
CA LEU A 39 2.82 1.06 -9.26
C LEU A 39 2.74 0.33 -7.91
N ALA A 40 3.55 0.77 -6.96
CA ALA A 40 3.57 0.17 -5.64
C ALA A 40 2.16 -0.11 -5.14
N PHE A 41 1.30 0.90 -5.21
CA PHE A 41 -0.08 0.76 -4.76
C PHE A 41 -0.82 -0.29 -5.59
N ASN A 42 -0.62 -0.25 -6.90
CA ASN A 42 -1.26 -1.19 -7.81
C ASN A 42 -0.60 -2.57 -7.71
N ALA A 43 0.37 -2.69 -6.81
CA ALA A 43 1.08 -3.95 -6.61
C ALA A 43 0.55 -4.70 -5.41
N ILE A 44 0.22 -3.97 -4.36
CA ILE A 44 -0.30 -4.56 -3.13
C ILE A 44 -1.61 -5.31 -3.41
N VAL A 45 -2.56 -4.61 -4.02
CA VAL A 45 -3.85 -5.21 -4.34
C VAL A 45 -3.69 -6.44 -5.22
N HIS A 46 -3.17 -6.24 -6.42
CA HIS A 46 -2.97 -7.34 -7.36
C HIS A 46 -2.59 -8.62 -6.62
N LYS A 47 -1.70 -8.49 -5.64
CA LYS A 47 -1.25 -9.64 -4.86
C LYS A 47 -2.43 -10.31 -4.17
N HIS A 48 -3.28 -9.51 -3.53
CA HIS A 48 -4.44 -10.02 -2.82
C HIS A 48 -5.55 -10.39 -3.81
N ARG A 49 -5.93 -9.44 -4.65
CA ARG A 49 -6.97 -9.67 -5.64
C ARG A 49 -6.45 -9.44 -7.06
N PRO A 50 -5.87 -10.49 -7.64
CA PRO A 50 -5.31 -10.43 -9.01
C PRO A 50 -6.40 -10.31 -10.06
N ASP A 51 -7.65 -10.21 -9.62
CA ASP A 51 -8.78 -10.08 -10.54
C ASP A 51 -9.08 -8.61 -10.83
N LEU A 52 -9.17 -7.81 -9.78
CA LEU A 52 -9.46 -6.39 -9.92
C LEU A 52 -8.67 -5.78 -11.07
N LEU A 53 -7.35 -5.86 -10.98
CA LEU A 53 -6.48 -5.33 -12.02
C LEU A 53 -5.49 -6.38 -12.50
N ASP A 54 -4.84 -6.11 -13.63
CA ASP A 54 -3.87 -7.03 -14.20
C ASP A 54 -2.45 -6.58 -13.89
N PHE A 55 -2.23 -5.27 -13.92
CA PHE A 55 -0.91 -4.71 -13.64
C PHE A 55 0.09 -5.10 -14.73
N GLU A 56 -0.38 -5.20 -15.96
CA GLU A 56 0.47 -5.58 -17.08
C GLU A 56 0.54 -4.45 -18.12
N SER A 57 -0.54 -3.69 -18.22
CA SER A 57 -0.61 -2.58 -19.17
C SER A 57 -0.06 -1.30 -18.55
N LEU A 58 -0.27 -1.14 -17.26
CA LEU A 58 0.20 0.04 -16.54
C LEU A 58 1.60 0.43 -17.00
N LYS A 59 1.83 1.73 -17.14
CA LYS A 59 3.13 2.24 -17.58
C LYS A 59 3.68 3.25 -16.58
N LYS A 60 5.00 3.40 -16.56
CA LYS A 60 5.66 4.33 -15.66
C LYS A 60 5.73 5.73 -16.28
N CYS A 61 4.65 6.14 -16.92
CA CYS A 61 4.60 7.45 -17.55
C CYS A 61 3.44 8.29 -17.00
N ASN A 62 2.26 7.69 -16.95
CA ASN A 62 1.08 8.37 -16.44
C ASN A 62 0.80 7.98 -14.99
N ALA A 63 1.41 8.70 -14.07
CA ALA A 63 1.23 8.44 -12.64
C ALA A 63 -0.20 8.73 -12.21
N HIS A 64 -0.63 9.96 -12.46
CA HIS A 64 -1.99 10.38 -12.09
C HIS A 64 -2.98 9.24 -12.30
N TYR A 65 -2.79 8.49 -13.38
CA TYR A 65 -3.68 7.38 -13.70
C TYR A 65 -3.39 6.18 -12.81
N ASN A 66 -2.12 5.79 -12.73
CA ASN A 66 -1.71 4.67 -11.91
C ASN A 66 -2.20 4.83 -10.47
N LEU A 67 -2.04 6.03 -9.93
CA LEU A 67 -2.46 6.33 -8.57
C LEU A 67 -3.99 6.33 -8.46
N GLN A 68 -4.63 7.31 -9.07
CA GLN A 68 -6.07 7.43 -9.06
C GLN A 68 -6.73 6.07 -9.30
N ASN A 69 -6.15 5.30 -10.21
CA ASN A 69 -6.67 3.97 -10.54
C ASN A 69 -6.74 3.09 -9.30
N ALA A 70 -5.60 2.91 -8.65
CA ALA A 70 -5.53 2.09 -7.44
C ALA A 70 -6.49 2.59 -6.38
N PHE A 71 -6.37 3.87 -6.02
CA PHE A 71 -7.23 4.47 -5.01
C PHE A 71 -8.70 4.18 -5.31
N ASN A 72 -9.07 4.31 -6.57
CA ASN A 72 -10.46 4.07 -6.99
C ASN A 72 -10.84 2.61 -6.75
N LEU A 73 -9.94 1.69 -7.11
CA LEU A 73 -10.19 0.27 -6.93
C LEU A 73 -10.35 -0.08 -5.45
N ALA A 74 -9.45 0.45 -4.62
CA ALA A 74 -9.50 0.21 -3.19
C ALA A 74 -10.63 0.99 -2.53
N GLU A 75 -10.95 2.14 -3.10
CA GLU A 75 -12.01 2.99 -2.57
C GLU A 75 -13.38 2.43 -2.93
N LYS A 76 -13.41 1.51 -3.89
CA LYS A 76 -14.65 0.90 -4.33
C LYS A 76 -14.75 -0.55 -3.86
N GLU A 77 -13.76 -1.35 -4.24
CA GLU A 77 -13.72 -2.75 -3.85
C GLU A 77 -13.59 -2.91 -2.34
N LEU A 78 -12.41 -2.56 -1.82
CA LEU A 78 -12.14 -2.66 -0.40
C LEU A 78 -13.07 -1.75 0.40
N GLY A 79 -13.28 -0.54 -0.12
CA GLY A 79 -14.15 0.41 0.55
C GLY A 79 -13.40 1.32 1.50
N LEU A 80 -12.22 1.78 1.08
CA LEU A 80 -11.40 2.65 1.90
C LEU A 80 -11.62 4.12 1.54
N THR A 81 -11.44 5.01 2.50
CA THR A 81 -11.62 6.43 2.28
C THR A 81 -10.34 7.07 1.74
N LYS A 82 -10.42 7.61 0.52
CA LYS A 82 -9.28 8.25 -0.11
C LYS A 82 -8.74 9.38 0.76
N LEU A 83 -7.52 9.21 1.25
CA LEU A 83 -6.88 10.22 2.09
C LEU A 83 -5.96 11.12 1.27
N LEU A 84 -5.24 10.51 0.32
CA LEU A 84 -4.32 11.25 -0.53
C LEU A 84 -4.93 11.50 -1.91
N ASP A 85 -4.18 12.18 -2.76
CA ASP A 85 -4.65 12.48 -4.11
C ASP A 85 -3.68 11.93 -5.16
N PRO A 86 -4.23 11.52 -6.31
CA PRO A 86 -3.44 10.96 -7.41
C PRO A 86 -2.57 12.03 -8.09
N GLU A 87 -2.63 13.25 -7.58
CA GLU A 87 -1.85 14.34 -8.13
C GLU A 87 -0.87 14.89 -7.09
N ASP A 88 -1.18 14.67 -5.82
CA ASP A 88 -0.32 15.15 -4.73
C ASP A 88 0.77 14.13 -4.44
N VAL A 89 0.54 12.87 -4.83
CA VAL A 89 1.51 11.81 -4.59
C VAL A 89 2.66 11.90 -5.59
N ASN A 90 2.32 11.99 -6.87
CA ASN A 90 3.31 12.07 -7.92
C ASN A 90 4.16 13.34 -7.78
N VAL A 91 5.15 13.28 -6.90
CA VAL A 91 6.03 14.42 -6.66
C VAL A 91 7.45 13.96 -6.35
N ASP A 92 8.41 14.85 -6.58
CA ASP A 92 9.82 14.54 -6.32
C ASP A 92 9.99 13.91 -4.94
N GLN A 93 9.51 14.61 -3.91
CA GLN A 93 9.61 14.12 -2.54
C GLN A 93 8.29 14.30 -1.80
N PRO A 94 7.40 13.31 -1.93
CA PRO A 94 6.08 13.34 -1.29
C PRO A 94 6.18 13.18 0.23
N ASP A 95 5.15 13.63 0.94
CA ASP A 95 5.12 13.54 2.39
C ASP A 95 5.07 12.07 2.84
N GLU A 96 6.24 11.48 3.04
CA GLU A 96 6.32 10.08 3.48
C GLU A 96 5.27 9.78 4.54
N LYS A 97 5.07 10.71 5.46
CA LYS A 97 4.10 10.56 6.54
C LYS A 97 2.68 10.45 5.97
N SER A 98 2.39 11.27 4.97
CA SER A 98 1.08 11.27 4.35
C SER A 98 0.80 9.95 3.65
N ILE A 99 1.87 9.22 3.34
CA ILE A 99 1.75 7.93 2.66
C ILE A 99 1.71 6.79 3.67
N ILE A 100 2.65 6.79 4.60
CA ILE A 100 2.73 5.76 5.62
C ILE A 100 1.37 5.54 6.28
N THR A 101 0.62 6.62 6.44
CA THR A 101 -0.71 6.55 7.05
C THR A 101 -1.71 5.88 6.12
N TYR A 102 -1.60 6.19 4.83
CA TYR A 102 -2.51 5.62 3.83
C TYR A 102 -2.22 4.14 3.63
N VAL A 103 -1.01 3.83 3.17
CA VAL A 103 -0.61 2.45 2.94
C VAL A 103 -0.89 1.58 4.16
N ALA A 104 -0.91 2.20 5.33
CA ALA A 104 -1.17 1.48 6.58
C ALA A 104 -2.56 0.84 6.56
N THR A 105 -3.48 1.46 5.83
CA THR A 105 -4.84 0.96 5.74
C THR A 105 -4.88 -0.38 5.03
N TYR A 106 -4.15 -0.48 3.92
CA TYR A 106 -4.11 -1.71 3.14
C TYR A 106 -3.68 -2.89 4.01
N TYR A 107 -2.76 -2.63 4.94
CA TYR A 107 -2.27 -3.67 5.83
C TYR A 107 -3.22 -3.88 7.00
N HIS A 108 -3.53 -2.79 7.70
CA HIS A 108 -4.43 -2.85 8.85
C HIS A 108 -5.71 -3.61 8.49
N TYR A 109 -6.38 -3.14 7.44
CA TYR A 109 -7.63 -3.76 7.00
C TYR A 109 -7.43 -5.25 6.76
N PHE A 110 -6.70 -5.59 5.71
CA PHE A 110 -6.43 -6.98 5.36
C PHE A 110 -6.05 -7.79 6.61
N SER A 111 -5.36 -7.13 7.53
CA SER A 111 -4.94 -7.78 8.77
C SER A 111 -6.13 -8.14 9.64
N LYS A 112 -6.93 -7.14 10.00
CA LYS A 112 -8.11 -7.35 10.82
C LYS A 112 -8.75 -8.69 10.51
N MET A 113 -8.92 -8.98 9.22
CA MET A 113 -9.52 -10.23 8.80
C MET A 113 -8.92 -11.42 9.54
N LYS A 114 -9.51 -12.59 9.35
CA LYS A 114 -9.02 -13.81 10.00
C LYS A 114 -9.03 -13.65 11.52
N ALA A 115 -10.09 -13.04 12.04
CA ALA A 115 -10.23 -12.83 13.48
C ALA A 115 -11.68 -12.64 13.86
N LEU A 116 -11.99 -12.89 15.12
CA LEU A 116 -13.35 -12.75 15.63
C LEU A 116 -13.76 -11.28 15.70
N ALA A 117 -14.81 -10.92 14.98
CA ALA A 117 -15.30 -9.55 14.96
C ALA A 117 -16.75 -9.49 14.48
N VAL A 118 -17.36 -8.31 14.62
CA VAL A 118 -18.75 -8.13 14.21
C VAL A 118 -18.89 -8.24 12.70
N GLU A 119 -19.72 -9.18 12.26
CA GLU A 119 -19.95 -9.39 10.83
C GLU A 119 -20.00 -8.06 10.09
N GLY A 120 -20.91 -7.18 10.52
CA GLY A 120 -21.04 -5.88 9.88
C GLY A 120 -20.83 -5.95 8.38
N LYS A 121 -21.76 -6.58 7.68
CA LYS A 121 -21.68 -6.72 6.23
C LYS A 121 -22.87 -6.07 5.55
N SER A 122 -22.60 -5.14 4.63
CA SER A 122 -23.67 -4.45 3.90
C SER A 122 -23.77 -4.95 2.47
N GLY A 123 -22.61 -5.10 1.81
CA GLY A 123 -22.60 -5.58 0.44
C GLY A 123 -21.96 -4.57 -0.51
N PRO A 124 -21.87 -4.95 -1.79
CA PRO A 124 -21.28 -4.09 -2.82
C PRO A 124 -22.16 -2.89 -3.14
N SER A 125 -21.54 -1.85 -3.69
CA SER A 125 -22.26 -0.62 -4.04
C SER A 125 -23.29 -0.91 -5.13
N SER A 126 -24.54 -0.57 -4.85
CA SER A 126 -25.62 -0.78 -5.81
C SER A 126 -26.44 0.48 -6.01
N GLY A 127 -26.94 0.68 -7.23
CA GLY A 127 -27.72 1.86 -7.53
C GLY A 127 -29.22 1.59 -7.46
N GLY A 1 17.72 -4.72 17.47
CA GLY A 1 17.56 -5.32 18.78
C GLY A 1 16.54 -4.58 19.63
N SER A 2 15.30 -4.53 19.14
CA SER A 2 14.23 -3.84 19.86
C SER A 2 13.32 -4.85 20.55
N SER A 3 12.39 -4.33 21.35
CA SER A 3 11.45 -5.19 22.07
C SER A 3 10.03 -4.95 21.60
N GLY A 4 9.67 -3.68 21.42
CA GLY A 4 8.32 -3.33 20.97
C GLY A 4 8.10 -1.84 20.92
N SER A 5 8.19 -1.27 19.73
CA SER A 5 7.99 0.16 19.54
C SER A 5 6.75 0.44 18.71
N SER A 6 6.15 1.61 18.92
CA SER A 6 4.95 1.99 18.20
C SER A 6 5.04 3.43 17.71
N GLY A 7 6.22 3.79 17.20
CA GLY A 7 6.42 5.14 16.70
C GLY A 7 6.93 5.16 15.27
N ALA A 8 7.99 4.41 15.01
CA ALA A 8 8.56 4.34 13.67
C ALA A 8 7.62 3.64 12.70
N LYS A 9 8.07 3.46 11.46
CA LYS A 9 7.27 2.80 10.44
C LYS A 9 8.06 1.68 9.76
N ASP A 10 8.93 1.03 10.52
CA ASP A 10 9.74 -0.06 10.00
C ASP A 10 8.89 -1.29 9.73
N ALA A 11 8.00 -1.61 10.66
CA ALA A 11 7.12 -2.77 10.52
C ALA A 11 6.31 -2.69 9.24
N LEU A 12 5.73 -1.52 8.98
CA LEU A 12 4.93 -1.32 7.78
C LEU A 12 5.77 -1.50 6.52
N LEU A 13 6.95 -0.89 6.51
CA LEU A 13 7.85 -1.00 5.36
C LEU A 13 8.06 -2.46 4.96
N LEU A 14 8.38 -3.28 5.95
CA LEU A 14 8.61 -4.71 5.70
C LEU A 14 7.39 -5.35 5.07
N TRP A 15 6.20 -4.99 5.57
CA TRP A 15 4.96 -5.55 5.05
C TRP A 15 4.89 -5.38 3.53
N CYS A 16 4.93 -4.14 3.07
CA CYS A 16 4.87 -3.86 1.64
C CYS A 16 5.93 -4.65 0.89
N GLN A 17 7.15 -4.64 1.38
CA GLN A 17 8.25 -5.36 0.75
C GLN A 17 7.93 -6.85 0.64
N MET A 18 7.23 -7.38 1.64
CA MET A 18 6.86 -8.79 1.64
C MET A 18 5.84 -9.08 0.55
N LYS A 19 4.81 -8.25 0.47
CA LYS A 19 3.77 -8.42 -0.54
C LYS A 19 4.32 -8.18 -1.95
N THR A 20 4.88 -7.00 -2.16
CA THR A 20 5.45 -6.65 -3.46
C THR A 20 6.39 -7.73 -3.95
N ALA A 21 6.98 -8.47 -3.02
CA ALA A 21 7.91 -9.54 -3.37
C ALA A 21 7.48 -10.25 -4.64
N GLY A 22 8.42 -10.41 -5.57
CA GLY A 22 8.12 -11.07 -6.82
C GLY A 22 8.26 -10.15 -8.02
N TYR A 23 7.86 -8.90 -7.85
CA TYR A 23 7.94 -7.91 -8.92
C TYR A 23 9.27 -7.17 -8.86
N PRO A 24 10.04 -7.26 -9.96
CA PRO A 24 11.36 -6.60 -10.07
C PRO A 24 11.23 -5.09 -10.18
N ASN A 25 10.18 -4.63 -10.86
CA ASN A 25 9.93 -3.20 -11.03
C ASN A 25 9.55 -2.55 -9.70
N VAL A 26 8.70 -3.24 -8.95
CA VAL A 26 8.23 -2.72 -7.67
C VAL A 26 9.37 -2.71 -6.64
N ASN A 27 9.50 -1.59 -5.93
CA ASN A 27 10.54 -1.45 -4.92
C ASN A 27 10.11 -0.50 -3.82
N VAL A 28 10.01 -1.00 -2.60
CA VAL A 28 9.61 -0.19 -1.46
C VAL A 28 10.81 0.17 -0.58
N HIS A 29 11.78 0.85 -1.17
CA HIS A 29 12.98 1.24 -0.44
C HIS A 29 12.67 2.36 0.55
N ASN A 30 11.75 3.24 0.18
CA ASN A 30 11.36 4.36 1.04
C ASN A 30 9.87 4.63 0.93
N PHE A 31 9.39 5.60 1.70
CA PHE A 31 7.98 5.97 1.69
C PHE A 31 7.77 7.30 0.96
N THR A 32 8.64 7.59 0.00
CA THR A 32 8.55 8.82 -0.77
C THR A 32 8.64 8.55 -2.26
N THR A 33 9.84 8.22 -2.73
CA THR A 33 10.05 7.94 -4.15
C THR A 33 9.72 6.49 -4.47
N SER A 34 8.73 5.95 -3.77
CA SER A 34 8.31 4.57 -3.97
C SER A 34 6.84 4.50 -4.38
N TRP A 35 6.06 5.46 -3.90
CA TRP A 35 4.64 5.52 -4.21
C TRP A 35 4.33 6.70 -5.13
N ARG A 36 5.37 7.34 -5.64
CA ARG A 36 5.21 8.49 -6.53
C ARG A 36 4.50 8.07 -7.81
N ASP A 37 5.02 7.03 -8.46
CA ASP A 37 4.43 6.53 -9.70
C ASP A 37 3.05 5.94 -9.46
N GLY A 38 2.97 5.02 -8.49
CA GLY A 38 1.70 4.40 -8.18
C GLY A 38 1.81 2.89 -8.08
N LEU A 39 2.68 2.31 -8.91
CA LEU A 39 2.87 0.86 -8.93
C LEU A 39 2.77 0.28 -7.51
N ALA A 40 3.63 0.78 -6.62
CA ALA A 40 3.63 0.32 -5.24
C ALA A 40 2.23 -0.03 -4.77
N PHE A 41 1.31 0.92 -4.92
CA PHE A 41 -0.08 0.71 -4.51
C PHE A 41 -0.75 -0.38 -5.36
N ASN A 42 -0.46 -0.36 -6.66
CA ASN A 42 -1.03 -1.35 -7.57
C ASN A 42 -0.35 -2.70 -7.41
N ALA A 43 0.57 -2.79 -6.45
CA ALA A 43 1.30 -4.01 -6.19
C ALA A 43 0.71 -4.76 -5.00
N ILE A 44 0.34 -4.01 -3.96
CA ILE A 44 -0.24 -4.60 -2.77
C ILE A 44 -1.55 -5.33 -3.08
N VAL A 45 -2.45 -4.63 -3.76
CA VAL A 45 -3.74 -5.21 -4.14
C VAL A 45 -3.57 -6.36 -5.12
N HIS A 46 -2.96 -6.07 -6.26
CA HIS A 46 -2.74 -7.08 -7.29
C HIS A 46 -2.40 -8.43 -6.65
N LYS A 47 -1.56 -8.40 -5.62
CA LYS A 47 -1.17 -9.62 -4.92
C LYS A 47 -2.39 -10.33 -4.34
N HIS A 48 -3.26 -9.57 -3.69
CA HIS A 48 -4.46 -10.12 -3.09
C HIS A 48 -5.52 -10.43 -4.14
N ARG A 49 -5.86 -9.42 -4.94
CA ARG A 49 -6.84 -9.57 -5.99
C ARG A 49 -6.26 -9.20 -7.35
N PRO A 50 -5.62 -10.17 -8.00
CA PRO A 50 -4.99 -9.97 -9.32
C PRO A 50 -6.03 -9.79 -10.42
N ASP A 51 -7.30 -9.77 -10.04
CA ASP A 51 -8.38 -9.60 -11.00
C ASP A 51 -8.76 -8.12 -11.14
N LEU A 52 -8.84 -7.43 -10.01
CA LEU A 52 -9.19 -6.01 -10.01
C LEU A 52 -8.39 -5.26 -11.06
N LEU A 53 -7.07 -5.28 -10.91
CA LEU A 53 -6.18 -4.59 -11.85
C LEU A 53 -5.17 -5.57 -12.45
N ASP A 54 -4.72 -5.26 -13.66
CA ASP A 54 -3.75 -6.10 -14.35
C ASP A 54 -2.36 -5.48 -14.32
N PHE A 55 -1.67 -5.64 -13.20
CA PHE A 55 -0.33 -5.08 -13.04
C PHE A 55 0.50 -5.29 -14.31
N GLU A 56 0.38 -6.49 -14.89
CA GLU A 56 1.13 -6.82 -16.10
C GLU A 56 0.83 -5.81 -17.21
N SER A 57 -0.42 -5.38 -17.29
CA SER A 57 -0.83 -4.42 -18.32
C SER A 57 -0.30 -3.03 -18.00
N LEU A 58 -0.39 -2.64 -16.72
CA LEU A 58 0.08 -1.34 -16.29
C LEU A 58 1.55 -1.14 -16.61
N LYS A 59 1.93 0.09 -16.90
CA LYS A 59 3.32 0.42 -17.22
C LYS A 59 3.86 1.50 -16.30
N LYS A 60 5.06 1.28 -15.78
CA LYS A 60 5.69 2.24 -14.89
C LYS A 60 5.45 3.67 -15.37
N CYS A 61 5.48 3.86 -16.68
CA CYS A 61 5.27 5.18 -17.26
C CYS A 61 4.05 5.85 -16.65
N ASN A 62 2.90 5.19 -16.73
CA ASN A 62 1.66 5.73 -16.19
C ASN A 62 1.78 5.95 -14.68
N ALA A 63 1.59 7.19 -14.25
CA ALA A 63 1.67 7.52 -12.83
C ALA A 63 0.32 7.95 -12.28
N HIS A 64 -0.24 9.01 -12.87
CA HIS A 64 -1.54 9.52 -12.44
C HIS A 64 -2.62 8.47 -12.62
N TYR A 65 -2.62 7.82 -13.78
CA TYR A 65 -3.61 6.79 -14.08
C TYR A 65 -3.48 5.62 -13.12
N ASN A 66 -2.26 5.13 -12.95
CA ASN A 66 -1.99 4.01 -12.06
C ASN A 66 -2.38 4.35 -10.62
N LEU A 67 -2.05 5.56 -10.21
CA LEU A 67 -2.36 6.02 -8.85
C LEU A 67 -3.86 6.01 -8.61
N GLN A 68 -4.57 6.92 -9.27
CA GLN A 68 -6.02 7.01 -9.11
C GLN A 68 -6.67 5.64 -9.22
N ASN A 69 -6.18 4.83 -10.15
CA ASN A 69 -6.71 3.48 -10.36
C ASN A 69 -6.78 2.73 -9.04
N ALA A 70 -5.68 2.73 -8.29
CA ALA A 70 -5.63 2.04 -7.01
C ALA A 70 -6.52 2.73 -5.98
N PHE A 71 -6.53 4.05 -6.00
CA PHE A 71 -7.35 4.83 -5.07
C PHE A 71 -8.81 4.47 -5.19
N ASN A 72 -9.30 4.42 -6.43
CA ASN A 72 -10.69 4.09 -6.70
C ASN A 72 -10.95 2.60 -6.46
N LEU A 73 -10.11 1.76 -7.06
CA LEU A 73 -10.25 0.32 -6.92
C LEU A 73 -10.35 -0.08 -5.45
N ALA A 74 -9.39 0.37 -4.65
CA ALA A 74 -9.37 0.07 -3.23
C ALA A 74 -10.46 0.83 -2.49
N GLU A 75 -10.84 1.99 -3.02
CA GLU A 75 -11.87 2.82 -2.42
C GLU A 75 -13.25 2.25 -2.71
N LYS A 76 -13.36 1.47 -3.78
CA LYS A 76 -14.63 0.86 -4.18
C LYS A 76 -14.67 -0.61 -3.80
N GLU A 77 -13.73 -1.38 -4.34
CA GLU A 77 -13.67 -2.81 -4.05
C GLU A 77 -13.55 -3.06 -2.55
N LEU A 78 -12.42 -2.66 -1.97
CA LEU A 78 -12.19 -2.84 -0.55
C LEU A 78 -13.11 -1.96 0.27
N GLY A 79 -13.20 -0.69 -0.11
CA GLY A 79 -14.06 0.24 0.61
C GLY A 79 -13.27 1.18 1.51
N LEU A 80 -12.10 1.59 1.05
CA LEU A 80 -11.26 2.50 1.83
C LEU A 80 -11.43 3.93 1.36
N THR A 81 -10.86 4.87 2.12
CA THR A 81 -10.95 6.28 1.79
C THR A 81 -9.60 6.83 1.33
N LYS A 82 -9.51 7.21 0.07
CA LYS A 82 -8.28 7.76 -0.49
C LYS A 82 -7.85 9.02 0.25
N LEU A 83 -7.20 8.84 1.39
CA LEU A 83 -6.74 9.95 2.21
C LEU A 83 -5.91 10.92 1.36
N LEU A 84 -5.18 10.39 0.40
CA LEU A 84 -4.34 11.20 -0.48
C LEU A 84 -4.94 11.28 -1.88
N ASP A 85 -4.24 11.96 -2.78
CA ASP A 85 -4.69 12.10 -4.16
C ASP A 85 -3.61 11.67 -5.14
N PRO A 86 -4.03 11.25 -6.34
CA PRO A 86 -3.10 10.82 -7.40
C PRO A 86 -2.30 11.97 -7.98
N GLU A 87 -2.55 13.17 -7.48
CA GLU A 87 -1.85 14.36 -7.95
C GLU A 87 -0.93 14.91 -6.85
N ASP A 88 -1.42 14.95 -5.63
CA ASP A 88 -0.66 15.46 -4.49
C ASP A 88 0.54 14.55 -4.20
N VAL A 89 0.28 13.24 -4.15
CA VAL A 89 1.32 12.26 -3.87
C VAL A 89 2.40 12.29 -4.95
N ASN A 90 1.96 12.28 -6.21
CA ASN A 90 2.89 12.31 -7.33
C ASN A 90 3.76 13.56 -7.30
N VAL A 91 4.94 13.43 -6.72
CA VAL A 91 5.87 14.56 -6.63
C VAL A 91 7.29 14.08 -6.39
N ASP A 92 8.26 14.95 -6.68
CA ASP A 92 9.67 14.60 -6.50
C ASP A 92 9.91 14.05 -5.10
N GLN A 93 9.49 14.80 -4.08
CA GLN A 93 9.67 14.37 -2.70
C GLN A 93 8.39 14.59 -1.90
N PRO A 94 7.48 13.60 -1.96
CA PRO A 94 6.20 13.66 -1.25
C PRO A 94 6.37 13.54 0.27
N ASP A 95 5.27 13.69 0.99
CA ASP A 95 5.30 13.60 2.45
C ASP A 95 5.18 12.15 2.91
N GLU A 96 6.33 11.50 3.11
CA GLU A 96 6.36 10.12 3.55
C GLU A 96 5.38 9.89 4.70
N LYS A 97 5.33 10.85 5.62
CA LYS A 97 4.44 10.76 6.77
C LYS A 97 2.98 10.75 6.34
N SER A 98 2.70 11.41 5.21
CA SER A 98 1.35 11.49 4.70
C SER A 98 0.99 10.21 3.94
N ILE A 99 1.99 9.42 3.62
CA ILE A 99 1.78 8.17 2.90
C ILE A 99 1.77 6.97 3.86
N ILE A 100 2.84 6.84 4.64
CA ILE A 100 2.95 5.75 5.60
C ILE A 100 1.64 5.53 6.34
N THR A 101 0.93 6.63 6.63
CA THR A 101 -0.33 6.57 7.33
C THR A 101 -1.45 6.06 6.42
N TYR A 102 -1.43 6.50 5.17
CA TYR A 102 -2.44 6.09 4.20
C TYR A 102 -2.29 4.61 3.86
N VAL A 103 -1.08 4.22 3.48
CA VAL A 103 -0.79 2.84 3.12
C VAL A 103 -1.09 1.90 4.30
N ALA A 104 -0.93 2.40 5.51
CA ALA A 104 -1.16 1.62 6.70
C ALA A 104 -2.53 0.94 6.65
N THR A 105 -3.52 1.64 6.12
CA THR A 105 -4.87 1.11 5.99
C THR A 105 -4.87 -0.21 5.24
N TYR A 106 -4.12 -0.27 4.15
CA TYR A 106 -4.04 -1.46 3.33
C TYR A 106 -3.63 -2.67 4.17
N TYR A 107 -2.74 -2.44 5.13
CA TYR A 107 -2.27 -3.50 6.00
C TYR A 107 -3.31 -3.85 7.06
N HIS A 108 -3.79 -2.84 7.77
CA HIS A 108 -4.79 -3.04 8.80
C HIS A 108 -6.03 -3.73 8.24
N TYR A 109 -6.66 -3.10 7.25
CA TYR A 109 -7.85 -3.65 6.62
C TYR A 109 -7.70 -5.15 6.40
N PHE A 110 -6.76 -5.52 5.53
CA PHE A 110 -6.53 -6.93 5.22
C PHE A 110 -6.24 -7.72 6.49
N SER A 111 -5.44 -7.13 7.38
CA SER A 111 -5.07 -7.77 8.63
C SER A 111 -6.30 -8.34 9.33
N LYS A 112 -7.34 -7.51 9.44
CA LYS A 112 -8.59 -7.91 10.08
C LYS A 112 -8.99 -9.31 9.64
N MET A 113 -8.89 -9.57 8.35
CA MET A 113 -9.25 -10.87 7.79
C MET A 113 -8.33 -11.97 8.33
N LYS A 114 -8.76 -13.22 8.18
CA LYS A 114 -7.99 -14.35 8.66
C LYS A 114 -7.87 -14.34 10.17
N ALA A 115 -8.97 -13.99 10.84
CA ALA A 115 -9.00 -13.95 12.30
C ALA A 115 -9.94 -15.01 12.86
N LEU A 116 -9.99 -15.10 14.18
CA LEU A 116 -10.84 -16.08 14.85
C LEU A 116 -12.30 -15.92 14.41
N ALA A 117 -12.73 -14.68 14.27
CA ALA A 117 -14.10 -14.38 13.86
C ALA A 117 -14.13 -13.25 12.83
N VAL A 118 -14.87 -13.46 11.75
CA VAL A 118 -14.99 -12.45 10.71
C VAL A 118 -16.43 -12.33 10.22
N GLU A 119 -16.87 -11.10 9.97
CA GLU A 119 -18.22 -10.85 9.50
C GLU A 119 -18.62 -11.85 8.43
N GLY A 120 -19.93 -11.96 8.18
CA GLY A 120 -20.43 -12.88 7.18
C GLY A 120 -20.08 -12.45 5.78
N LYS A 121 -19.04 -13.04 5.21
CA LYS A 121 -18.60 -12.72 3.86
C LYS A 121 -17.69 -13.81 3.30
N SER A 122 -18.02 -14.30 2.11
CA SER A 122 -17.23 -15.34 1.47
C SER A 122 -16.13 -14.74 0.60
N GLY A 123 -14.89 -15.05 0.93
CA GLY A 123 -13.77 -14.52 0.18
C GLY A 123 -12.67 -15.55 -0.03
N PRO A 124 -12.50 -15.99 -1.28
CA PRO A 124 -11.48 -16.99 -1.63
C PRO A 124 -10.07 -16.43 -1.53
N SER A 125 -9.16 -17.24 -0.98
CA SER A 125 -7.77 -16.83 -0.83
C SER A 125 -6.83 -18.03 -0.86
N SER A 126 -5.79 -17.95 -1.67
CA SER A 126 -4.83 -19.04 -1.79
C SER A 126 -3.65 -18.63 -2.68
N GLY A 127 -2.58 -19.41 -2.62
CA GLY A 127 -1.41 -19.12 -3.42
C GLY A 127 -0.12 -19.54 -2.74
N GLY A 1 13.24 7.78 4.56
CA GLY A 1 14.25 6.91 3.94
C GLY A 1 14.86 5.94 4.93
N SER A 2 16.13 5.62 4.73
CA SER A 2 16.83 4.69 5.61
C SER A 2 17.12 5.34 6.95
N SER A 3 16.63 4.71 8.02
CA SER A 3 16.84 5.22 9.37
C SER A 3 17.84 4.36 10.13
N GLY A 4 19.01 4.93 10.43
CA GLY A 4 20.03 4.21 11.15
C GLY A 4 19.72 4.10 12.64
N SER A 5 19.22 5.18 13.22
CA SER A 5 18.89 5.20 14.63
C SER A 5 17.38 5.09 14.85
N SER A 6 16.64 6.01 14.22
CA SER A 6 15.18 6.01 14.35
C SER A 6 14.59 4.71 13.84
N GLY A 7 13.81 4.05 14.69
CA GLY A 7 13.19 2.80 14.31
C GLY A 7 11.68 2.88 14.28
N ALA A 8 11.15 3.69 13.38
CA ALA A 8 9.71 3.86 13.24
C ALA A 8 9.23 3.41 11.87
N LYS A 9 7.92 3.44 11.67
CA LYS A 9 7.32 3.03 10.40
C LYS A 9 8.14 1.93 9.75
N ASP A 10 8.61 0.99 10.56
CA ASP A 10 9.41 -0.13 10.06
C ASP A 10 8.53 -1.34 9.77
N ALA A 11 7.86 -1.84 10.80
CA ALA A 11 6.98 -3.00 10.66
C ALA A 11 6.22 -2.95 9.34
N LEU A 12 5.78 -1.75 8.95
CA LEU A 12 5.04 -1.58 7.71
C LEU A 12 5.96 -1.71 6.50
N LEU A 13 6.98 -0.87 6.46
CA LEU A 13 7.95 -0.90 5.35
C LEU A 13 8.27 -2.33 4.96
N LEU A 14 8.55 -3.17 5.95
CA LEU A 14 8.88 -4.56 5.71
C LEU A 14 7.70 -5.31 5.09
N TRP A 15 6.50 -5.04 5.61
CA TRP A 15 5.29 -5.68 5.10
C TRP A 15 5.20 -5.55 3.59
N CYS A 16 5.13 -4.32 3.10
CA CYS A 16 5.04 -4.06 1.67
C CYS A 16 6.18 -4.73 0.93
N GLN A 17 7.38 -4.66 1.50
CA GLN A 17 8.56 -5.26 0.89
C GLN A 17 8.37 -6.77 0.73
N MET A 18 7.65 -7.38 1.66
CA MET A 18 7.41 -8.81 1.62
C MET A 18 6.36 -9.16 0.57
N LYS A 19 5.25 -8.44 0.58
CA LYS A 19 4.18 -8.67 -0.37
C LYS A 19 4.64 -8.37 -1.80
N THR A 20 5.19 -7.17 -2.00
CA THR A 20 5.67 -6.77 -3.31
C THR A 20 6.79 -7.68 -3.79
N ALA A 21 7.38 -8.42 -2.87
CA ALA A 21 8.47 -9.34 -3.19
C ALA A 21 8.15 -10.13 -4.46
N GLY A 22 9.11 -10.19 -5.37
CA GLY A 22 8.91 -10.91 -6.61
C GLY A 22 8.92 -10.00 -7.82
N TYR A 23 8.21 -8.88 -7.71
CA TYR A 23 8.13 -7.93 -8.82
C TYR A 23 9.44 -7.16 -8.98
N PRO A 24 10.07 -7.29 -10.15
CA PRO A 24 11.33 -6.63 -10.46
C PRO A 24 11.16 -5.11 -10.61
N ASN A 25 10.00 -4.70 -11.10
CA ASN A 25 9.73 -3.28 -11.28
C ASN A 25 9.13 -2.66 -10.02
N VAL A 26 9.34 -3.35 -8.89
CA VAL A 26 8.83 -2.86 -7.61
C VAL A 26 9.93 -2.90 -6.55
N ASN A 27 9.83 -1.98 -5.58
CA ASN A 27 10.80 -1.90 -4.51
C ASN A 27 10.34 -0.92 -3.43
N VAL A 28 10.06 -1.44 -2.24
CA VAL A 28 9.61 -0.62 -1.13
C VAL A 28 10.77 -0.29 -0.19
N HIS A 29 11.67 0.57 -0.64
CA HIS A 29 12.83 0.97 0.15
C HIS A 29 12.56 2.28 0.88
N ASN A 30 11.61 3.07 0.36
CA ASN A 30 11.26 4.34 0.96
C ASN A 30 9.74 4.55 0.97
N PHE A 31 9.30 5.67 1.52
CA PHE A 31 7.89 5.98 1.59
C PHE A 31 7.58 7.30 0.88
N THR A 32 8.42 7.64 -0.09
CA THR A 32 8.23 8.87 -0.86
C THR A 32 8.31 8.61 -2.35
N THR A 33 9.49 8.22 -2.83
CA THR A 33 9.69 7.94 -4.24
C THR A 33 9.38 6.48 -4.56
N SER A 34 8.75 5.80 -3.61
CA SER A 34 8.39 4.39 -3.79
C SER A 34 6.94 4.24 -4.22
N TRP A 35 6.14 5.25 -3.91
CA TRP A 35 4.72 5.24 -4.25
C TRP A 35 4.39 6.38 -5.22
N ARG A 36 5.35 7.28 -5.41
CA ARG A 36 5.16 8.41 -6.30
C ARG A 36 4.66 7.95 -7.67
N ASP A 37 5.13 6.79 -8.11
CA ASP A 37 4.74 6.24 -9.40
C ASP A 37 3.37 5.57 -9.31
N GLY A 38 3.13 4.90 -8.18
CA GLY A 38 1.86 4.21 -7.99
C GLY A 38 2.00 2.71 -8.02
N LEU A 39 2.87 2.22 -8.90
CA LEU A 39 3.10 0.78 -9.03
C LEU A 39 3.00 0.09 -7.68
N ALA A 40 3.71 0.63 -6.68
CA ALA A 40 3.69 0.07 -5.34
C ALA A 40 2.27 -0.30 -4.92
N PHE A 41 1.37 0.66 -4.96
CA PHE A 41 -0.02 0.43 -4.58
C PHE A 41 -0.66 -0.63 -5.47
N ASN A 42 -0.39 -0.54 -6.77
CA ASN A 42 -0.95 -1.49 -7.73
C ASN A 42 -0.28 -2.85 -7.58
N ALA A 43 0.67 -2.95 -6.66
CA ALA A 43 1.39 -4.20 -6.42
C ALA A 43 0.80 -4.94 -5.22
N ILE A 44 0.15 -4.19 -4.33
CA ILE A 44 -0.44 -4.78 -3.14
C ILE A 44 -1.78 -5.44 -3.46
N VAL A 45 -2.68 -4.68 -4.07
CA VAL A 45 -4.00 -5.19 -4.44
C VAL A 45 -3.88 -6.27 -5.51
N HIS A 46 -2.77 -6.24 -6.25
CA HIS A 46 -2.54 -7.23 -7.31
C HIS A 46 -2.11 -8.57 -6.72
N LYS A 47 -1.34 -8.51 -5.64
CA LYS A 47 -0.85 -9.73 -4.99
C LYS A 47 -1.97 -10.41 -4.22
N HIS A 48 -2.89 -9.60 -3.66
CA HIS A 48 -4.00 -10.14 -2.90
C HIS A 48 -5.24 -10.30 -3.78
N ARG A 49 -5.55 -9.24 -4.54
CA ARG A 49 -6.71 -9.27 -5.43
C ARG A 49 -6.33 -8.81 -6.84
N PRO A 50 -5.67 -9.69 -7.59
CA PRO A 50 -5.23 -9.40 -8.96
C PRO A 50 -6.41 -9.28 -9.93
N ASP A 51 -7.61 -9.42 -9.41
CA ASP A 51 -8.82 -9.34 -10.23
C ASP A 51 -9.10 -7.90 -10.63
N LEU A 52 -8.90 -6.98 -9.69
CA LEU A 52 -9.13 -5.56 -9.95
C LEU A 52 -8.20 -5.05 -11.04
N LEU A 53 -6.90 -5.17 -10.82
CA LEU A 53 -5.91 -4.71 -11.79
C LEU A 53 -5.00 -5.87 -12.21
N ASP A 54 -4.14 -5.60 -13.19
CA ASP A 54 -3.21 -6.61 -13.68
C ASP A 54 -1.81 -6.02 -13.87
N PHE A 55 -1.04 -6.00 -12.78
CA PHE A 55 0.32 -5.46 -12.82
C PHE A 55 0.98 -5.77 -14.16
N GLU A 56 0.69 -6.94 -14.70
CA GLU A 56 1.26 -7.35 -15.98
C GLU A 56 0.89 -6.38 -17.09
N SER A 57 -0.40 -6.03 -17.15
CA SER A 57 -0.89 -5.11 -18.17
C SER A 57 -0.43 -3.69 -17.88
N LEU A 58 -0.32 -3.34 -16.60
CA LEU A 58 0.11 -2.02 -16.19
C LEU A 58 1.58 -1.80 -16.52
N LYS A 59 2.00 -0.54 -16.55
CA LYS A 59 3.38 -0.20 -16.84
C LYS A 59 3.98 0.68 -15.74
N LYS A 60 5.21 1.13 -15.94
CA LYS A 60 5.89 1.98 -14.97
C LYS A 60 5.96 3.42 -15.46
N CYS A 61 5.49 3.64 -16.69
CA CYS A 61 5.51 4.98 -17.28
C CYS A 61 4.32 5.80 -16.79
N ASN A 62 3.12 5.24 -16.94
CA ASN A 62 1.91 5.92 -16.52
C ASN A 62 1.73 5.83 -15.00
N ALA A 63 1.86 6.97 -14.33
CA ALA A 63 1.71 7.02 -12.88
C ALA A 63 0.34 7.56 -12.48
N HIS A 64 0.09 8.82 -12.84
CA HIS A 64 -1.19 9.46 -12.53
C HIS A 64 -2.33 8.46 -12.58
N TYR A 65 -2.46 7.77 -13.72
CA TYR A 65 -3.51 6.79 -13.90
C TYR A 65 -3.34 5.62 -12.93
N ASN A 66 -2.12 5.13 -12.81
CA ASN A 66 -1.82 4.01 -11.92
C ASN A 66 -2.23 4.34 -10.49
N LEU A 67 -2.11 5.62 -10.12
CA LEU A 67 -2.46 6.07 -8.78
C LEU A 67 -3.99 6.16 -8.62
N GLN A 68 -4.59 7.10 -9.33
CA GLN A 68 -6.04 7.28 -9.26
C GLN A 68 -6.77 5.94 -9.32
N ASN A 69 -6.36 5.09 -10.27
CA ASN A 69 -6.97 3.78 -10.42
C ASN A 69 -6.90 2.99 -9.12
N ALA A 70 -5.70 2.84 -8.59
CA ALA A 70 -5.50 2.11 -7.34
C ALA A 70 -6.35 2.70 -6.22
N PHE A 71 -6.22 4.00 -6.02
CA PHE A 71 -6.96 4.69 -4.97
C PHE A 71 -8.46 4.42 -5.10
N ASN A 72 -8.98 4.58 -6.31
CA ASN A 72 -10.40 4.35 -6.57
C ASN A 72 -10.77 2.88 -6.30
N LEU A 73 -10.17 1.99 -7.08
CA LEU A 73 -10.43 0.55 -6.93
C LEU A 73 -10.48 0.16 -5.45
N ALA A 74 -9.57 0.74 -4.66
CA ALA A 74 -9.52 0.44 -3.23
C ALA A 74 -10.60 1.19 -2.48
N GLU A 75 -10.98 2.37 -2.99
CA GLU A 75 -11.99 3.18 -2.35
C GLU A 75 -13.39 2.70 -2.73
N LYS A 76 -13.46 1.87 -3.77
CA LYS A 76 -14.72 1.33 -4.23
C LYS A 76 -14.87 -0.15 -3.87
N GLU A 77 -13.86 -0.94 -4.26
CA GLU A 77 -13.87 -2.37 -3.97
C GLU A 77 -13.75 -2.62 -2.47
N LEU A 78 -12.56 -2.34 -1.93
CA LEU A 78 -12.31 -2.54 -0.51
C LEU A 78 -13.19 -1.61 0.34
N GLY A 79 -13.27 -0.35 -0.08
CA GLY A 79 -14.07 0.62 0.65
C GLY A 79 -13.24 1.47 1.58
N LEU A 80 -12.03 1.81 1.16
CA LEU A 80 -11.14 2.63 1.95
C LEU A 80 -11.30 4.12 1.62
N THR A 81 -11.36 4.95 2.65
CA THR A 81 -11.52 6.39 2.47
C THR A 81 -10.25 7.01 1.91
N LYS A 82 -10.34 7.58 0.72
CA LYS A 82 -9.20 8.22 0.08
C LYS A 82 -8.67 9.37 0.94
N LEU A 83 -7.46 9.18 1.48
CA LEU A 83 -6.84 10.20 2.31
C LEU A 83 -5.89 11.07 1.50
N LEU A 84 -5.40 10.53 0.39
CA LEU A 84 -4.48 11.26 -0.48
C LEU A 84 -5.06 11.40 -1.88
N ASP A 85 -4.28 11.96 -2.79
CA ASP A 85 -4.71 12.15 -4.16
C ASP A 85 -3.62 11.76 -5.15
N PRO A 86 -4.02 11.33 -6.35
CA PRO A 86 -3.09 10.90 -7.40
C PRO A 86 -2.30 12.08 -7.98
N GLU A 87 -2.67 13.29 -7.58
CA GLU A 87 -2.00 14.49 -8.06
C GLU A 87 -1.22 15.16 -6.94
N ASP A 88 -1.34 14.62 -5.73
CA ASP A 88 -0.64 15.16 -4.57
C ASP A 88 0.54 14.27 -4.17
N VAL A 89 0.40 12.97 -4.43
CA VAL A 89 1.44 12.01 -4.11
C VAL A 89 2.49 11.94 -5.20
N ASN A 90 2.06 12.19 -6.44
CA ASN A 90 2.97 12.17 -7.59
C ASN A 90 3.83 13.42 -7.63
N VAL A 91 4.91 13.43 -6.85
CA VAL A 91 5.81 14.56 -6.80
C VAL A 91 7.24 14.12 -6.51
N ASP A 92 8.20 14.98 -6.83
CA ASP A 92 9.61 14.67 -6.61
C ASP A 92 9.84 14.15 -5.20
N GLN A 93 9.39 14.92 -4.21
CA GLN A 93 9.55 14.53 -2.81
C GLN A 93 8.24 14.75 -2.04
N PRO A 94 7.36 13.74 -2.08
CA PRO A 94 6.07 13.79 -1.38
C PRO A 94 6.22 13.74 0.13
N ASP A 95 5.10 13.57 0.84
CA ASP A 95 5.11 13.51 2.29
C ASP A 95 5.02 12.06 2.76
N GLU A 96 6.16 11.47 3.09
CA GLU A 96 6.20 10.08 3.55
C GLU A 96 5.17 9.85 4.66
N LYS A 97 4.99 10.87 5.50
CA LYS A 97 4.03 10.77 6.60
C LYS A 97 2.60 10.76 6.09
N SER A 98 2.37 11.44 4.98
CA SER A 98 1.03 11.51 4.39
C SER A 98 0.70 10.21 3.65
N ILE A 99 1.74 9.43 3.35
CA ILE A 99 1.57 8.17 2.65
C ILE A 99 1.57 7.00 3.62
N ILE A 100 2.63 6.87 4.40
CA ILE A 100 2.75 5.79 5.38
C ILE A 100 1.43 5.56 6.10
N THR A 101 0.73 6.65 6.40
CA THR A 101 -0.56 6.57 7.10
C THR A 101 -1.60 5.89 6.22
N TYR A 102 -1.69 6.32 4.97
CA TYR A 102 -2.64 5.75 4.03
C TYR A 102 -2.38 4.27 3.79
N VAL A 103 -1.17 3.96 3.32
CA VAL A 103 -0.78 2.59 3.05
C VAL A 103 -1.09 1.69 4.23
N ALA A 104 -0.96 2.24 5.44
CA ALA A 104 -1.23 1.47 6.66
C ALA A 104 -2.61 0.81 6.60
N THR A 105 -3.53 1.46 5.90
CA THR A 105 -4.89 0.94 5.78
C THR A 105 -4.90 -0.38 5.01
N TYR A 106 -4.07 -0.46 3.98
CA TYR A 106 -3.98 -1.67 3.15
C TYR A 106 -3.59 -2.87 4.01
N TYR A 107 -2.68 -2.65 4.95
CA TYR A 107 -2.22 -3.72 5.83
C TYR A 107 -3.30 -4.10 6.84
N HIS A 108 -3.73 -3.12 7.62
CA HIS A 108 -4.77 -3.35 8.63
C HIS A 108 -5.97 -4.06 8.03
N TYR A 109 -6.63 -3.41 7.08
CA TYR A 109 -7.80 -3.98 6.42
C TYR A 109 -7.60 -5.47 6.16
N PHE A 110 -6.66 -5.80 5.29
CA PHE A 110 -6.38 -7.19 4.95
C PHE A 110 -6.13 -8.01 6.21
N SER A 111 -5.44 -7.41 7.17
CA SER A 111 -5.12 -8.09 8.43
C SER A 111 -6.39 -8.52 9.14
N LYS A 112 -7.34 -7.59 9.27
CA LYS A 112 -8.59 -7.87 9.94
C LYS A 112 -9.22 -9.16 9.41
N MET A 113 -9.47 -9.19 8.10
CA MET A 113 -10.06 -10.36 7.47
C MET A 113 -9.25 -11.62 7.79
N LYS A 114 -9.82 -12.48 8.63
CA LYS A 114 -9.16 -13.72 9.02
C LYS A 114 -7.91 -13.43 9.86
N ALA A 115 -8.04 -12.48 10.78
CA ALA A 115 -6.92 -12.12 11.65
C ALA A 115 -6.59 -13.24 12.62
N LEU A 116 -5.51 -13.07 13.37
CA LEU A 116 -5.08 -14.07 14.34
C LEU A 116 -5.58 -13.72 15.73
N ALA A 117 -5.54 -14.70 16.64
CA ALA A 117 -5.98 -14.49 18.01
C ALA A 117 -4.95 -15.03 19.00
N VAL A 118 -4.21 -14.11 19.62
CA VAL A 118 -3.20 -14.50 20.59
C VAL A 118 -3.45 -13.86 21.96
N GLU A 119 -3.13 -14.58 23.02
CA GLU A 119 -3.34 -14.08 24.37
C GLU A 119 -2.00 -13.84 25.08
N GLY A 120 -1.08 -14.79 24.91
CA GLY A 120 0.22 -14.67 25.54
C GLY A 120 1.02 -13.51 24.99
N LYS A 121 0.77 -12.31 25.51
CA LYS A 121 1.47 -11.12 25.07
C LYS A 121 2.87 -11.06 25.67
N SER A 122 3.87 -10.86 24.80
CA SER A 122 5.26 -10.80 25.25
C SER A 122 5.97 -9.61 24.60
N GLY A 123 6.81 -8.94 25.39
CA GLY A 123 7.53 -7.79 24.88
C GLY A 123 8.98 -7.77 25.34
N PRO A 124 9.86 -8.43 24.57
CA PRO A 124 11.29 -8.51 24.89
C PRO A 124 12.00 -7.17 24.70
N SER A 125 13.27 -7.13 25.04
CA SER A 125 14.07 -5.92 24.91
C SER A 125 15.55 -6.23 24.77
N SER A 126 16.23 -5.47 23.92
CA SER A 126 17.66 -5.68 23.68
C SER A 126 18.48 -5.22 24.89
N GLY A 127 19.60 -5.89 25.12
CA GLY A 127 20.46 -5.54 26.24
C GLY A 127 21.59 -6.53 26.43
N GLY A 1 10.04 -5.50 16.21
CA GLY A 1 10.09 -6.86 16.71
C GLY A 1 8.76 -7.32 17.28
N SER A 2 8.30 -6.64 18.32
CA SER A 2 7.04 -7.00 18.96
C SER A 2 5.92 -7.12 17.93
N SER A 3 4.78 -7.62 18.37
CA SER A 3 3.63 -7.81 17.48
C SER A 3 2.68 -6.63 17.60
N GLY A 4 1.81 -6.47 16.59
CA GLY A 4 0.85 -5.38 16.59
C GLY A 4 1.49 -4.06 16.94
N SER A 5 2.14 -3.43 15.98
CA SER A 5 2.80 -2.15 16.19
C SER A 5 2.00 -1.02 15.56
N SER A 6 2.35 0.22 15.91
CA SER A 6 1.67 1.39 15.38
C SER A 6 2.44 2.66 15.70
N GLY A 7 2.91 3.34 14.66
CA GLY A 7 3.66 4.57 14.85
C GLY A 7 4.80 4.71 13.86
N ALA A 8 5.94 4.12 14.19
CA ALA A 8 7.12 4.18 13.33
C ALA A 8 6.78 3.75 11.91
N LYS A 9 7.79 3.63 11.06
CA LYS A 9 7.60 3.22 9.68
C LYS A 9 8.45 2.00 9.35
N ASP A 10 8.60 1.11 10.32
CA ASP A 10 9.39 -0.10 10.13
C ASP A 10 8.49 -1.31 9.90
N ALA A 11 7.66 -1.61 10.89
CA ALA A 11 6.73 -2.73 10.81
C ALA A 11 5.98 -2.72 9.49
N LEU A 12 5.50 -1.55 9.08
CA LEU A 12 4.76 -1.41 7.83
C LEU A 12 5.68 -1.59 6.64
N LEU A 13 6.75 -0.80 6.59
CA LEU A 13 7.70 -0.88 5.50
C LEU A 13 8.02 -2.33 5.15
N LEU A 14 8.35 -3.12 6.16
CA LEU A 14 8.68 -4.53 5.96
C LEU A 14 7.52 -5.25 5.28
N TRP A 15 6.31 -5.04 5.78
CA TRP A 15 5.12 -5.68 5.21
C TRP A 15 5.06 -5.48 3.70
N CYS A 16 5.00 -4.23 3.29
CA CYS A 16 4.94 -3.90 1.86
C CYS A 16 6.10 -4.53 1.11
N GLN A 17 7.29 -4.47 1.70
CA GLN A 17 8.48 -5.04 1.08
C GLN A 17 8.28 -6.52 0.77
N MET A 18 7.67 -7.25 1.71
CA MET A 18 7.42 -8.67 1.53
C MET A 18 6.45 -8.91 0.39
N LYS A 19 5.32 -8.21 0.41
CA LYS A 19 4.31 -8.34 -0.63
C LYS A 19 4.86 -7.94 -1.99
N THR A 20 5.28 -6.68 -2.11
CA THR A 20 5.83 -6.15 -3.34
C THR A 20 6.95 -7.05 -3.87
N ALA A 21 7.67 -7.68 -2.94
CA ALA A 21 8.78 -8.56 -3.31
C ALA A 21 8.44 -9.36 -4.56
N GLY A 22 7.26 -9.97 -4.56
CA GLY A 22 6.85 -10.77 -5.71
C GLY A 22 7.34 -10.19 -7.02
N TYR A 23 7.23 -8.87 -7.17
CA TYR A 23 7.67 -8.20 -8.38
C TYR A 23 9.07 -7.61 -8.22
N PRO A 24 9.92 -7.82 -9.23
CA PRO A 24 11.29 -7.31 -9.22
C PRO A 24 11.36 -5.79 -9.34
N ASN A 25 10.64 -5.25 -10.31
CA ASN A 25 10.62 -3.81 -10.52
C ASN A 25 10.13 -3.08 -9.28
N VAL A 26 9.04 -3.59 -8.69
CA VAL A 26 8.47 -2.98 -7.49
C VAL A 26 9.37 -3.22 -6.28
N ASN A 27 9.92 -2.14 -5.74
CA ASN A 27 10.79 -2.24 -4.57
C ASN A 27 10.46 -1.14 -3.55
N VAL A 28 9.91 -1.56 -2.42
CA VAL A 28 9.55 -0.62 -1.36
C VAL A 28 10.74 -0.31 -0.47
N HIS A 29 11.61 0.59 -0.94
CA HIS A 29 12.79 0.97 -0.18
C HIS A 29 12.50 2.18 0.71
N ASN A 30 11.69 3.10 0.20
CA ASN A 30 11.33 4.31 0.93
C ASN A 30 9.82 4.54 0.89
N PHE A 31 9.38 5.61 1.56
CA PHE A 31 7.96 5.95 1.59
C PHE A 31 7.70 7.25 0.85
N THR A 32 8.63 7.64 -0.01
CA THR A 32 8.50 8.86 -0.78
C THR A 32 8.65 8.59 -2.28
N THR A 33 9.81 8.07 -2.66
CA THR A 33 10.09 7.76 -4.06
C THR A 33 9.80 6.29 -4.37
N SER A 34 8.78 5.74 -3.73
CA SER A 34 8.41 4.35 -3.92
C SER A 34 6.95 4.23 -4.37
N TRP A 35 6.13 5.18 -3.93
CA TRP A 35 4.72 5.18 -4.28
C TRP A 35 4.39 6.32 -5.24
N ARG A 36 5.39 7.15 -5.52
CA ARG A 36 5.22 8.28 -6.42
C ARG A 36 4.61 7.83 -7.74
N ASP A 37 5.20 6.81 -8.34
CA ASP A 37 4.73 6.28 -9.61
C ASP A 37 3.32 5.69 -9.46
N GLY A 38 3.22 4.65 -8.64
CA GLY A 38 1.93 4.01 -8.41
C GLY A 38 2.05 2.50 -8.33
N LEU A 39 2.90 1.92 -9.17
CA LEU A 39 3.10 0.47 -9.18
C LEU A 39 2.96 -0.10 -7.78
N ALA A 40 3.64 0.51 -6.82
CA ALA A 40 3.58 0.05 -5.44
C ALA A 40 2.16 -0.27 -5.02
N PHE A 41 1.28 0.73 -5.11
CA PHE A 41 -0.12 0.56 -4.75
C PHE A 41 -0.78 -0.52 -5.60
N ASN A 42 -0.50 -0.48 -6.90
CA ASN A 42 -1.07 -1.46 -7.83
C ASN A 42 -0.42 -2.83 -7.65
N ALA A 43 0.48 -2.92 -6.68
CA ALA A 43 1.18 -4.18 -6.41
C ALA A 43 0.58 -4.88 -5.20
N ILE A 44 0.30 -4.10 -4.15
CA ILE A 44 -0.27 -4.65 -2.93
C ILE A 44 -1.62 -5.32 -3.20
N VAL A 45 -2.49 -4.60 -3.91
CA VAL A 45 -3.82 -5.12 -4.25
C VAL A 45 -3.72 -6.28 -5.23
N HIS A 46 -3.19 -6.01 -6.41
CA HIS A 46 -3.03 -7.03 -7.43
C HIS A 46 -2.70 -8.38 -6.81
N LYS A 47 -1.79 -8.37 -5.84
CA LYS A 47 -1.39 -9.59 -5.16
C LYS A 47 -2.59 -10.29 -4.53
N HIS A 48 -3.41 -9.52 -3.82
CA HIS A 48 -4.60 -10.07 -3.17
C HIS A 48 -5.69 -10.37 -4.19
N ARG A 49 -5.98 -9.39 -5.04
CA ARG A 49 -7.01 -9.54 -6.07
C ARG A 49 -6.46 -9.20 -7.45
N PRO A 50 -5.89 -10.23 -8.12
CA PRO A 50 -5.32 -10.06 -9.46
C PRO A 50 -6.38 -9.82 -10.52
N ASP A 51 -7.63 -9.66 -10.09
CA ASP A 51 -8.74 -9.42 -11.00
C ASP A 51 -9.07 -7.93 -11.08
N LEU A 52 -9.06 -7.27 -9.93
CA LEU A 52 -9.36 -5.84 -9.88
C LEU A 52 -8.65 -5.09 -11.01
N LEU A 53 -7.32 -5.04 -10.93
CA LEU A 53 -6.54 -4.36 -11.95
C LEU A 53 -5.54 -5.32 -12.60
N ASP A 54 -5.03 -4.94 -13.77
CA ASP A 54 -4.07 -5.76 -14.49
C ASP A 54 -2.68 -5.14 -14.44
N PHE A 55 -1.90 -5.52 -13.43
CA PHE A 55 -0.55 -5.00 -13.27
C PHE A 55 0.23 -5.06 -14.58
N GLU A 56 0.06 -6.16 -15.30
CA GLU A 56 0.74 -6.35 -16.59
C GLU A 56 0.41 -5.21 -17.54
N SER A 57 -0.85 -4.78 -17.55
CA SER A 57 -1.27 -3.69 -18.41
C SER A 57 -0.68 -2.36 -17.97
N LEU A 58 -0.73 -2.11 -16.67
CA LEU A 58 -0.20 -0.88 -16.10
C LEU A 58 1.19 -0.58 -16.65
N LYS A 59 1.41 0.67 -17.06
CA LYS A 59 2.69 1.09 -17.60
C LYS A 59 3.64 1.54 -16.49
N LYS A 60 4.87 1.87 -16.86
CA LYS A 60 5.87 2.31 -15.90
C LYS A 60 5.82 3.83 -15.73
N CYS A 61 6.01 4.56 -16.83
CA CYS A 61 5.98 6.02 -16.79
C CYS A 61 4.66 6.52 -16.20
N ASN A 62 3.56 5.90 -16.61
CA ASN A 62 2.24 6.30 -16.12
C ASN A 62 2.22 6.34 -14.60
N ALA A 63 1.74 7.46 -14.04
CA ALA A 63 1.66 7.62 -12.60
C ALA A 63 0.27 8.08 -12.18
N HIS A 64 -0.24 9.11 -12.86
CA HIS A 64 -1.55 9.65 -12.55
C HIS A 64 -2.62 8.55 -12.60
N TYR A 65 -2.83 8.00 -13.80
CA TYR A 65 -3.82 6.95 -13.98
C TYR A 65 -3.54 5.77 -13.06
N ASN A 66 -2.31 5.27 -13.10
CA ASN A 66 -1.91 4.15 -12.26
C ASN A 66 -2.21 4.42 -10.79
N LEU A 67 -1.98 5.65 -10.37
CA LEU A 67 -2.24 6.05 -9.00
C LEU A 67 -3.73 6.08 -8.69
N GLN A 68 -4.44 7.03 -9.29
CA GLN A 68 -5.88 7.16 -9.09
C GLN A 68 -6.56 5.81 -9.21
N ASN A 69 -6.04 4.97 -10.09
CA ASN A 69 -6.61 3.64 -10.32
C ASN A 69 -6.60 2.83 -9.03
N ALA A 70 -5.47 2.81 -8.36
CA ALA A 70 -5.32 2.06 -7.10
C ALA A 70 -6.14 2.72 -5.99
N PHE A 71 -6.10 4.04 -5.93
CA PHE A 71 -6.83 4.78 -4.91
C PHE A 71 -8.33 4.56 -5.05
N ASN A 72 -8.84 4.66 -6.27
CA ASN A 72 -10.26 4.47 -6.53
C ASN A 72 -10.64 2.99 -6.38
N LEU A 73 -9.80 2.12 -6.94
CA LEU A 73 -10.06 0.68 -6.86
C LEU A 73 -10.17 0.22 -5.41
N ALA A 74 -9.27 0.72 -4.57
CA ALA A 74 -9.27 0.35 -3.15
C ALA A 74 -10.40 1.05 -2.41
N GLU A 75 -10.66 2.30 -2.78
CA GLU A 75 -11.72 3.08 -2.14
C GLU A 75 -13.09 2.57 -2.56
N LYS A 76 -13.14 1.88 -3.68
CA LYS A 76 -14.40 1.33 -4.19
C LYS A 76 -14.54 -0.14 -3.80
N GLU A 77 -13.57 -0.95 -4.21
CA GLU A 77 -13.59 -2.38 -3.91
C GLU A 77 -13.52 -2.62 -2.41
N LEU A 78 -12.37 -2.30 -1.81
CA LEU A 78 -12.17 -2.48 -0.37
C LEU A 78 -13.12 -1.59 0.42
N GLY A 79 -13.13 -0.31 0.08
CA GLY A 79 -14.00 0.63 0.78
C GLY A 79 -13.23 1.56 1.69
N LEU A 80 -12.02 1.94 1.28
CA LEU A 80 -11.18 2.83 2.07
C LEU A 80 -11.34 4.28 1.63
N THR A 81 -11.55 5.17 2.59
CA THR A 81 -11.73 6.58 2.29
C THR A 81 -10.46 7.17 1.70
N LYS A 82 -10.56 7.65 0.46
CA LYS A 82 -9.42 8.24 -0.23
C LYS A 82 -8.81 9.37 0.60
N LEU A 83 -7.74 9.06 1.31
CA LEU A 83 -7.06 10.04 2.14
C LEU A 83 -6.13 10.92 1.31
N LEU A 84 -5.47 10.31 0.33
CA LEU A 84 -4.56 11.04 -0.54
C LEU A 84 -5.14 11.19 -1.94
N ASP A 85 -4.35 11.75 -2.85
CA ASP A 85 -4.79 11.94 -4.22
C ASP A 85 -3.68 11.59 -5.21
N PRO A 86 -4.07 11.22 -6.43
CA PRO A 86 -3.12 10.84 -7.49
C PRO A 86 -2.31 12.03 -7.99
N GLU A 87 -2.57 13.21 -7.42
CA GLU A 87 -1.87 14.42 -7.81
C GLU A 87 -1.05 14.98 -6.64
N ASP A 88 -1.60 14.86 -5.44
CA ASP A 88 -0.93 15.35 -4.24
C ASP A 88 0.27 14.47 -3.89
N VAL A 89 0.12 13.16 -4.08
CA VAL A 89 1.19 12.22 -3.79
C VAL A 89 2.27 12.27 -4.85
N ASN A 90 1.91 11.82 -6.06
CA ASN A 90 2.85 11.80 -7.18
C ASN A 90 3.68 13.08 -7.21
N VAL A 91 4.96 12.95 -6.90
CA VAL A 91 5.87 14.10 -6.89
C VAL A 91 7.30 13.66 -6.59
N ASP A 92 8.26 14.56 -6.85
CA ASP A 92 9.66 14.27 -6.61
C ASP A 92 9.88 13.76 -5.19
N GLN A 93 9.43 14.54 -4.21
CA GLN A 93 9.57 14.16 -2.81
C GLN A 93 8.28 14.42 -2.05
N PRO A 94 7.35 13.45 -2.11
CA PRO A 94 6.06 13.54 -1.43
C PRO A 94 6.18 13.44 0.09
N ASP A 95 5.07 13.54 0.78
CA ASP A 95 5.05 13.46 2.23
C ASP A 95 5.05 12.01 2.69
N GLU A 96 6.24 11.48 2.97
CA GLU A 96 6.36 10.09 3.42
C GLU A 96 5.33 9.77 4.49
N LYS A 97 5.10 10.73 5.39
CA LYS A 97 4.14 10.54 6.48
C LYS A 97 2.71 10.47 5.93
N SER A 98 2.37 11.42 5.07
CA SER A 98 1.03 11.45 4.48
C SER A 98 0.77 10.20 3.65
N ILE A 99 1.83 9.44 3.37
CA ILE A 99 1.72 8.23 2.60
C ILE A 99 1.65 6.99 3.50
N ILE A 100 2.49 6.98 4.52
CA ILE A 100 2.53 5.87 5.46
C ILE A 100 1.19 5.71 6.18
N THR A 101 0.47 6.81 6.30
CA THR A 101 -0.83 6.80 6.97
C THR A 101 -1.87 6.03 6.15
N TYR A 102 -1.87 6.26 4.85
CA TYR A 102 -2.81 5.60 3.95
C TYR A 102 -2.49 4.12 3.84
N VAL A 103 -1.33 3.81 3.26
CA VAL A 103 -0.91 2.42 3.09
C VAL A 103 -1.14 1.62 4.36
N ALA A 104 -1.11 2.30 5.50
CA ALA A 104 -1.33 1.65 6.79
C ALA A 104 -2.64 0.87 6.80
N THR A 105 -3.67 1.46 6.21
CA THR A 105 -4.98 0.83 6.16
C THR A 105 -4.92 -0.53 5.47
N TYR A 106 -4.17 -0.59 4.37
CA TYR A 106 -4.03 -1.83 3.62
C TYR A 106 -3.62 -2.98 4.54
N TYR A 107 -2.68 -2.71 5.43
CA TYR A 107 -2.21 -3.72 6.36
C TYR A 107 -3.30 -4.10 7.36
N HIS A 108 -3.71 -3.14 8.17
CA HIS A 108 -4.76 -3.37 9.17
C HIS A 108 -5.99 -4.01 8.53
N TYR A 109 -6.57 -3.32 7.56
CA TYR A 109 -7.75 -3.82 6.87
C TYR A 109 -7.62 -5.31 6.57
N PHE A 110 -6.71 -5.66 5.67
CA PHE A 110 -6.49 -7.05 5.29
C PHE A 110 -6.24 -7.90 6.54
N SER A 111 -5.44 -7.38 7.46
CA SER A 111 -5.13 -8.10 8.70
C SER A 111 -6.40 -8.56 9.40
N LYS A 112 -7.37 -7.65 9.51
CA LYS A 112 -8.63 -7.96 10.16
C LYS A 112 -9.21 -9.27 9.63
N MET A 113 -9.15 -9.44 8.31
CA MET A 113 -9.67 -10.65 7.67
C MET A 113 -8.97 -11.89 8.23
N LYS A 114 -9.60 -13.05 8.04
CA LYS A 114 -9.06 -14.31 8.52
C LYS A 114 -8.91 -14.30 10.04
N ALA A 115 -9.92 -13.75 10.71
CA ALA A 115 -9.90 -13.69 12.17
C ALA A 115 -11.20 -14.23 12.76
N LEU A 116 -11.26 -14.32 14.08
CA LEU A 116 -12.44 -14.82 14.77
C LEU A 116 -13.71 -14.19 14.21
N ALA A 117 -13.70 -12.87 14.12
CA ALA A 117 -14.86 -12.14 13.59
C ALA A 117 -15.28 -12.68 12.22
N VAL A 118 -16.58 -12.65 11.95
CA VAL A 118 -17.11 -13.13 10.69
C VAL A 118 -17.53 -11.97 9.78
N GLU A 119 -17.35 -12.14 8.49
CA GLU A 119 -17.72 -11.12 7.52
C GLU A 119 -18.55 -11.70 6.38
N GLY A 120 -19.07 -10.83 5.52
CA GLY A 120 -19.89 -11.29 4.42
C GLY A 120 -19.06 -12.02 3.36
N LYS A 121 -19.61 -12.14 2.16
CA LYS A 121 -18.93 -12.83 1.07
C LYS A 121 -19.12 -12.07 -0.24
N SER A 122 -18.21 -12.28 -1.18
CA SER A 122 -18.26 -11.63 -2.48
C SER A 122 -19.10 -12.45 -3.46
N GLY A 123 -19.27 -11.91 -4.67
CA GLY A 123 -20.05 -12.61 -5.68
C GLY A 123 -19.22 -12.98 -6.89
N PRO A 124 -18.44 -14.07 -6.77
CA PRO A 124 -17.58 -14.56 -7.85
C PRO A 124 -18.39 -15.14 -9.00
N SER A 125 -18.25 -14.55 -10.18
CA SER A 125 -18.96 -15.00 -11.36
C SER A 125 -17.99 -15.37 -12.48
N SER A 126 -16.90 -16.04 -12.11
CA SER A 126 -15.89 -16.43 -13.08
C SER A 126 -16.36 -17.65 -13.89
N GLY A 127 -16.15 -17.59 -15.19
CA GLY A 127 -16.56 -18.69 -16.06
C GLY A 127 -17.42 -18.24 -17.21
N GLY A 1 14.85 -5.74 25.08
CA GLY A 1 16.09 -5.10 24.72
C GLY A 1 16.27 -4.97 23.21
N SER A 2 16.14 -3.75 22.71
CA SER A 2 16.28 -3.49 21.28
C SER A 2 16.56 -2.01 21.01
N SER A 3 17.75 -1.72 20.50
CA SER A 3 18.14 -0.35 20.20
C SER A 3 17.46 0.15 18.93
N GLY A 4 16.71 1.24 19.06
CA GLY A 4 16.01 1.80 17.91
C GLY A 4 15.16 2.99 18.28
N SER A 5 13.89 2.95 17.88
CA SER A 5 12.97 4.04 18.17
C SER A 5 11.57 3.50 18.50
N SER A 6 10.87 4.20 19.38
CA SER A 6 9.52 3.79 19.78
C SER A 6 8.47 4.48 18.92
N GLY A 7 7.85 3.71 18.03
CA GLY A 7 6.83 4.27 17.16
C GLY A 7 7.38 4.69 15.81
N ALA A 8 8.14 3.80 15.19
CA ALA A 8 8.73 4.09 13.88
C ALA A 8 7.89 3.49 12.76
N LYS A 9 8.36 3.64 11.52
CA LYS A 9 7.66 3.12 10.37
C LYS A 9 8.44 1.99 9.70
N ASP A 10 8.98 1.09 10.53
CA ASP A 10 9.75 -0.04 10.04
C ASP A 10 8.85 -1.26 9.82
N ALA A 11 8.06 -1.59 10.84
CA ALA A 11 7.17 -2.73 10.76
C ALA A 11 6.38 -2.72 9.45
N LEU A 12 5.77 -1.59 9.13
CA LEU A 12 4.99 -1.47 7.91
C LEU A 12 5.86 -1.69 6.69
N LEU A 13 6.89 -0.86 6.53
CA LEU A 13 7.81 -0.98 5.40
C LEU A 13 8.10 -2.45 5.09
N LEU A 14 8.48 -3.20 6.11
CA LEU A 14 8.79 -4.62 5.94
C LEU A 14 7.60 -5.36 5.34
N TRP A 15 6.41 -5.05 5.83
CA TRP A 15 5.20 -5.70 5.33
C TRP A 15 5.11 -5.59 3.81
N CYS A 16 5.07 -4.36 3.31
CA CYS A 16 4.99 -4.11 1.87
C CYS A 16 6.16 -4.76 1.14
N GLN A 17 7.31 -4.79 1.81
CA GLN A 17 8.51 -5.37 1.21
C GLN A 17 8.36 -6.88 1.04
N MET A 18 7.64 -7.51 1.96
CA MET A 18 7.42 -8.95 1.89
C MET A 18 6.47 -9.30 0.76
N LYS A 19 5.45 -8.47 0.56
CA LYS A 19 4.47 -8.68 -0.49
C LYS A 19 5.02 -8.26 -1.85
N THR A 20 5.32 -6.97 -1.97
CA THR A 20 5.85 -6.43 -3.22
C THR A 20 7.08 -7.20 -3.67
N ALA A 21 7.72 -7.90 -2.74
CA ALA A 21 8.91 -8.68 -3.04
C ALA A 21 8.79 -9.37 -4.40
N GLY A 22 7.82 -10.27 -4.51
CA GLY A 22 7.61 -10.98 -5.77
C GLY A 22 7.88 -10.11 -6.98
N TYR A 23 7.30 -8.91 -6.98
CA TYR A 23 7.47 -7.98 -8.09
C TYR A 23 8.92 -7.51 -8.18
N PRO A 24 9.59 -7.89 -9.29
CA PRO A 24 10.98 -7.52 -9.53
C PRO A 24 11.15 -6.04 -9.83
N ASN A 25 10.17 -5.46 -10.51
CA ASN A 25 10.21 -4.05 -10.86
C ASN A 25 9.60 -3.20 -9.74
N VAL A 26 9.59 -3.75 -8.53
CA VAL A 26 9.04 -3.04 -7.39
C VAL A 26 9.93 -3.22 -6.16
N ASN A 27 10.48 -2.12 -5.65
CA ASN A 27 11.34 -2.15 -4.49
C ASN A 27 10.89 -1.13 -3.44
N VAL A 28 10.26 -1.63 -2.37
CA VAL A 28 9.78 -0.76 -1.31
C VAL A 28 10.89 -0.46 -0.30
N HIS A 29 11.75 0.48 -0.65
CA HIS A 29 12.86 0.86 0.23
C HIS A 29 12.52 2.12 1.02
N ASN A 30 11.74 3.01 0.39
CA ASN A 30 11.35 4.25 1.04
C ASN A 30 9.83 4.39 1.08
N PHE A 31 9.35 5.52 1.60
CA PHE A 31 7.91 5.76 1.71
C PHE A 31 7.54 7.06 0.99
N THR A 32 8.35 7.44 0.01
CA THR A 32 8.10 8.65 -0.75
C THR A 32 8.22 8.40 -2.25
N THR A 33 9.44 8.16 -2.71
CA THR A 33 9.70 7.89 -4.13
C THR A 33 9.29 6.48 -4.50
N SER A 34 8.74 5.74 -3.53
CA SER A 34 8.32 4.37 -3.77
C SER A 34 6.83 4.32 -4.12
N TRP A 35 6.12 5.39 -3.78
CA TRP A 35 4.68 5.46 -4.07
C TRP A 35 4.36 6.70 -4.90
N ARG A 36 5.37 7.23 -5.59
CA ARG A 36 5.20 8.42 -6.42
C ARG A 36 4.55 8.05 -7.75
N ASP A 37 5.00 6.96 -8.35
CA ASP A 37 4.47 6.51 -9.62
C ASP A 37 3.07 5.91 -9.44
N GLY A 38 2.98 4.85 -8.63
CA GLY A 38 1.72 4.20 -8.39
C GLY A 38 1.84 2.70 -8.30
N LEU A 39 2.70 2.12 -9.14
CA LEU A 39 2.91 0.68 -9.15
C LEU A 39 2.81 0.10 -7.76
N ALA A 40 3.67 0.55 -6.85
CA ALA A 40 3.67 0.07 -5.47
C ALA A 40 2.25 -0.21 -5.00
N PHE A 41 1.39 0.80 -5.06
CA PHE A 41 0.01 0.65 -4.64
C PHE A 41 -0.71 -0.39 -5.48
N ASN A 42 -0.49 -0.35 -6.78
CA ASN A 42 -1.12 -1.31 -7.70
C ASN A 42 -0.47 -2.69 -7.58
N ALA A 43 0.47 -2.81 -6.66
CA ALA A 43 1.15 -4.07 -6.44
C ALA A 43 0.57 -4.81 -5.23
N ILE A 44 0.19 -4.06 -4.21
CA ILE A 44 -0.39 -4.65 -3.00
C ILE A 44 -1.74 -5.29 -3.30
N VAL A 45 -2.61 -4.55 -3.95
CA VAL A 45 -3.95 -5.05 -4.30
C VAL A 45 -3.85 -6.24 -5.25
N HIS A 46 -3.30 -6.00 -6.43
CA HIS A 46 -3.15 -7.05 -7.44
C HIS A 46 -2.88 -8.39 -6.77
N LYS A 47 -1.79 -8.47 -6.00
CA LYS A 47 -1.43 -9.70 -5.31
C LYS A 47 -2.64 -10.31 -4.62
N HIS A 48 -3.36 -9.49 -3.87
CA HIS A 48 -4.55 -9.96 -3.15
C HIS A 48 -5.65 -10.38 -4.13
N ARG A 49 -6.00 -9.48 -5.04
CA ARG A 49 -7.03 -9.76 -6.03
C ARG A 49 -6.56 -9.36 -7.43
N PRO A 50 -5.97 -10.32 -8.15
CA PRO A 50 -5.47 -10.10 -9.50
C PRO A 50 -6.60 -9.91 -10.52
N ASP A 51 -7.84 -9.91 -10.02
CA ASP A 51 -9.00 -9.73 -10.88
C ASP A 51 -9.36 -8.26 -11.02
N LEU A 52 -9.24 -7.53 -9.92
CA LEU A 52 -9.56 -6.10 -9.91
C LEU A 52 -8.74 -5.36 -10.97
N LEU A 53 -7.42 -5.40 -10.82
CA LEU A 53 -6.54 -4.74 -11.77
C LEU A 53 -5.56 -5.72 -12.39
N ASP A 54 -4.84 -5.28 -13.41
CA ASP A 54 -3.86 -6.13 -14.08
C ASP A 54 -2.50 -5.44 -14.17
N PHE A 55 -1.63 -5.75 -13.22
CA PHE A 55 -0.30 -5.16 -13.18
C PHE A 55 0.33 -5.14 -14.57
N GLU A 56 0.19 -6.25 -15.30
CA GLU A 56 0.74 -6.36 -16.63
C GLU A 56 0.13 -5.31 -17.56
N SER A 57 -1.14 -4.99 -17.33
CA SER A 57 -1.84 -4.00 -18.15
C SER A 57 -1.34 -2.60 -17.83
N LEU A 58 -1.19 -2.29 -16.55
CA LEU A 58 -0.73 -0.98 -16.12
C LEU A 58 0.50 -0.55 -16.91
N LYS A 59 0.67 0.76 -17.07
CA LYS A 59 1.80 1.31 -17.80
C LYS A 59 2.60 2.27 -16.93
N LYS A 60 3.93 2.18 -17.01
CA LYS A 60 4.80 3.04 -16.24
C LYS A 60 4.78 4.47 -16.77
N CYS A 61 4.85 4.60 -18.09
CA CYS A 61 4.83 5.90 -18.73
C CYS A 61 3.87 6.85 -18.03
N ASN A 62 2.65 6.38 -17.81
CA ASN A 62 1.63 7.18 -17.13
C ASN A 62 1.50 6.78 -15.67
N ALA A 63 1.79 7.74 -14.78
CA ALA A 63 1.71 7.49 -13.34
C ALA A 63 0.32 7.84 -12.81
N HIS A 64 -0.06 9.10 -12.94
CA HIS A 64 -1.36 9.56 -12.46
C HIS A 64 -2.41 8.47 -12.64
N TYR A 65 -2.63 8.06 -13.88
CA TYR A 65 -3.61 7.03 -14.18
C TYR A 65 -3.43 5.82 -13.27
N ASN A 66 -2.18 5.38 -13.12
CA ASN A 66 -1.88 4.23 -12.27
C ASN A 66 -2.26 4.51 -10.82
N LEU A 67 -2.07 5.74 -10.39
CA LEU A 67 -2.40 6.14 -9.02
C LEU A 67 -3.91 6.11 -8.79
N GLN A 68 -4.62 7.03 -9.44
CA GLN A 68 -6.07 7.11 -9.31
C GLN A 68 -6.69 5.72 -9.43
N ASN A 69 -6.22 4.95 -10.41
CA ASN A 69 -6.75 3.60 -10.63
C ASN A 69 -6.74 2.79 -9.34
N ALA A 70 -5.67 2.92 -8.57
CA ALA A 70 -5.55 2.21 -7.31
C ALA A 70 -6.44 2.82 -6.24
N PHE A 71 -6.33 4.14 -6.06
CA PHE A 71 -7.12 4.85 -5.07
C PHE A 71 -8.61 4.58 -5.27
N ASN A 72 -9.01 4.48 -6.53
CA ASN A 72 -10.41 4.23 -6.85
C ASN A 72 -10.81 2.80 -6.51
N LEU A 73 -9.98 1.84 -6.92
CA LEU A 73 -10.24 0.43 -6.65
C LEU A 73 -10.34 0.18 -5.15
N ALA A 74 -9.37 0.70 -4.40
CA ALA A 74 -9.36 0.52 -2.96
C ALA A 74 -10.48 1.32 -2.29
N GLU A 75 -10.99 2.32 -3.00
CA GLU A 75 -12.06 3.16 -2.48
C GLU A 75 -13.42 2.60 -2.89
N LYS A 76 -13.44 1.79 -3.95
CA LYS A 76 -14.67 1.19 -4.44
C LYS A 76 -14.80 -0.25 -3.97
N GLU A 77 -13.86 -1.10 -4.40
CA GLU A 77 -13.87 -2.50 -4.01
C GLU A 77 -13.71 -2.66 -2.51
N LEU A 78 -12.53 -2.35 -2.01
CA LEU A 78 -12.25 -2.46 -0.58
C LEU A 78 -13.14 -1.52 0.22
N GLY A 79 -13.24 -0.28 -0.23
CA GLY A 79 -14.07 0.70 0.45
C GLY A 79 -13.29 1.51 1.47
N LEU A 80 -12.12 2.00 1.06
CA LEU A 80 -11.28 2.80 1.94
C LEU A 80 -11.36 4.29 1.59
N THR A 81 -11.46 5.12 2.61
CA THR A 81 -11.55 6.56 2.41
C THR A 81 -10.25 7.11 1.85
N LYS A 82 -10.31 7.68 0.64
CA LYS A 82 -9.13 8.25 0.00
C LYS A 82 -8.59 9.42 0.81
N LEU A 83 -7.49 9.19 1.50
CA LEU A 83 -6.86 10.23 2.32
C LEU A 83 -5.92 11.09 1.47
N LEU A 84 -5.40 10.51 0.40
CA LEU A 84 -4.49 11.22 -0.49
C LEU A 84 -5.09 11.35 -1.89
N ASP A 85 -4.31 11.90 -2.81
CA ASP A 85 -4.75 12.07 -4.18
C ASP A 85 -3.67 11.66 -5.17
N PRO A 86 -4.07 11.30 -6.39
CA PRO A 86 -3.14 10.88 -7.44
C PRO A 86 -2.31 12.03 -7.97
N GLU A 87 -2.53 13.22 -7.42
CA GLU A 87 -1.80 14.41 -7.84
C GLU A 87 -0.84 14.87 -6.75
N ASP A 88 -1.28 14.79 -5.51
CA ASP A 88 -0.45 15.19 -4.37
C ASP A 88 0.71 14.23 -4.18
N VAL A 89 0.42 12.94 -4.26
CA VAL A 89 1.46 11.91 -4.09
C VAL A 89 2.49 11.99 -5.20
N ASN A 90 2.02 11.96 -6.45
CA ASN A 90 2.91 12.03 -7.60
C ASN A 90 3.71 13.33 -7.59
N VAL A 91 4.85 13.31 -6.91
CA VAL A 91 5.71 14.48 -6.82
C VAL A 91 7.16 14.09 -6.55
N ASP A 92 8.09 14.91 -7.02
CA ASP A 92 9.51 14.65 -6.82
C ASP A 92 9.78 14.10 -5.42
N GLN A 93 9.32 14.83 -4.41
CA GLN A 93 9.51 14.41 -3.02
C GLN A 93 8.23 14.58 -2.22
N PRO A 94 7.42 13.50 -2.17
CA PRO A 94 6.15 13.52 -1.44
C PRO A 94 6.35 13.56 0.07
N ASP A 95 5.30 13.24 0.82
CA ASP A 95 5.35 13.25 2.27
C ASP A 95 5.18 11.84 2.83
N GLU A 96 6.30 11.19 3.14
CA GLU A 96 6.28 9.84 3.68
C GLU A 96 5.23 9.71 4.78
N LYS A 97 5.07 10.78 5.56
CA LYS A 97 4.10 10.79 6.65
C LYS A 97 2.68 10.82 6.11
N SER A 98 2.49 11.48 4.97
CA SER A 98 1.17 11.58 4.36
C SER A 98 0.80 10.27 3.66
N ILE A 99 1.79 9.43 3.42
CA ILE A 99 1.57 8.15 2.76
C ILE A 99 1.54 7.01 3.77
N ILE A 100 2.63 6.84 4.51
CA ILE A 100 2.72 5.79 5.51
C ILE A 100 1.38 5.60 6.22
N THR A 101 0.66 6.69 6.42
CA THR A 101 -0.63 6.63 7.09
C THR A 101 -1.67 5.92 6.23
N TYR A 102 -1.69 6.26 4.94
CA TYR A 102 -2.63 5.65 4.00
C TYR A 102 -2.35 4.17 3.84
N VAL A 103 -1.16 3.83 3.33
CA VAL A 103 -0.78 2.44 3.13
C VAL A 103 -1.05 1.61 4.37
N ALA A 104 -0.96 2.25 5.54
CA ALA A 104 -1.21 1.57 6.80
C ALA A 104 -2.53 0.81 6.78
N THR A 105 -3.52 1.39 6.12
CA THR A 105 -4.84 0.77 6.03
C THR A 105 -4.77 -0.55 5.26
N TYR A 106 -4.00 -0.56 4.18
CA TYR A 106 -3.86 -1.76 3.36
C TYR A 106 -3.39 -2.94 4.21
N TYR A 107 -2.60 -2.64 5.23
CA TYR A 107 -2.08 -3.69 6.12
C TYR A 107 -3.11 -4.06 7.17
N HIS A 108 -3.68 -3.06 7.82
CA HIS A 108 -4.69 -3.29 8.86
C HIS A 108 -5.91 -3.99 8.28
N TYR A 109 -6.52 -3.39 7.27
CA TYR A 109 -7.70 -3.97 6.63
C TYR A 109 -7.49 -5.44 6.34
N PHE A 110 -6.64 -5.74 5.36
CA PHE A 110 -6.36 -7.11 4.98
C PHE A 110 -6.02 -7.96 6.21
N SER A 111 -5.20 -7.40 7.09
CA SER A 111 -4.79 -8.11 8.30
C SER A 111 -6.01 -8.64 9.05
N LYS A 112 -6.97 -7.77 9.30
CA LYS A 112 -8.19 -8.15 10.01
C LYS A 112 -8.64 -9.55 9.60
N MET A 113 -8.79 -9.76 8.30
CA MET A 113 -9.21 -11.06 7.77
C MET A 113 -8.46 -12.19 8.48
N LYS A 114 -9.20 -13.00 9.24
CA LYS A 114 -8.61 -14.12 9.96
C LYS A 114 -7.35 -13.68 10.70
N ALA A 115 -7.42 -12.53 11.35
CA ALA A 115 -6.28 -12.01 12.10
C ALA A 115 -6.05 -12.81 13.38
N LEU A 116 -4.83 -12.76 13.89
CA LEU A 116 -4.48 -13.47 15.11
C LEU A 116 -3.90 -12.53 16.16
N ALA A 117 -4.69 -12.25 17.19
CA ALA A 117 -4.25 -11.36 18.26
C ALA A 117 -3.99 -12.14 19.55
N VAL A 118 -2.74 -12.16 19.98
CA VAL A 118 -2.34 -12.87 21.19
C VAL A 118 -1.31 -12.09 21.99
N GLU A 119 -1.55 -11.96 23.29
CA GLU A 119 -0.64 -11.23 24.15
C GLU A 119 0.04 -12.16 25.16
N GLY A 120 1.15 -11.71 25.73
CA GLY A 120 1.87 -12.52 26.69
C GLY A 120 2.27 -11.74 27.93
N LYS A 121 3.28 -12.24 28.63
CA LYS A 121 3.76 -11.57 29.85
C LYS A 121 4.83 -10.53 29.51
N SER A 122 4.41 -9.27 29.45
CA SER A 122 5.32 -8.18 29.13
C SER A 122 6.46 -8.11 30.14
N GLY A 123 7.49 -7.32 29.83
CA GLY A 123 8.63 -7.19 30.71
C GLY A 123 8.22 -7.02 32.16
N PRO A 124 8.75 -7.90 33.03
CA PRO A 124 8.44 -7.86 34.46
C PRO A 124 9.06 -6.65 35.15
N SER A 125 8.44 -6.21 36.24
CA SER A 125 8.93 -5.06 36.99
C SER A 125 10.35 -5.32 37.52
N SER A 126 11.16 -4.26 37.56
CA SER A 126 12.53 -4.37 38.04
C SER A 126 12.57 -4.40 39.56
N GLY A 127 11.80 -3.52 40.19
CA GLY A 127 11.77 -3.45 41.63
C GLY A 127 11.20 -4.71 42.25
N GLY A 1 17.45 1.75 15.65
CA GLY A 1 16.94 0.39 15.54
C GLY A 1 15.95 0.05 16.64
N SER A 2 16.43 -0.64 17.67
CA SER A 2 15.58 -1.04 18.78
C SER A 2 15.72 -0.05 19.95
N SER A 3 14.78 0.88 20.03
CA SER A 3 14.80 1.89 21.10
C SER A 3 13.86 1.49 22.23
N GLY A 4 12.65 1.04 21.86
CA GLY A 4 11.68 0.65 22.86
C GLY A 4 10.25 0.85 22.38
N SER A 5 9.75 2.07 22.49
CA SER A 5 8.39 2.39 22.08
C SER A 5 8.38 3.04 20.70
N SER A 6 9.20 2.50 19.80
CA SER A 6 9.29 3.03 18.44
C SER A 6 7.92 3.03 17.77
N GLY A 7 7.64 4.07 16.99
CA GLY A 7 6.37 4.17 16.30
C GLY A 7 6.14 3.02 15.34
N ALA A 8 5.04 3.09 14.60
CA ALA A 8 4.70 2.04 13.64
C ALA A 8 5.11 2.46 12.22
N LYS A 9 6.40 2.33 11.92
CA LYS A 9 6.91 2.69 10.60
C LYS A 9 7.74 1.55 10.02
N ASP A 10 8.65 1.02 10.83
CA ASP A 10 9.52 -0.07 10.39
C ASP A 10 8.69 -1.30 10.03
N ALA A 11 7.88 -1.76 10.98
CA ALA A 11 7.04 -2.93 10.76
C ALA A 11 6.26 -2.81 9.47
N LEU A 12 5.72 -1.63 9.21
CA LEU A 12 4.94 -1.38 8.00
C LEU A 12 5.82 -1.50 6.75
N LEU A 13 6.91 -0.74 6.73
CA LEU A 13 7.83 -0.76 5.60
C LEU A 13 8.11 -2.21 5.16
N LEU A 14 8.39 -3.07 6.13
CA LEU A 14 8.67 -4.47 5.84
C LEU A 14 7.47 -5.15 5.20
N TRP A 15 6.28 -4.88 5.72
CA TRP A 15 5.05 -5.47 5.20
C TRP A 15 4.95 -5.24 3.70
N CYS A 16 4.93 -3.98 3.27
CA CYS A 16 4.84 -3.64 1.87
C CYS A 16 5.86 -4.42 1.05
N GLN A 17 7.06 -4.56 1.59
CA GLN A 17 8.13 -5.28 0.92
C GLN A 17 7.73 -6.73 0.66
N MET A 18 7.07 -7.34 1.63
CA MET A 18 6.62 -8.72 1.51
C MET A 18 5.61 -8.87 0.37
N LYS A 19 4.68 -7.93 0.29
CA LYS A 19 3.66 -7.96 -0.76
C LYS A 19 4.25 -7.60 -2.11
N THR A 20 4.79 -6.39 -2.21
CA THR A 20 5.41 -5.93 -3.46
C THR A 20 6.43 -6.93 -3.97
N ALA A 21 7.01 -7.71 -3.06
CA ALA A 21 8.00 -8.70 -3.43
C ALA A 21 7.55 -9.53 -4.62
N GLY A 22 8.44 -9.73 -5.58
CA GLY A 22 8.12 -10.50 -6.76
C GLY A 22 8.20 -9.68 -8.03
N TYR A 23 7.72 -8.44 -7.97
CA TYR A 23 7.74 -7.55 -9.12
C TYR A 23 9.12 -6.93 -9.31
N PRO A 24 9.61 -6.96 -10.56
CA PRO A 24 10.93 -6.41 -10.91
C PRO A 24 10.95 -4.89 -10.82
N ASN A 25 9.96 -4.25 -11.43
CA ASN A 25 9.88 -2.80 -11.43
C ASN A 25 9.23 -2.29 -10.14
N VAL A 26 9.46 -3.01 -9.05
CA VAL A 26 8.91 -2.64 -7.76
C VAL A 26 9.94 -2.82 -6.64
N ASN A 27 9.86 -1.96 -5.63
CA ASN A 27 10.79 -2.02 -4.50
C ASN A 27 10.40 -1.02 -3.43
N VAL A 28 9.87 -1.53 -2.31
CA VAL A 28 9.45 -0.68 -1.21
C VAL A 28 10.62 -0.40 -0.26
N HIS A 29 11.55 0.43 -0.72
CA HIS A 29 12.72 0.78 0.09
C HIS A 29 12.52 2.13 0.77
N ASN A 30 11.66 2.95 0.21
CA ASN A 30 11.38 4.27 0.76
C ASN A 30 9.87 4.51 0.88
N PHE A 31 9.50 5.72 1.29
CA PHE A 31 8.10 6.07 1.45
C PHE A 31 7.78 7.37 0.72
N THR A 32 8.58 7.68 -0.30
CA THR A 32 8.39 8.89 -1.08
C THR A 32 8.44 8.61 -2.58
N THR A 33 9.65 8.38 -3.08
CA THR A 33 9.84 8.09 -4.50
C THR A 33 9.56 6.62 -4.80
N SER A 34 8.95 5.93 -3.85
CA SER A 34 8.63 4.51 -4.01
C SER A 34 7.19 4.33 -4.49
N TRP A 35 6.31 5.25 -4.06
CA TRP A 35 4.91 5.19 -4.45
C TRP A 35 4.58 6.26 -5.48
N ARG A 36 5.46 7.25 -5.59
CA ARG A 36 5.26 8.35 -6.54
C ARG A 36 4.73 7.81 -7.87
N ASP A 37 5.33 6.73 -8.35
CA ASP A 37 4.92 6.13 -9.62
C ASP A 37 3.48 5.61 -9.52
N GLY A 38 3.28 4.59 -8.69
CA GLY A 38 1.96 4.01 -8.54
C GLY A 38 1.99 2.50 -8.41
N LEU A 39 2.79 1.86 -9.27
CA LEU A 39 2.91 0.41 -9.25
C LEU A 39 2.79 -0.14 -7.83
N ALA A 40 3.71 0.28 -6.97
CA ALA A 40 3.71 -0.17 -5.58
C ALA A 40 2.29 -0.37 -5.07
N PHE A 41 1.49 0.71 -5.08
CA PHE A 41 0.12 0.65 -4.62
C PHE A 41 -0.67 -0.40 -5.40
N ASN A 42 -0.53 -0.38 -6.72
CA ASN A 42 -1.22 -1.33 -7.58
C ASN A 42 -0.60 -2.71 -7.49
N ALA A 43 0.39 -2.86 -6.60
CA ALA A 43 1.06 -4.13 -6.41
C ALA A 43 0.49 -4.88 -5.21
N ILE A 44 0.20 -4.15 -4.14
CA ILE A 44 -0.35 -4.74 -2.93
C ILE A 44 -1.70 -5.40 -3.21
N VAL A 45 -2.52 -4.72 -4.00
CA VAL A 45 -3.85 -5.23 -4.34
C VAL A 45 -3.75 -6.42 -5.28
N HIS A 46 -3.23 -6.20 -6.48
CA HIS A 46 -3.08 -7.26 -7.46
C HIS A 46 -2.71 -8.58 -6.79
N LYS A 47 -1.78 -8.51 -5.85
CA LYS A 47 -1.33 -9.70 -5.13
C LYS A 47 -2.50 -10.41 -4.47
N HIS A 48 -3.38 -9.64 -3.84
CA HIS A 48 -4.56 -10.19 -3.17
C HIS A 48 -5.63 -10.56 -4.18
N ARG A 49 -5.92 -9.63 -5.09
CA ARG A 49 -6.94 -9.84 -6.12
C ARG A 49 -6.41 -9.48 -7.50
N PRO A 50 -5.80 -10.47 -8.17
CA PRO A 50 -5.24 -10.27 -9.51
C PRO A 50 -6.32 -10.08 -10.57
N ASP A 51 -7.56 -10.01 -10.13
CA ASP A 51 -8.69 -9.82 -11.04
C ASP A 51 -9.07 -8.34 -11.14
N LEU A 52 -9.09 -7.68 -9.99
CA LEU A 52 -9.45 -6.27 -9.94
C LEU A 52 -8.78 -5.50 -11.07
N LEU A 53 -7.45 -5.41 -11.02
CA LEU A 53 -6.69 -4.70 -12.04
C LEU A 53 -5.73 -5.65 -12.75
N ASP A 54 -4.92 -5.10 -13.65
CA ASP A 54 -3.95 -5.89 -14.40
C ASP A 54 -2.59 -5.21 -14.43
N PHE A 55 -1.72 -5.57 -13.49
CA PHE A 55 -0.39 -5.00 -13.40
C PHE A 55 0.23 -4.87 -14.79
N GLU A 56 0.08 -5.91 -15.60
CA GLU A 56 0.62 -5.91 -16.95
C GLU A 56 -0.02 -4.83 -17.80
N SER A 57 -1.30 -4.56 -17.55
CA SER A 57 -2.03 -3.55 -18.29
C SER A 57 -1.55 -2.15 -17.94
N LEU A 58 -1.42 -1.89 -16.64
CA LEU A 58 -0.96 -0.58 -16.17
C LEU A 58 0.16 -0.05 -17.05
N LYS A 59 0.28 1.28 -17.11
CA LYS A 59 1.32 1.91 -17.91
C LYS A 59 2.48 2.38 -17.03
N LYS A 60 3.67 1.88 -17.32
CA LYS A 60 4.86 2.25 -16.56
C LYS A 60 5.43 3.58 -17.06
N CYS A 61 4.55 4.56 -17.25
CA CYS A 61 4.97 5.87 -17.72
C CYS A 61 4.31 6.98 -16.90
N ASN A 62 2.98 6.97 -16.86
CA ASN A 62 2.22 7.97 -16.12
C ASN A 62 2.02 7.53 -14.67
N ALA A 63 2.37 8.41 -13.74
CA ALA A 63 2.22 8.12 -12.31
C ALA A 63 0.82 8.46 -11.83
N HIS A 64 0.26 9.54 -12.36
CA HIS A 64 -1.08 9.98 -11.98
C HIS A 64 -2.11 8.89 -12.28
N TYR A 65 -2.05 8.34 -13.48
CA TYR A 65 -2.98 7.29 -13.89
C TYR A 65 -2.79 6.03 -13.04
N ASN A 66 -1.54 5.63 -12.84
CA ASN A 66 -1.23 4.45 -12.06
C ASN A 66 -1.73 4.61 -10.62
N LEU A 67 -1.66 5.83 -10.11
CA LEU A 67 -2.10 6.12 -8.75
C LEU A 67 -3.63 6.06 -8.65
N GLN A 68 -4.29 7.04 -9.27
CA GLN A 68 -5.74 7.11 -9.24
C GLN A 68 -6.35 5.72 -9.45
N ASN A 69 -5.72 4.92 -10.30
CA ASN A 69 -6.21 3.57 -10.58
C ASN A 69 -6.44 2.79 -9.29
N ALA A 70 -5.37 2.60 -8.52
CA ALA A 70 -5.46 1.88 -7.26
C ALA A 70 -6.31 2.65 -6.25
N PHE A 71 -6.11 3.95 -6.20
CA PHE A 71 -6.85 4.81 -5.27
C PHE A 71 -8.33 4.48 -5.31
N ASN A 72 -8.91 4.53 -6.51
CA ASN A 72 -10.33 4.25 -6.68
C ASN A 72 -10.64 2.79 -6.38
N LEU A 73 -10.03 1.89 -7.14
CA LEU A 73 -10.23 0.46 -6.96
C LEU A 73 -10.34 0.11 -5.47
N ALA A 74 -9.39 0.61 -4.68
CA ALA A 74 -9.37 0.36 -3.25
C ALA A 74 -10.55 1.03 -2.57
N GLU A 75 -10.92 2.21 -3.06
CA GLU A 75 -12.04 2.96 -2.49
C GLU A 75 -13.37 2.26 -2.79
N LYS A 76 -13.35 1.37 -3.77
CA LYS A 76 -14.55 0.65 -4.17
C LYS A 76 -14.51 -0.79 -3.64
N GLU A 77 -13.60 -1.59 -4.19
CA GLU A 77 -13.46 -2.98 -3.78
C GLU A 77 -13.25 -3.09 -2.27
N LEU A 78 -12.11 -2.62 -1.80
CA LEU A 78 -11.79 -2.66 -0.37
C LEU A 78 -12.76 -1.79 0.43
N GLY A 79 -13.03 -0.60 -0.09
CA GLY A 79 -13.94 0.31 0.59
C GLY A 79 -13.23 1.20 1.59
N LEU A 80 -12.07 1.72 1.20
CA LEU A 80 -11.29 2.60 2.08
C LEU A 80 -11.58 4.06 1.77
N THR A 81 -11.38 4.92 2.77
CA THR A 81 -11.62 6.35 2.60
C THR A 81 -10.38 7.04 2.02
N LYS A 82 -10.43 7.33 0.73
CA LYS A 82 -9.33 8.00 0.05
C LYS A 82 -8.77 9.14 0.89
N LEU A 83 -7.62 8.91 1.51
CA LEU A 83 -6.98 9.91 2.35
C LEU A 83 -6.13 10.86 1.51
N LEU A 84 -5.39 10.31 0.56
CA LEU A 84 -4.54 11.11 -0.31
C LEU A 84 -5.13 11.20 -1.72
N ASP A 85 -4.39 11.83 -2.62
CA ASP A 85 -4.84 11.98 -4.00
C ASP A 85 -3.74 11.59 -4.98
N PRO A 86 -4.14 11.17 -6.19
CA PRO A 86 -3.20 10.77 -7.24
C PRO A 86 -2.41 11.94 -7.80
N GLU A 87 -2.73 13.14 -7.32
CA GLU A 87 -2.04 14.35 -7.79
C GLU A 87 -1.18 14.94 -6.67
N ASP A 88 -1.65 14.82 -5.44
CA ASP A 88 -0.92 15.34 -4.29
C ASP A 88 0.31 14.48 -3.99
N VAL A 89 0.12 13.15 -4.03
CA VAL A 89 1.21 12.23 -3.77
C VAL A 89 2.29 12.32 -4.85
N ASN A 90 1.94 11.91 -6.06
CA ASN A 90 2.87 11.95 -7.18
C ASN A 90 3.66 13.25 -7.18
N VAL A 91 4.95 13.17 -6.89
CA VAL A 91 5.81 14.35 -6.87
C VAL A 91 7.26 13.96 -6.61
N ASP A 92 8.17 14.91 -6.78
CA ASP A 92 9.59 14.68 -6.57
C ASP A 92 9.85 14.17 -5.16
N GLN A 93 9.38 14.92 -4.17
CA GLN A 93 9.57 14.54 -2.77
C GLN A 93 8.27 14.71 -1.99
N PRO A 94 7.37 13.73 -2.10
CA PRO A 94 6.08 13.75 -1.41
C PRO A 94 6.23 13.56 0.10
N ASP A 95 5.16 13.84 0.83
CA ASP A 95 5.16 13.72 2.28
C ASP A 95 5.14 12.25 2.70
N GLU A 96 6.33 11.68 2.92
CA GLU A 96 6.44 10.28 3.32
C GLU A 96 5.45 9.95 4.42
N LYS A 97 5.36 10.82 5.41
CA LYS A 97 4.44 10.63 6.53
C LYS A 97 2.99 10.59 6.05
N SER A 98 2.68 11.45 5.09
CA SER A 98 1.32 11.52 4.55
C SER A 98 0.97 10.23 3.82
N ILE A 99 1.99 9.49 3.41
CA ILE A 99 1.78 8.24 2.70
C ILE A 99 1.78 7.05 3.67
N ILE A 100 2.76 7.02 4.56
CA ILE A 100 2.88 5.95 5.54
C ILE A 100 1.54 5.69 6.23
N THR A 101 0.78 6.74 6.45
CA THR A 101 -0.53 6.62 7.10
C THR A 101 -1.54 6.00 6.15
N TYR A 102 -1.50 6.39 4.89
CA TYR A 102 -2.42 5.87 3.88
C TYR A 102 -2.19 4.38 3.66
N VAL A 103 -0.95 4.02 3.34
CA VAL A 103 -0.59 2.63 3.09
C VAL A 103 -0.87 1.76 4.32
N ALA A 104 -0.70 2.36 5.50
CA ALA A 104 -0.93 1.65 6.76
C ALA A 104 -2.28 0.94 6.74
N THR A 105 -3.28 1.60 6.15
CA THR A 105 -4.62 1.03 6.08
C THR A 105 -4.62 -0.31 5.35
N TYR A 106 -3.88 -0.37 4.25
CA TYR A 106 -3.79 -1.59 3.46
C TYR A 106 -3.42 -2.79 4.33
N TYR A 107 -2.60 -2.53 5.35
CA TYR A 107 -2.18 -3.58 6.27
C TYR A 107 -3.28 -3.90 7.27
N HIS A 108 -3.76 -2.88 7.97
CA HIS A 108 -4.81 -3.05 8.97
C HIS A 108 -6.03 -3.72 8.35
N TYR A 109 -6.56 -3.12 7.29
CA TYR A 109 -7.73 -3.65 6.61
C TYR A 109 -7.59 -5.15 6.38
N PHE A 110 -6.65 -5.53 5.51
CA PHE A 110 -6.42 -6.93 5.20
C PHE A 110 -6.18 -7.73 6.47
N SER A 111 -5.36 -7.18 7.37
CA SER A 111 -5.04 -7.85 8.63
C SER A 111 -6.30 -8.39 9.28
N LYS A 112 -7.32 -7.54 9.43
CA LYS A 112 -8.58 -7.95 10.04
C LYS A 112 -9.02 -9.31 9.53
N MET A 113 -8.93 -9.51 8.23
CA MET A 113 -9.32 -10.78 7.61
C MET A 113 -8.68 -11.95 8.35
N LYS A 114 -8.99 -13.16 7.89
CA LYS A 114 -8.45 -14.37 8.51
C LYS A 114 -6.96 -14.23 8.74
N ALA A 115 -6.38 -15.21 9.44
CA ALA A 115 -4.95 -15.20 9.73
C ALA A 115 -4.57 -14.02 10.61
N LEU A 116 -5.32 -13.84 11.71
CA LEU A 116 -5.06 -12.76 12.64
C LEU A 116 -3.66 -12.86 13.23
N ALA A 117 -3.06 -11.71 13.51
CA ALA A 117 -1.72 -11.68 14.09
C ALA A 117 -1.77 -11.36 15.58
N VAL A 118 -2.87 -11.76 16.22
CA VAL A 118 -3.05 -11.51 17.65
C VAL A 118 -3.48 -12.78 18.38
N GLU A 119 -2.88 -13.03 19.54
CA GLU A 119 -3.21 -14.21 20.33
C GLU A 119 -4.33 -13.91 21.32
N GLY A 120 -5.03 -14.95 21.75
CA GLY A 120 -6.12 -14.77 22.70
C GLY A 120 -6.29 -15.97 23.62
N LYS A 121 -7.17 -15.84 24.61
CA LYS A 121 -7.43 -16.92 25.55
C LYS A 121 -8.91 -17.30 25.56
N SER A 122 -9.24 -18.34 26.32
CA SER A 122 -10.63 -18.79 26.41
C SER A 122 -11.35 -18.11 27.58
N GLY A 123 -12.62 -17.77 27.35
CA GLY A 123 -13.40 -17.12 28.39
C GLY A 123 -14.85 -17.53 28.36
N PRO A 124 -15.17 -18.67 29.00
CA PRO A 124 -16.53 -19.20 29.05
C PRO A 124 -17.44 -18.34 29.92
N SER A 125 -18.64 -18.07 29.42
CA SER A 125 -19.61 -17.26 30.16
C SER A 125 -20.84 -18.09 30.53
N SER A 126 -21.10 -18.18 31.84
CA SER A 126 -22.25 -18.94 32.33
C SER A 126 -23.41 -18.01 32.68
N GLY A 127 -24.60 -18.38 32.21
CA GLY A 127 -25.78 -17.58 32.48
C GLY A 127 -26.71 -18.22 33.48
N GLY A 1 19.14 -1.86 11.17
CA GLY A 1 18.89 -3.15 11.78
C GLY A 1 17.50 -3.67 11.48
N SER A 2 17.15 -4.80 12.09
CA SER A 2 15.83 -5.40 11.88
C SER A 2 15.50 -6.40 12.99
N SER A 3 14.60 -6.01 13.88
CA SER A 3 14.20 -6.86 14.99
C SER A 3 12.73 -6.65 15.34
N GLY A 4 12.07 -7.72 15.76
CA GLY A 4 10.67 -7.64 16.11
C GLY A 4 10.42 -6.72 17.29
N SER A 5 9.58 -5.71 17.09
CA SER A 5 9.27 -4.74 18.14
C SER A 5 7.83 -4.26 18.01
N SER A 6 7.42 -3.41 18.95
CA SER A 6 6.06 -2.88 18.95
C SER A 6 5.79 -2.05 17.69
N GLY A 7 4.57 -1.55 17.57
CA GLY A 7 4.21 -0.75 16.41
C GLY A 7 5.28 0.25 16.05
N ALA A 8 5.71 0.23 14.79
CA ALA A 8 6.74 1.15 14.31
C ALA A 8 6.65 1.35 12.81
N LYS A 9 7.53 2.18 12.27
CA LYS A 9 7.56 2.45 10.83
C LYS A 9 8.16 1.28 10.07
N ASP A 10 9.26 0.74 10.59
CA ASP A 10 9.92 -0.39 9.96
C ASP A 10 8.96 -1.54 9.72
N ALA A 11 8.23 -1.93 10.77
CA ALA A 11 7.26 -3.01 10.67
C ALA A 11 6.42 -2.88 9.41
N LEU A 12 6.01 -1.67 9.09
CA LEU A 12 5.20 -1.41 7.91
C LEU A 12 6.03 -1.52 6.64
N LEU A 13 7.04 -0.67 6.53
CA LEU A 13 7.92 -0.67 5.36
C LEU A 13 8.27 -2.10 4.94
N LEU A 14 8.55 -2.94 5.92
CA LEU A 14 8.88 -4.34 5.66
C LEU A 14 7.70 -5.08 5.05
N TRP A 15 6.52 -4.83 5.58
CA TRP A 15 5.30 -5.47 5.08
C TRP A 15 5.19 -5.34 3.57
N CYS A 16 5.10 -4.09 3.10
CA CYS A 16 5.00 -3.83 1.67
C CYS A 16 6.06 -4.61 0.89
N GLN A 17 7.28 -4.58 1.39
CA GLN A 17 8.39 -5.28 0.74
C GLN A 17 8.09 -6.76 0.62
N MET A 18 7.49 -7.33 1.66
CA MET A 18 7.15 -8.75 1.67
C MET A 18 6.16 -9.09 0.55
N LYS A 19 5.15 -8.23 0.39
CA LYS A 19 4.15 -8.43 -0.64
C LYS A 19 4.71 -8.14 -2.03
N THR A 20 5.16 -6.91 -2.23
CA THR A 20 5.73 -6.50 -3.51
C THR A 20 6.75 -7.52 -4.01
N ALA A 21 7.39 -8.21 -3.08
CA ALA A 21 8.38 -9.22 -3.43
C ALA A 21 7.98 -9.97 -4.69
N GLY A 22 8.90 -10.02 -5.66
CA GLY A 22 8.62 -10.71 -6.90
C GLY A 22 8.61 -9.77 -8.10
N TYR A 23 7.92 -8.65 -7.95
CA TYR A 23 7.84 -7.67 -9.03
C TYR A 23 9.17 -6.97 -9.23
N PRO A 24 9.69 -7.02 -10.47
CA PRO A 24 10.96 -6.40 -10.83
C PRO A 24 10.88 -4.87 -10.83
N ASN A 25 9.81 -4.34 -11.41
CA ASN A 25 9.61 -2.90 -11.48
C ASN A 25 8.97 -2.38 -10.19
N VAL A 26 9.25 -3.05 -9.09
CA VAL A 26 8.71 -2.65 -7.80
C VAL A 26 9.79 -2.71 -6.71
N ASN A 27 9.83 -1.66 -5.89
CA ASN A 27 10.81 -1.58 -4.81
C ASN A 27 10.37 -0.57 -3.75
N VAL A 28 10.14 -1.05 -2.54
CA VAL A 28 9.73 -0.19 -1.44
C VAL A 28 10.91 0.17 -0.53
N HIS A 29 11.87 0.88 -1.09
CA HIS A 29 13.06 1.28 -0.34
C HIS A 29 12.72 2.40 0.66
N ASN A 30 11.82 3.28 0.27
CA ASN A 30 11.41 4.39 1.11
C ASN A 30 9.91 4.66 0.96
N PHE A 31 9.40 5.57 1.80
CA PHE A 31 7.99 5.93 1.75
C PHE A 31 7.78 7.23 1.00
N THR A 32 8.67 7.51 0.05
CA THR A 32 8.59 8.73 -0.74
C THR A 32 8.70 8.42 -2.24
N THR A 33 9.91 8.07 -2.68
CA THR A 33 10.15 7.75 -4.07
C THR A 33 9.76 6.31 -4.38
N SER A 34 8.70 5.83 -3.75
CA SER A 34 8.23 4.47 -3.95
C SER A 34 6.75 4.45 -4.36
N TRP A 35 6.02 5.47 -3.92
CA TRP A 35 4.60 5.57 -4.25
C TRP A 35 4.33 6.80 -5.10
N ARG A 36 5.38 7.42 -5.60
CA ARG A 36 5.26 8.60 -6.44
C ARG A 36 4.63 8.26 -7.78
N ASP A 37 5.00 7.10 -8.32
CA ASP A 37 4.46 6.66 -9.60
C ASP A 37 3.07 6.06 -9.43
N GLY A 38 2.98 5.01 -8.60
CA GLY A 38 1.70 4.37 -8.37
C GLY A 38 1.83 2.85 -8.30
N LEU A 39 2.69 2.29 -9.15
CA LEU A 39 2.90 0.85 -9.19
C LEU A 39 2.79 0.25 -7.80
N ALA A 40 3.65 0.69 -6.89
CA ALA A 40 3.65 0.19 -5.53
C ALA A 40 2.23 -0.12 -5.06
N PHE A 41 1.38 0.90 -5.02
CA PHE A 41 0.00 0.73 -4.60
C PHE A 41 -0.71 -0.32 -5.43
N ASN A 42 -0.50 -0.25 -6.75
CA ASN A 42 -1.12 -1.20 -7.67
C ASN A 42 -0.49 -2.59 -7.52
N ALA A 43 0.48 -2.70 -6.62
CA ALA A 43 1.16 -3.97 -6.39
C ALA A 43 0.57 -4.69 -5.18
N ILE A 44 0.26 -3.94 -4.14
CA ILE A 44 -0.32 -4.51 -2.92
C ILE A 44 -1.62 -5.23 -3.22
N VAL A 45 -2.52 -4.56 -3.94
CA VAL A 45 -3.81 -5.14 -4.30
C VAL A 45 -3.63 -6.34 -5.22
N HIS A 46 -3.06 -6.11 -6.40
CA HIS A 46 -2.83 -7.17 -7.36
C HIS A 46 -2.49 -8.47 -6.67
N LYS A 47 -1.62 -8.40 -5.66
CA LYS A 47 -1.21 -9.58 -4.91
C LYS A 47 -2.41 -10.28 -4.28
N HIS A 48 -3.29 -9.49 -3.66
CA HIS A 48 -4.48 -10.03 -3.02
C HIS A 48 -5.52 -10.41 -4.06
N ARG A 49 -5.83 -9.48 -4.96
CA ARG A 49 -6.81 -9.72 -6.01
C ARG A 49 -6.25 -9.36 -7.38
N PRO A 50 -5.57 -10.33 -8.02
CA PRO A 50 -4.98 -10.14 -9.34
C PRO A 50 -6.02 -10.01 -10.44
N ASP A 51 -7.29 -9.98 -10.04
CA ASP A 51 -8.38 -9.85 -11.00
C ASP A 51 -8.73 -8.39 -11.23
N LEU A 52 -8.82 -7.62 -10.16
CA LEU A 52 -9.14 -6.21 -10.25
C LEU A 52 -8.36 -5.53 -11.36
N LEU A 53 -7.03 -5.47 -11.20
CA LEU A 53 -6.16 -4.86 -12.18
C LEU A 53 -5.14 -5.86 -12.70
N ASP A 54 -4.43 -5.49 -13.77
CA ASP A 54 -3.42 -6.35 -14.36
C ASP A 54 -2.07 -5.66 -14.38
N PHE A 55 -1.31 -5.80 -13.28
CA PHE A 55 0.00 -5.19 -13.18
C PHE A 55 0.77 -5.30 -14.49
N GLU A 56 0.72 -6.48 -15.10
CA GLU A 56 1.41 -6.72 -16.36
C GLU A 56 0.92 -5.75 -17.44
N SER A 57 -0.38 -5.46 -17.42
CA SER A 57 -0.98 -4.57 -18.40
C SER A 57 -0.52 -3.13 -18.16
N LEU A 58 -0.52 -2.71 -16.90
CA LEU A 58 -0.09 -1.36 -16.55
C LEU A 58 1.21 -0.99 -17.25
N LYS A 59 1.54 0.30 -17.23
CA LYS A 59 2.76 0.78 -17.87
C LYS A 59 3.48 1.78 -16.97
N LYS A 60 4.79 1.88 -17.16
CA LYS A 60 5.61 2.79 -16.37
C LYS A 60 5.69 4.17 -17.03
N CYS A 61 4.56 4.64 -17.55
CA CYS A 61 4.51 5.94 -18.22
C CYS A 61 3.43 6.81 -17.61
N ASN A 62 2.26 6.23 -17.36
CA ASN A 62 1.15 6.97 -16.77
C ASN A 62 1.08 6.73 -15.26
N ALA A 63 1.50 7.73 -14.49
CA ALA A 63 1.48 7.64 -13.04
C ALA A 63 0.11 8.03 -12.48
N HIS A 64 -0.51 9.03 -13.10
CA HIS A 64 -1.82 9.50 -12.66
C HIS A 64 -2.87 8.40 -12.81
N TYR A 65 -2.96 7.82 -14.00
CA TYR A 65 -3.91 6.76 -14.27
C TYR A 65 -3.68 5.57 -13.34
N ASN A 66 -2.41 5.23 -13.16
CA ASN A 66 -2.05 4.10 -12.31
C ASN A 66 -2.43 4.38 -10.85
N LEU A 67 -2.19 5.61 -10.41
CA LEU A 67 -2.51 6.00 -9.04
C LEU A 67 -4.02 5.96 -8.80
N GLN A 68 -4.74 6.90 -9.42
CA GLN A 68 -6.18 6.97 -9.26
C GLN A 68 -6.80 5.57 -9.27
N ASN A 69 -6.17 4.65 -9.98
CA ASN A 69 -6.65 3.28 -10.07
C ASN A 69 -6.72 2.65 -8.69
N ALA A 70 -5.58 2.55 -8.03
CA ALA A 70 -5.51 1.97 -6.69
C ALA A 70 -6.27 2.81 -5.68
N PHE A 71 -6.34 4.11 -5.94
CA PHE A 71 -7.05 5.04 -5.05
C PHE A 71 -8.56 4.79 -5.09
N ASN A 72 -9.11 4.70 -6.30
CA ASN A 72 -10.53 4.47 -6.48
C ASN A 72 -10.87 3.00 -6.27
N LEU A 73 -10.14 2.12 -6.96
CA LEU A 73 -10.37 0.69 -6.84
C LEU A 73 -10.54 0.27 -5.39
N ALA A 74 -9.65 0.75 -4.52
CA ALA A 74 -9.72 0.44 -3.11
C ALA A 74 -10.93 1.11 -2.45
N GLU A 75 -11.28 2.30 -2.94
CA GLU A 75 -12.41 3.04 -2.39
C GLU A 75 -13.72 2.46 -2.88
N LYS A 76 -13.65 1.57 -3.87
CA LYS A 76 -14.84 0.94 -4.43
C LYS A 76 -14.91 -0.53 -4.02
N GLU A 77 -13.95 -1.32 -4.49
CA GLU A 77 -13.91 -2.74 -4.18
C GLU A 77 -13.77 -2.96 -2.67
N LEU A 78 -12.60 -2.63 -2.13
CA LEU A 78 -12.33 -2.79 -0.72
C LEU A 78 -13.31 -1.97 0.12
N GLY A 79 -13.48 -0.70 -0.24
CA GLY A 79 -14.39 0.17 0.48
C GLY A 79 -13.67 1.06 1.47
N LEU A 80 -12.54 1.62 1.06
CA LEU A 80 -11.75 2.50 1.93
C LEU A 80 -11.87 3.95 1.48
N THR A 81 -11.24 4.85 2.23
CA THR A 81 -11.29 6.26 1.92
C THR A 81 -9.91 6.78 1.52
N LYS A 82 -9.74 7.07 0.23
CA LYS A 82 -8.47 7.57 -0.28
C LYS A 82 -8.09 8.89 0.38
N LEU A 83 -7.27 8.82 1.42
CA LEU A 83 -6.84 10.01 2.15
C LEU A 83 -6.00 10.90 1.26
N LEU A 84 -5.09 10.30 0.50
CA LEU A 84 -4.22 11.05 -0.41
C LEU A 84 -4.85 11.19 -1.79
N ASP A 85 -4.16 11.85 -2.69
CA ASP A 85 -4.65 12.05 -4.05
C ASP A 85 -3.62 11.59 -5.07
N PRO A 86 -4.09 11.20 -6.27
CA PRO A 86 -3.23 10.73 -7.35
C PRO A 86 -2.40 11.85 -7.95
N GLU A 87 -2.55 13.06 -7.41
CA GLU A 87 -1.81 14.22 -7.89
C GLU A 87 -0.78 14.67 -6.87
N ASP A 88 -1.22 14.91 -5.64
CA ASP A 88 -0.34 15.34 -4.56
C ASP A 88 0.80 14.35 -4.38
N VAL A 89 0.46 13.08 -4.26
CA VAL A 89 1.45 12.02 -4.07
C VAL A 89 2.53 12.09 -5.14
N ASN A 90 2.10 12.24 -6.39
CA ASN A 90 3.04 12.32 -7.51
C ASN A 90 3.89 13.58 -7.43
N VAL A 91 5.04 13.46 -6.76
CA VAL A 91 5.95 14.59 -6.60
C VAL A 91 7.37 14.11 -6.37
N ASP A 92 8.33 15.01 -6.57
CA ASP A 92 9.74 14.68 -6.38
C ASP A 92 9.96 14.03 -5.02
N GLN A 93 9.54 14.71 -3.96
CA GLN A 93 9.70 14.18 -2.61
C GLN A 93 8.40 14.32 -1.81
N PRO A 94 7.49 13.36 -1.98
CA PRO A 94 6.20 13.35 -1.28
C PRO A 94 6.36 13.10 0.21
N ASP A 95 5.53 13.78 1.01
CA ASP A 95 5.57 13.63 2.46
C ASP A 95 5.36 12.17 2.86
N GLU A 96 6.47 11.47 3.11
CA GLU A 96 6.41 10.07 3.50
C GLU A 96 5.44 9.87 4.67
N LYS A 97 5.32 10.89 5.50
CA LYS A 97 4.43 10.82 6.67
C LYS A 97 2.97 10.76 6.23
N SER A 98 2.63 11.53 5.20
CA SER A 98 1.28 11.56 4.68
C SER A 98 0.94 10.27 3.94
N ILE A 99 1.95 9.44 3.73
CA ILE A 99 1.78 8.17 3.03
C ILE A 99 1.74 7.01 4.01
N ILE A 100 2.73 6.95 4.88
CA ILE A 100 2.81 5.88 5.87
C ILE A 100 1.46 5.65 6.54
N THR A 101 0.78 6.74 6.88
CA THR A 101 -0.52 6.67 7.53
C THR A 101 -1.58 6.10 6.58
N TYR A 102 -1.52 6.55 5.33
CA TYR A 102 -2.48 6.10 4.32
C TYR A 102 -2.29 4.61 4.02
N VAL A 103 -1.09 4.25 3.60
CA VAL A 103 -0.78 2.86 3.29
C VAL A 103 -1.14 1.93 4.45
N ALA A 104 -1.02 2.45 5.67
CA ALA A 104 -1.33 1.68 6.86
C ALA A 104 -2.70 1.01 6.74
N THR A 105 -3.65 1.74 6.16
CA THR A 105 -5.01 1.22 5.98
C THR A 105 -4.99 -0.11 5.22
N TYR A 106 -4.17 -0.17 4.18
CA TYR A 106 -4.06 -1.38 3.36
C TYR A 106 -3.66 -2.58 4.22
N TYR A 107 -2.79 -2.33 5.19
CA TYR A 107 -2.32 -3.39 6.07
C TYR A 107 -3.37 -3.74 7.12
N HIS A 108 -3.85 -2.71 7.83
CA HIS A 108 -4.86 -2.91 8.86
C HIS A 108 -6.06 -3.67 8.31
N TYR A 109 -6.66 -3.12 7.25
CA TYR A 109 -7.82 -3.75 6.64
C TYR A 109 -7.60 -5.24 6.43
N PHE A 110 -6.71 -5.58 5.51
CA PHE A 110 -6.41 -6.98 5.23
C PHE A 110 -6.12 -7.75 6.51
N SER A 111 -5.36 -7.13 7.41
CA SER A 111 -5.01 -7.76 8.68
C SER A 111 -6.27 -8.21 9.43
N LYS A 112 -7.20 -7.28 9.65
CA LYS A 112 -8.44 -7.58 10.34
C LYS A 112 -9.10 -8.82 9.76
N MET A 113 -9.13 -8.90 8.43
CA MET A 113 -9.73 -10.05 7.76
C MET A 113 -8.72 -11.18 7.60
N LYS A 114 -9.17 -12.30 7.03
CA LYS A 114 -8.30 -13.45 6.82
C LYS A 114 -7.30 -13.59 7.95
N ALA A 115 -7.77 -13.39 9.18
CA ALA A 115 -6.90 -13.50 10.35
C ALA A 115 -6.03 -14.75 10.28
N LEU A 116 -4.78 -14.62 10.69
CA LEU A 116 -3.84 -15.73 10.68
C LEU A 116 -4.30 -16.83 11.62
N ALA A 117 -4.14 -18.09 11.19
CA ALA A 117 -4.53 -19.23 12.01
C ALA A 117 -3.81 -20.50 11.55
N VAL A 118 -3.41 -21.32 12.51
CA VAL A 118 -2.72 -22.57 12.21
C VAL A 118 -3.65 -23.56 11.53
N GLU A 119 -3.28 -23.98 10.32
CA GLU A 119 -4.08 -24.94 9.57
C GLU A 119 -3.25 -26.15 9.16
N GLY A 120 -3.90 -27.30 9.08
CA GLY A 120 -3.20 -28.52 8.70
C GLY A 120 -2.33 -28.32 7.47
N LYS A 121 -1.02 -28.40 7.66
CA LYS A 121 -0.08 -28.24 6.55
C LYS A 121 -0.51 -29.05 5.34
N SER A 122 -0.44 -28.43 4.17
CA SER A 122 -0.84 -29.09 2.93
C SER A 122 0.35 -29.79 2.29
N GLY A 123 0.12 -30.44 1.15
CA GLY A 123 1.19 -31.15 0.47
C GLY A 123 2.29 -30.22 0.00
N PRO A 124 3.54 -30.53 0.39
CA PRO A 124 4.70 -29.72 0.01
C PRO A 124 5.03 -29.84 -1.47
N SER A 125 4.25 -30.64 -2.19
CA SER A 125 4.46 -30.83 -3.61
C SER A 125 3.95 -29.63 -4.42
N SER A 126 2.74 -29.19 -4.10
CA SER A 126 2.14 -28.05 -4.79
C SER A 126 2.82 -26.75 -4.38
N GLY A 127 3.24 -25.97 -5.37
CA GLY A 127 3.90 -24.71 -5.09
C GLY A 127 4.52 -24.09 -6.34
#